data_1DJ7
# 
_entry.id   1DJ7 
# 
_audit_conform.dict_name       mmcif_pdbx.dic 
_audit_conform.dict_version    5.399 
_audit_conform.dict_location   http://mmcif.pdb.org/dictionaries/ascii/mmcif_pdbx.dic 
# 
loop_
_database_2.database_id 
_database_2.database_code 
_database_2.pdbx_database_accession 
_database_2.pdbx_DOI 
PDB   1DJ7         pdb_00001dj7 10.2210/pdb1dj7/pdb 
RCSB  RCSB010126   ?            ?                   
WWPDB D_1000010126 ?            ?                   
# 
loop_
_pdbx_audit_revision_history.ordinal 
_pdbx_audit_revision_history.data_content_type 
_pdbx_audit_revision_history.major_revision 
_pdbx_audit_revision_history.minor_revision 
_pdbx_audit_revision_history.revision_date 
1 'Structure model' 1 0 2000-02-14 
2 'Structure model' 1 1 2008-04-27 
3 'Structure model' 1 2 2011-07-13 
4 'Structure model' 1 3 2017-10-04 
5 'Structure model' 1 4 2017-10-11 
6 'Structure model' 1 5 2024-11-20 
# 
_pdbx_audit_revision_details.ordinal             1 
_pdbx_audit_revision_details.revision_ordinal    1 
_pdbx_audit_revision_details.data_content_type   'Structure model' 
_pdbx_audit_revision_details.provider            repository 
_pdbx_audit_revision_details.type                'Initial release' 
_pdbx_audit_revision_details.description         ? 
_pdbx_audit_revision_details.details             ? 
# 
loop_
_pdbx_audit_revision_group.ordinal 
_pdbx_audit_revision_group.revision_ordinal 
_pdbx_audit_revision_group.data_content_type 
_pdbx_audit_revision_group.group 
1 2 'Structure model' 'Version format compliance' 
2 3 'Structure model' 'Source and taxonomy'       
3 3 'Structure model' 'Version format compliance' 
4 4 'Structure model' 'Refinement description'    
5 5 'Structure model' 'Data collection'           
6 6 'Structure model' 'Data collection'           
7 6 'Structure model' 'Database references'       
8 6 'Structure model' 'Derived calculations'      
9 6 'Structure model' 'Structure summary'         
# 
loop_
_pdbx_audit_revision_category.ordinal 
_pdbx_audit_revision_category.revision_ordinal 
_pdbx_audit_revision_category.data_content_type 
_pdbx_audit_revision_category.category 
1  4 'Structure model' software                  
2  5 'Structure model' reflns_shell              
3  6 'Structure model' chem_comp_atom            
4  6 'Structure model' chem_comp_bond            
5  6 'Structure model' database_2                
6  6 'Structure model' diffrn_source             
7  6 'Structure model' pdbx_entry_details        
8  6 'Structure model' pdbx_modification_feature 
9  6 'Structure model' pdbx_struct_conn_angle    
10 6 'Structure model' struct_conn               
11 6 'Structure model' struct_site               
# 
loop_
_pdbx_audit_revision_item.ordinal 
_pdbx_audit_revision_item.revision_ordinal 
_pdbx_audit_revision_item.data_content_type 
_pdbx_audit_revision_item.item 
1  5 'Structure model' '_reflns_shell.number_unique_all'             
2  5 'Structure model' '_reflns_shell.percent_possible_all'          
3  6 'Structure model' '_database_2.pdbx_DOI'                        
4  6 'Structure model' '_database_2.pdbx_database_accession'         
5  6 'Structure model' '_diffrn_source.pdbx_synchrotron_site'        
6  6 'Structure model' '_pdbx_struct_conn_angle.ptnr1_auth_seq_id'   
7  6 'Structure model' '_pdbx_struct_conn_angle.ptnr1_label_atom_id' 
8  6 'Structure model' '_pdbx_struct_conn_angle.ptnr1_label_seq_id'  
9  6 'Structure model' '_pdbx_struct_conn_angle.ptnr2_label_atom_id' 
10 6 'Structure model' '_pdbx_struct_conn_angle.ptnr3_label_atom_id' 
11 6 'Structure model' '_pdbx_struct_conn_angle.value'               
12 6 'Structure model' '_struct_conn.pdbx_dist_value'                
13 6 'Structure model' '_struct_conn.ptnr1_auth_comp_id'             
14 6 'Structure model' '_struct_conn.ptnr1_auth_seq_id'              
15 6 'Structure model' '_struct_conn.ptnr1_label_asym_id'            
16 6 'Structure model' '_struct_conn.ptnr1_label_atom_id'            
17 6 'Structure model' '_struct_conn.ptnr1_label_comp_id'            
18 6 'Structure model' '_struct_conn.ptnr1_label_seq_id'             
19 6 'Structure model' '_struct_conn.ptnr2_auth_comp_id'             
20 6 'Structure model' '_struct_conn.ptnr2_auth_seq_id'              
21 6 'Structure model' '_struct_conn.ptnr2_label_asym_id'            
22 6 'Structure model' '_struct_conn.ptnr2_label_atom_id'            
23 6 'Structure model' '_struct_conn.ptnr2_label_comp_id'            
24 6 'Structure model' '_struct_conn.ptnr2_label_seq_id'             
25 6 'Structure model' '_struct_site.pdbx_auth_asym_id'              
26 6 'Structure model' '_struct_site.pdbx_auth_comp_id'              
27 6 'Structure model' '_struct_site.pdbx_auth_seq_id'               
# 
_pdbx_database_status.status_code                     REL 
_pdbx_database_status.entry_id                        1DJ7 
_pdbx_database_status.recvd_initial_deposition_date   1999-12-02 
_pdbx_database_status.deposit_site                    RCSB 
_pdbx_database_status.process_site                    RCSB 
_pdbx_database_status.status_code_sf                  REL 
_pdbx_database_status.SG_entry                        . 
_pdbx_database_status.pdb_format_compatible           Y 
_pdbx_database_status.status_code_mr                  ? 
_pdbx_database_status.status_code_cs                  ? 
_pdbx_database_status.methods_development_category    ? 
_pdbx_database_status.status_code_nmr_data            ? 
# 
loop_
_audit_author.name 
_audit_author.pdbx_ordinal 
'Dai, S.'           1 
'Schwendtmayer, C.' 2 
'Schurmann, P.'     3 
'Ramaswamy, S.'     4 
'Eklund, H.'        5 
# 
_citation.id                        primary 
_citation.title                     'Redox signaling in chloroplasts: cleavage of disulfides by an iron-sulfur cluster.' 
_citation.journal_abbrev            Science 
_citation.journal_volume            287 
_citation.page_first                655 
_citation.page_last                 658 
_citation.year                      2000 
_citation.journal_id_ASTM           SCIEAS 
_citation.country                   US 
_citation.journal_id_ISSN           0036-8075 
_citation.journal_id_CSD            0038 
_citation.book_publisher            ? 
_citation.pdbx_database_id_PubMed   10649999 
_citation.pdbx_database_id_DOI      10.1126/science.287.5453.655 
# 
loop_
_citation_author.citation_id 
_citation_author.name 
_citation_author.ordinal 
_citation_author.identifier_ORCID 
primary 'Dai, S.'           1 ? 
primary 'Schwendtmayer, C.' 2 ? 
primary 'Schurmann, P.'     3 ? 
primary 'Ramaswamy, S.'     4 ? 
primary 'Eklund, H.'        5 ? 
# 
loop_
_entity.id 
_entity.type 
_entity.src_method 
_entity.pdbx_description 
_entity.formula_weight 
_entity.pdbx_number_of_molecules 
_entity.pdbx_ec 
_entity.pdbx_mutation 
_entity.pdbx_fragment 
_entity.details 
1 polymer     man 'FERREDOXIN THIOREDOXIN REDUCTASE: CATALYTIC CHAIN' 13274.975 1   ? ? ? ? 
2 polymer     man 'FERREDOXIN THIOREDOXIN REDUCTASE: VARIABLE CHAIN'  8570.746  1   ? ? ? ? 
3 non-polymer syn 'IRON/SULFUR CLUSTER'                               351.640   1   ? ? ? ? 
4 non-polymer syn 'SULFATE ION'                                       96.063    1   ? ? ? ? 
5 water       nat water                                               18.015    147 ? ? ? ? 
# 
loop_
_entity_poly.entity_id 
_entity_poly.type 
_entity_poly.nstd_linkage 
_entity_poly.nstd_monomer 
_entity_poly.pdbx_seq_one_letter_code 
_entity_poly.pdbx_seq_one_letter_code_can 
_entity_poly.pdbx_strand_id 
_entity_poly.pdbx_target_identifier 
1 'polypeptide(L)' no no 
;TSSDTQNNKTLAAMKNFAEQYAKRTDTYFCSDLSVTAVVIEGLARHKEELGSPLCPCRHYEDKEAEVKNTFWNCPCVPMR
ERKECHCMLFLTPDNDFAGDAQDIPMETLEEVKASMA
;
;TSSDTQNNKTLAAMKNFAEQYAKRTDTYFCSDLSVTAVVIEGLARHKEELGSPLCPCRHYEDKEAEVKNTFWNCPCVPMR
ERKECHCMLFLTPDNDFAGDAQDIPMETLEEVKASMA
;
A ? 
2 'polypeptide(L)' no no MNVGDRVRVTSSVVVYHHPEHKKTAFDLQGMEGEVAAVLTEWQGRPISANLPVLVKFEQRFKAHFRPDEVTLIED 
MNVGDRVRVTSSVVVYHHPEHKKTAFDLQGMEGEVAAVLTEWQGRPISANLPVLVKFEQRFKAHFRPDEVTLIED                                              B ? 
# 
loop_
_pdbx_entity_nonpoly.entity_id 
_pdbx_entity_nonpoly.name 
_pdbx_entity_nonpoly.comp_id 
3 'IRON/SULFUR CLUSTER' SF4 
4 'SULFATE ION'         SO4 
5 water                 HOH 
# 
loop_
_entity_poly_seq.entity_id 
_entity_poly_seq.num 
_entity_poly_seq.mon_id 
_entity_poly_seq.hetero 
1 1   THR n 
1 2   SER n 
1 3   SER n 
1 4   ASP n 
1 5   THR n 
1 6   GLN n 
1 7   ASN n 
1 8   ASN n 
1 9   LYS n 
1 10  THR n 
1 11  LEU n 
1 12  ALA n 
1 13  ALA n 
1 14  MET n 
1 15  LYS n 
1 16  ASN n 
1 17  PHE n 
1 18  ALA n 
1 19  GLU n 
1 20  GLN n 
1 21  TYR n 
1 22  ALA n 
1 23  LYS n 
1 24  ARG n 
1 25  THR n 
1 26  ASP n 
1 27  THR n 
1 28  TYR n 
1 29  PHE n 
1 30  CYS n 
1 31  SER n 
1 32  ASP n 
1 33  LEU n 
1 34  SER n 
1 35  VAL n 
1 36  THR n 
1 37  ALA n 
1 38  VAL n 
1 39  VAL n 
1 40  ILE n 
1 41  GLU n 
1 42  GLY n 
1 43  LEU n 
1 44  ALA n 
1 45  ARG n 
1 46  HIS n 
1 47  LYS n 
1 48  GLU n 
1 49  GLU n 
1 50  LEU n 
1 51  GLY n 
1 52  SER n 
1 53  PRO n 
1 54  LEU n 
1 55  CYS n 
1 56  PRO n 
1 57  CYS n 
1 58  ARG n 
1 59  HIS n 
1 60  TYR n 
1 61  GLU n 
1 62  ASP n 
1 63  LYS n 
1 64  GLU n 
1 65  ALA n 
1 66  GLU n 
1 67  VAL n 
1 68  LYS n 
1 69  ASN n 
1 70  THR n 
1 71  PHE n 
1 72  TRP n 
1 73  ASN n 
1 74  CYS n 
1 75  PRO n 
1 76  CYS n 
1 77  VAL n 
1 78  PRO n 
1 79  MET n 
1 80  ARG n 
1 81  GLU n 
1 82  ARG n 
1 83  LYS n 
1 84  GLU n 
1 85  CYS n 
1 86  HIS n 
1 87  CYS n 
1 88  MET n 
1 89  LEU n 
1 90  PHE n 
1 91  LEU n 
1 92  THR n 
1 93  PRO n 
1 94  ASP n 
1 95  ASN n 
1 96  ASP n 
1 97  PHE n 
1 98  ALA n 
1 99  GLY n 
1 100 ASP n 
1 101 ALA n 
1 102 GLN n 
1 103 ASP n 
1 104 ILE n 
1 105 PRO n 
1 106 MET n 
1 107 GLU n 
1 108 THR n 
1 109 LEU n 
1 110 GLU n 
1 111 GLU n 
1 112 VAL n 
1 113 LYS n 
1 114 ALA n 
1 115 SER n 
1 116 MET n 
1 117 ALA n 
2 1   MET n 
2 2   ASN n 
2 3   VAL n 
2 4   GLY n 
2 5   ASP n 
2 6   ARG n 
2 7   VAL n 
2 8   ARG n 
2 9   VAL n 
2 10  THR n 
2 11  SER n 
2 12  SER n 
2 13  VAL n 
2 14  VAL n 
2 15  VAL n 
2 16  TYR n 
2 17  HIS n 
2 18  HIS n 
2 19  PRO n 
2 20  GLU n 
2 21  HIS n 
2 22  LYS n 
2 23  LYS n 
2 24  THR n 
2 25  ALA n 
2 26  PHE n 
2 27  ASP n 
2 28  LEU n 
2 29  GLN n 
2 30  GLY n 
2 31  MET n 
2 32  GLU n 
2 33  GLY n 
2 34  GLU n 
2 35  VAL n 
2 36  ALA n 
2 37  ALA n 
2 38  VAL n 
2 39  LEU n 
2 40  THR n 
2 41  GLU n 
2 42  TRP n 
2 43  GLN n 
2 44  GLY n 
2 45  ARG n 
2 46  PRO n 
2 47  ILE n 
2 48  SER n 
2 49  ALA n 
2 50  ASN n 
2 51  LEU n 
2 52  PRO n 
2 53  VAL n 
2 54  LEU n 
2 55  VAL n 
2 56  LYS n 
2 57  PHE n 
2 58  GLU n 
2 59  GLN n 
2 60  ARG n 
2 61  PHE n 
2 62  LYS n 
2 63  ALA n 
2 64  HIS n 
2 65  PHE n 
2 66  ARG n 
2 67  PRO n 
2 68  ASP n 
2 69  GLU n 
2 70  VAL n 
2 71  THR n 
2 72  LEU n 
2 73  ILE n 
2 74  GLU n 
2 75  ASP n 
# 
loop_
_entity_src_gen.entity_id 
_entity_src_gen.pdbx_src_id 
_entity_src_gen.pdbx_alt_source_flag 
_entity_src_gen.pdbx_seq_type 
_entity_src_gen.pdbx_beg_seq_num 
_entity_src_gen.pdbx_end_seq_num 
_entity_src_gen.gene_src_common_name 
_entity_src_gen.gene_src_genus 
_entity_src_gen.pdbx_gene_src_gene 
_entity_src_gen.gene_src_species 
_entity_src_gen.gene_src_strain 
_entity_src_gen.gene_src_tissue 
_entity_src_gen.gene_src_tissue_fraction 
_entity_src_gen.gene_src_details 
_entity_src_gen.pdbx_gene_src_fragment 
_entity_src_gen.pdbx_gene_src_scientific_name 
_entity_src_gen.pdbx_gene_src_ncbi_taxonomy_id 
_entity_src_gen.pdbx_gene_src_variant 
_entity_src_gen.pdbx_gene_src_cell_line 
_entity_src_gen.pdbx_gene_src_atcc 
_entity_src_gen.pdbx_gene_src_organ 
_entity_src_gen.pdbx_gene_src_organelle 
_entity_src_gen.pdbx_gene_src_cell 
_entity_src_gen.pdbx_gene_src_cellular_location 
_entity_src_gen.host_org_common_name 
_entity_src_gen.pdbx_host_org_scientific_name 
_entity_src_gen.pdbx_host_org_ncbi_taxonomy_id 
_entity_src_gen.host_org_genus 
_entity_src_gen.pdbx_host_org_gene 
_entity_src_gen.pdbx_host_org_organ 
_entity_src_gen.host_org_species 
_entity_src_gen.pdbx_host_org_tissue 
_entity_src_gen.pdbx_host_org_tissue_fraction 
_entity_src_gen.pdbx_host_org_strain 
_entity_src_gen.pdbx_host_org_variant 
_entity_src_gen.pdbx_host_org_cell_line 
_entity_src_gen.pdbx_host_org_atcc 
_entity_src_gen.pdbx_host_org_culture_collection 
_entity_src_gen.pdbx_host_org_cell 
_entity_src_gen.pdbx_host_org_organelle 
_entity_src_gen.pdbx_host_org_cellular_location 
_entity_src_gen.pdbx_host_org_vector_type 
_entity_src_gen.pdbx_host_org_vector 
_entity_src_gen.host_org_details 
_entity_src_gen.expression_system_id 
_entity_src_gen.plasmid_name 
_entity_src_gen.plasmid_details 
_entity_src_gen.pdbx_description 
1 1 sample ? ? ? ? Synechocystis ? ? 'PCC 6803' ? ? ? ? 'Synechocystis sp.' 1148 ? ? ? ? ? ? ? ? 'Escherichia coli' 562 
Escherichia ? ? ? ? ? ? ? ? ? ? ? ? ? PLASMID ? ? ? PET3 ? ? 
2 1 sample ? ? ? ? Synechocystis ? ? 'PCC 6803' ? ? ? ? 'Synechocystis sp.' 1148 ? ? ? ? ? ? ? ? 'Escherichia coli' 562 
Escherichia ? ? ? ? ? ? ? ? ? ? ? ? ? PLASMID ? ? ? PET3 ? ? 
# 
loop_
_chem_comp.id 
_chem_comp.type 
_chem_comp.mon_nstd_flag 
_chem_comp.name 
_chem_comp.pdbx_synonyms 
_chem_comp.formula 
_chem_comp.formula_weight 
ALA 'L-peptide linking' y ALANINE               ? 'C3 H7 N O2'     89.093  
ARG 'L-peptide linking' y ARGININE              ? 'C6 H15 N4 O2 1' 175.209 
ASN 'L-peptide linking' y ASPARAGINE            ? 'C4 H8 N2 O3'    132.118 
ASP 'L-peptide linking' y 'ASPARTIC ACID'       ? 'C4 H7 N O4'     133.103 
CYS 'L-peptide linking' y CYSTEINE              ? 'C3 H7 N O2 S'   121.158 
GLN 'L-peptide linking' y GLUTAMINE             ? 'C5 H10 N2 O3'   146.144 
GLU 'L-peptide linking' y 'GLUTAMIC ACID'       ? 'C5 H9 N O4'     147.129 
GLY 'peptide linking'   y GLYCINE               ? 'C2 H5 N O2'     75.067  
HIS 'L-peptide linking' y HISTIDINE             ? 'C6 H10 N3 O2 1' 156.162 
HOH non-polymer         . WATER                 ? 'H2 O'           18.015  
ILE 'L-peptide linking' y ISOLEUCINE            ? 'C6 H13 N O2'    131.173 
LEU 'L-peptide linking' y LEUCINE               ? 'C6 H13 N O2'    131.173 
LYS 'L-peptide linking' y LYSINE                ? 'C6 H15 N2 O2 1' 147.195 
MET 'L-peptide linking' y METHIONINE            ? 'C5 H11 N O2 S'  149.211 
PHE 'L-peptide linking' y PHENYLALANINE         ? 'C9 H11 N O2'    165.189 
PRO 'L-peptide linking' y PROLINE               ? 'C5 H9 N O2'     115.130 
SER 'L-peptide linking' y SERINE                ? 'C3 H7 N O3'     105.093 
SF4 non-polymer         . 'IRON/SULFUR CLUSTER' ? 'Fe4 S4'         351.640 
SO4 non-polymer         . 'SULFATE ION'         ? 'O4 S -2'        96.063  
THR 'L-peptide linking' y THREONINE             ? 'C4 H9 N O3'     119.119 
TRP 'L-peptide linking' y TRYPTOPHAN            ? 'C11 H12 N2 O2'  204.225 
TYR 'L-peptide linking' y TYROSINE              ? 'C9 H11 N O3'    181.189 
VAL 'L-peptide linking' y VALINE                ? 'C5 H11 N O2'    117.146 
# 
loop_
_pdbx_poly_seq_scheme.asym_id 
_pdbx_poly_seq_scheme.entity_id 
_pdbx_poly_seq_scheme.seq_id 
_pdbx_poly_seq_scheme.mon_id 
_pdbx_poly_seq_scheme.ndb_seq_num 
_pdbx_poly_seq_scheme.pdb_seq_num 
_pdbx_poly_seq_scheme.auth_seq_num 
_pdbx_poly_seq_scheme.pdb_mon_id 
_pdbx_poly_seq_scheme.auth_mon_id 
_pdbx_poly_seq_scheme.pdb_strand_id 
_pdbx_poly_seq_scheme.pdb_ins_code 
_pdbx_poly_seq_scheme.hetero 
A 1 1   THR 1   1   ?   ?   ?   A . n 
A 1 2   SER 2   2   ?   ?   ?   A . n 
A 1 3   SER 3   3   ?   ?   ?   A . n 
A 1 4   ASP 4   4   ?   ?   ?   A . n 
A 1 5   THR 5   5   ?   ?   ?   A . n 
A 1 6   GLN 6   6   ?   ?   ?   A . n 
A 1 7   ASN 7   7   7   ASN ASN A . n 
A 1 8   ASN 8   8   8   ASN ASN A . n 
A 1 9   LYS 9   9   9   LYS ALA A . n 
A 1 10  THR 10  10  10  THR THR A . n 
A 1 11  LEU 11  11  11  LEU LEU A . n 
A 1 12  ALA 12  12  12  ALA ALA A . n 
A 1 13  ALA 13  13  13  ALA ALA A . n 
A 1 14  MET 14  14  14  MET MET A . n 
A 1 15  LYS 15  15  15  LYS LYS A . n 
A 1 16  ASN 16  16  16  ASN ASN A . n 
A 1 17  PHE 17  17  17  PHE PHE A . n 
A 1 18  ALA 18  18  18  ALA ALA A . n 
A 1 19  GLU 19  19  19  GLU GLU A . n 
A 1 20  GLN 20  20  20  GLN GLN A . n 
A 1 21  TYR 21  21  21  TYR TYR A . n 
A 1 22  ALA 22  22  22  ALA ALA A . n 
A 1 23  LYS 23  23  23  LYS LYS A . n 
A 1 24  ARG 24  24  24  ARG ALA A . n 
A 1 25  THR 25  25  25  THR THR A . n 
A 1 26  ASP 26  26  26  ASP ASP A . n 
A 1 27  THR 27  27  27  THR THR A . n 
A 1 28  TYR 28  28  28  TYR TYR A . n 
A 1 29  PHE 29  29  29  PHE PHE A . n 
A 1 30  CYS 30  30  30  CYS CYS A . n 
A 1 31  SER 31  31  31  SER SER A . n 
A 1 32  ASP 32  32  32  ASP ASP A . n 
A 1 33  LEU 33  33  33  LEU LEU A . n 
A 1 34  SER 34  34  34  SER SER A . n 
A 1 35  VAL 35  35  35  VAL VAL A . n 
A 1 36  THR 36  36  36  THR THR A . n 
A 1 37  ALA 37  37  37  ALA ALA A . n 
A 1 38  VAL 38  38  38  VAL VAL A . n 
A 1 39  VAL 39  39  39  VAL VAL A . n 
A 1 40  ILE 40  40  40  ILE ILE A . n 
A 1 41  GLU 41  41  41  GLU ALA A . n 
A 1 42  GLY 42  42  42  GLY GLY A . n 
A 1 43  LEU 43  43  43  LEU LEU A . n 
A 1 44  ALA 44  44  44  ALA ALA A . n 
A 1 45  ARG 45  45  45  ARG ARG A . n 
A 1 46  HIS 46  46  46  HIS HIS A . n 
A 1 47  LYS 47  47  47  LYS LYS A . n 
A 1 48  GLU 48  48  48  GLU GLU A . n 
A 1 49  GLU 49  49  49  GLU GLU A . n 
A 1 50  LEU 50  50  50  LEU LEU A . n 
A 1 51  GLY 51  51  51  GLY GLY A . n 
A 1 52  SER 52  52  52  SER SER A . n 
A 1 53  PRO 53  53  53  PRO PRO A . n 
A 1 54  LEU 54  54  54  LEU LEU A . n 
A 1 55  CYS 55  55  55  CYS CYS A . n 
A 1 56  PRO 56  56  56  PRO PRO A . n 
A 1 57  CYS 57  57  57  CYS CYS A . n 
A 1 58  ARG 58  58  58  ARG ARG A . n 
A 1 59  HIS 59  59  59  HIS HIS A . n 
A 1 60  TYR 60  60  60  TYR TYR A . n 
A 1 61  GLU 61  61  61  GLU ALA A . n 
A 1 62  ASP 62  62  62  ASP ASP A . n 
A 1 63  LYS 63  63  63  LYS LYS A . n 
A 1 64  GLU 64  64  64  GLU ALA A . n 
A 1 65  ALA 65  65  65  ALA ALA A . n 
A 1 66  GLU 66  66  66  GLU GLU A . n 
A 1 67  VAL 67  67  67  VAL VAL A . n 
A 1 68  LYS 68  68  68  LYS ALA A . n 
A 1 69  ASN 69  69  69  ASN ASN A . n 
A 1 70  THR 70  70  70  THR THR A . n 
A 1 71  PHE 71  71  71  PHE PHE A . n 
A 1 72  TRP 72  72  72  TRP TRP A . n 
A 1 73  ASN 73  73  73  ASN ASN A . n 
A 1 74  CYS 74  74  74  CYS CYS A . n 
A 1 75  PRO 75  75  75  PRO PRO A . n 
A 1 76  CYS 76  76  76  CYS CYS A . n 
A 1 77  VAL 77  77  77  VAL VAL A . n 
A 1 78  PRO 78  78  78  PRO PRO A . n 
A 1 79  MET 79  79  79  MET MET A . n 
A 1 80  ARG 80  80  80  ARG ARG A . n 
A 1 81  GLU 81  81  81  GLU GLU A . n 
A 1 82  ARG 82  82  82  ARG ARG A . n 
A 1 83  LYS 83  83  83  LYS LYS A . n 
A 1 84  GLU 84  84  84  GLU GLU A . n 
A 1 85  CYS 85  85  85  CYS CYS A . n 
A 1 86  HIS 86  86  86  HIS HIS A . n 
A 1 87  CYS 87  87  87  CYS CYS A . n 
A 1 88  MET 88  88  88  MET MET A . n 
A 1 89  LEU 89  89  89  LEU LEU A . n 
A 1 90  PHE 90  90  90  PHE PHE A . n 
A 1 91  LEU 91  91  91  LEU LEU A . n 
A 1 92  THR 92  92  92  THR THR A . n 
A 1 93  PRO 93  93  93  PRO PRO A . n 
A 1 94  ASP 94  94  94  ASP ASP A . n 
A 1 95  ASN 95  95  95  ASN ASN A . n 
A 1 96  ASP 96  96  96  ASP ASP A . n 
A 1 97  PHE 97  97  97  PHE PHE A . n 
A 1 98  ALA 98  98  98  ALA ALA A . n 
A 1 99  GLY 99  99  99  GLY GLY A . n 
A 1 100 ASP 100 100 100 ASP ASP A . n 
A 1 101 ALA 101 101 101 ALA ALA A . n 
A 1 102 GLN 102 102 102 GLN GLN A . n 
A 1 103 ASP 103 103 103 ASP GLY A . n 
A 1 104 ILE 104 104 104 ILE ILE A . n 
A 1 105 PRO 105 105 105 PRO PRO A . n 
A 1 106 MET 106 106 106 MET MET A . n 
A 1 107 GLU 107 107 107 GLU GLU A . n 
A 1 108 THR 108 108 108 THR THR A . n 
A 1 109 LEU 109 109 109 LEU LEU A . n 
A 1 110 GLU 110 110 110 GLU GLU A . n 
A 1 111 GLU 111 111 111 GLU GLU A . n 
A 1 112 VAL 112 112 112 VAL VAL A . n 
A 1 113 LYS 113 113 113 LYS LYS A . n 
A 1 114 ALA 114 114 114 ALA ALA A . n 
A 1 115 SER 115 115 115 SER SER A . n 
A 1 116 MET 116 116 ?   ?   ?   A . n 
A 1 117 ALA 117 117 ?   ?   ?   A . n 
B 2 1   MET 1   1   1   MET MET B . n 
B 2 2   ASN 2   2   2   ASN ASN B . n 
B 2 3   VAL 3   3   3   VAL VAL B . n 
B 2 4   GLY 4   4   4   GLY GLY B . n 
B 2 5   ASP 5   5   5   ASP ASP B . n 
B 2 6   ARG 6   6   6   ARG ARG B . n 
B 2 7   VAL 7   7   7   VAL VAL B . n 
B 2 8   ARG 8   8   8   ARG ARG B . n 
B 2 9   VAL 9   9   9   VAL VAL B . n 
B 2 10  THR 10  10  10  THR THR B . n 
B 2 11  SER 11  11  11  SER SER B . n 
B 2 12  SER 12  12  12  SER SER B . n 
B 2 13  VAL 13  13  13  VAL VAL B . n 
B 2 14  VAL 14  14  14  VAL VAL B . n 
B 2 15  VAL 15  15  15  VAL VAL B . n 
B 2 16  TYR 16  16  16  TYR TYR B . n 
B 2 17  HIS 17  17  17  HIS HIS B . n 
B 2 18  HIS 18  18  18  HIS HIS B . n 
B 2 19  PRO 19  19  19  PRO PRO B . n 
B 2 20  GLU 20  20  20  GLU GLU B . n 
B 2 21  HIS 21  21  21  HIS HIS B . n 
B 2 22  LYS 22  22  22  LYS ALA B . n 
B 2 23  LYS 23  23  23  LYS LYS B . n 
B 2 24  THR 24  24  24  THR THR B . n 
B 2 25  ALA 25  25  25  ALA ALA B . n 
B 2 26  PHE 26  26  26  PHE PHE B . n 
B 2 27  ASP 27  27  27  ASP ASP B . n 
B 2 28  LEU 28  28  28  LEU LEU B . n 
B 2 29  GLN 29  29  29  GLN GLN B . n 
B 2 30  GLY 30  30  30  GLY GLY B . n 
B 2 31  MET 31  31  31  MET MET B . n 
B 2 32  GLU 32  32  32  GLU GLU B . n 
B 2 33  GLY 33  33  33  GLY GLY B . n 
B 2 34  GLU 34  34  34  GLU ALA B . n 
B 2 35  VAL 35  35  35  VAL VAL B . n 
B 2 36  ALA 36  36  36  ALA ALA B . n 
B 2 37  ALA 37  37  37  ALA ALA B . n 
B 2 38  VAL 38  38  38  VAL VAL B . n 
B 2 39  LEU 39  39  39  LEU LEU B . n 
B 2 40  THR 40  40  40  THR THR B . n 
B 2 41  GLU 41  41  41  GLU GLY B . n 
B 2 42  TRP 42  42  42  TRP TRP B . n 
B 2 43  GLN 43  43  43  GLN GLN B . n 
B 2 44  GLY 44  44  44  GLY GLY B . n 
B 2 45  ARG 45  45  45  ARG ARG B . n 
B 2 46  PRO 46  46  46  PRO PRO B . n 
B 2 47  ILE 47  47  47  ILE ILE B . n 
B 2 48  SER 48  48  48  SER SER B . n 
B 2 49  ALA 49  49  49  ALA ALA B . n 
B 2 50  ASN 50  50  50  ASN ASN B . n 
B 2 51  LEU 51  51  51  LEU LEU B . n 
B 2 52  PRO 52  52  52  PRO PRO B . n 
B 2 53  VAL 53  53  53  VAL VAL B . n 
B 2 54  LEU 54  54  54  LEU LEU B . n 
B 2 55  VAL 55  55  55  VAL VAL B . n 
B 2 56  LYS 56  56  56  LYS LYS B . n 
B 2 57  PHE 57  57  57  PHE PHE B . n 
B 2 58  GLU 58  58  58  GLU ALA B . n 
B 2 59  GLN 59  59  59  GLN GLN B . n 
B 2 60  ARG 60  60  60  ARG ALA B . n 
B 2 61  PHE 61  61  61  PHE PHE B . n 
B 2 62  LYS 62  62  62  LYS LYS B . n 
B 2 63  ALA 63  63  63  ALA ALA B . n 
B 2 64  HIS 64  64  64  HIS HIS B . n 
B 2 65  PHE 65  65  65  PHE PHE B . n 
B 2 66  ARG 66  66  66  ARG ARG B . n 
B 2 67  PRO 67  67  67  PRO PRO B . n 
B 2 68  ASP 68  68  68  ASP ASP B . n 
B 2 69  GLU 69  69  69  GLU GLU B . n 
B 2 70  VAL 70  70  70  VAL VAL B . n 
B 2 71  THR 71  71  71  THR THR B . n 
B 2 72  LEU 72  72  72  LEU LEU B . n 
B 2 73  ILE 73  73  73  ILE ILE B . n 
B 2 74  GLU 74  74  ?   ?   ?   B . n 
B 2 75  ASP 75  75  ?   ?   ?   B . n 
# 
loop_
_pdbx_nonpoly_scheme.asym_id 
_pdbx_nonpoly_scheme.entity_id 
_pdbx_nonpoly_scheme.mon_id 
_pdbx_nonpoly_scheme.ndb_seq_num 
_pdbx_nonpoly_scheme.pdb_seq_num 
_pdbx_nonpoly_scheme.auth_seq_num 
_pdbx_nonpoly_scheme.pdb_mon_id 
_pdbx_nonpoly_scheme.auth_mon_id 
_pdbx_nonpoly_scheme.pdb_strand_id 
_pdbx_nonpoly_scheme.pdb_ins_code 
C 3 SF4 1  120 1   SF4 FS4 A . 
D 4 SO4 1  201 1   SO4 SUL B . 
E 5 HOH 1  121 2   HOH WAT A . 
E 5 HOH 2  122 4   HOH WAT A . 
E 5 HOH 3  123 5   HOH WAT A . 
E 5 HOH 4  124 15  HOH WAT A . 
E 5 HOH 5  125 17  HOH WAT A . 
E 5 HOH 6  126 18  HOH WAT A . 
E 5 HOH 7  127 19  HOH WAT A . 
E 5 HOH 8  128 21  HOH WAT A . 
E 5 HOH 9  129 22  HOH WAT A . 
E 5 HOH 10 130 24  HOH WAT A . 
E 5 HOH 11 131 25  HOH WAT A . 
E 5 HOH 12 132 26  HOH WAT A . 
E 5 HOH 13 133 30  HOH WAT A . 
E 5 HOH 14 134 31  HOH WAT A . 
E 5 HOH 15 135 34  HOH WAT A . 
E 5 HOH 16 136 39  HOH WAT A . 
E 5 HOH 17 137 44  HOH WAT A . 
E 5 HOH 18 138 45  HOH WAT A . 
E 5 HOH 19 139 46  HOH WAT A . 
E 5 HOH 20 140 49  HOH WAT A . 
E 5 HOH 21 141 50  HOH WAT A . 
E 5 HOH 22 142 51  HOH WAT A . 
E 5 HOH 23 143 52  HOH WAT A . 
E 5 HOH 24 144 55  HOH WAT A . 
E 5 HOH 25 145 56  HOH WAT A . 
E 5 HOH 26 146 57  HOH WAT A . 
E 5 HOH 27 147 58  HOH WAT A . 
E 5 HOH 28 148 63  HOH WAT A . 
E 5 HOH 29 149 82  HOH WAT A . 
E 5 HOH 30 150 86  HOH WAT A . 
E 5 HOH 31 151 95  HOH WAT A . 
E 5 HOH 32 152 98  HOH WAT A . 
E 5 HOH 33 153 101 HOH WAT A . 
E 5 HOH 34 154 102 HOH WAT A . 
E 5 HOH 35 155 105 HOH WAT A . 
E 5 HOH 36 156 108 HOH WAT A . 
E 5 HOH 37 157 110 HOH WAT A . 
E 5 HOH 38 158 111 HOH WAT A . 
E 5 HOH 39 159 113 HOH WAT A . 
E 5 HOH 40 160 115 HOH WAT A . 
E 5 HOH 41 161 118 HOH WAT A . 
E 5 HOH 42 162 119 HOH WAT A . 
E 5 HOH 43 163 122 HOH WAT A . 
E 5 HOH 44 164 124 HOH WAT A . 
E 5 HOH 45 165 126 HOH WAT A . 
E 5 HOH 46 166 131 HOH WAT A . 
E 5 HOH 47 167 132 HOH WAT A . 
E 5 HOH 48 168 133 HOH WAT A . 
E 5 HOH 49 169 135 HOH WAT A . 
E 5 HOH 50 170 138 HOH WAT A . 
E 5 HOH 51 171 141 HOH WAT A . 
E 5 HOH 52 172 143 HOH WAT A . 
E 5 HOH 53 173 146 HOH WAT A . 
E 5 HOH 54 174 150 HOH WAT A . 
E 5 HOH 55 175 153 HOH WAT A . 
E 5 HOH 56 176 154 HOH WAT A . 
E 5 HOH 57 177 155 HOH WAT A . 
E 5 HOH 58 178 159 HOH WAT A . 
E 5 HOH 59 179 162 HOH WAT A . 
E 5 HOH 60 180 163 HOH WAT A . 
E 5 HOH 61 181 166 HOH WAT A . 
E 5 HOH 62 182 169 HOH WAT A . 
E 5 HOH 63 183 170 HOH WAT A . 
E 5 HOH 64 184 173 HOH WAT A . 
E 5 HOH 65 185 175 HOH WAT A . 
E 5 HOH 66 186 178 HOH WAT A . 
E 5 HOH 67 187 180 HOH WAT A . 
E 5 HOH 68 188 181 HOH WAT A . 
E 5 HOH 69 189 182 HOH WAT A . 
E 5 HOH 70 190 183 HOH WAT A . 
E 5 HOH 71 191 185 HOH WAT A . 
E 5 HOH 72 192 187 HOH WAT A . 
E 5 HOH 73 193 188 HOH WAT A . 
E 5 HOH 74 194 189 HOH WAT A . 
E 5 HOH 75 195 191 HOH WAT A . 
F 5 HOH 1  202 1   HOH WAT B . 
F 5 HOH 2  203 3   HOH WAT B . 
F 5 HOH 3  204 6   HOH WAT B . 
F 5 HOH 4  205 7   HOH WAT B . 
F 5 HOH 5  206 8   HOH WAT B . 
F 5 HOH 6  207 9   HOH WAT B . 
F 5 HOH 7  208 11  HOH WAT B . 
F 5 HOH 8  209 12  HOH WAT B . 
F 5 HOH 9  210 14  HOH WAT B . 
F 5 HOH 10 211 16  HOH WAT B . 
F 5 HOH 11 212 20  HOH WAT B . 
F 5 HOH 12 213 23  HOH WAT B . 
F 5 HOH 13 214 27  HOH WAT B . 
F 5 HOH 14 215 28  HOH WAT B . 
F 5 HOH 15 216 32  HOH WAT B . 
F 5 HOH 16 217 33  HOH WAT B . 
F 5 HOH 17 218 36  HOH WAT B . 
F 5 HOH 18 219 37  HOH WAT B . 
F 5 HOH 19 220 38  HOH WAT B . 
F 5 HOH 20 221 41  HOH WAT B . 
F 5 HOH 21 222 42  HOH WAT B . 
F 5 HOH 22 223 60  HOH WAT B . 
F 5 HOH 23 224 61  HOH WAT B . 
F 5 HOH 24 225 62  HOH WAT B . 
F 5 HOH 25 226 64  HOH WAT B . 
F 5 HOH 26 227 65  HOH WAT B . 
F 5 HOH 27 228 67  HOH WAT B . 
F 5 HOH 28 229 69  HOH WAT B . 
F 5 HOH 29 230 70  HOH WAT B . 
F 5 HOH 30 231 71  HOH WAT B . 
F 5 HOH 31 232 73  HOH WAT B . 
F 5 HOH 32 233 76  HOH WAT B . 
F 5 HOH 33 234 80  HOH WAT B . 
F 5 HOH 34 235 83  HOH WAT B . 
F 5 HOH 35 236 84  HOH WAT B . 
F 5 HOH 36 237 85  HOH WAT B . 
F 5 HOH 37 238 91  HOH WAT B . 
F 5 HOH 38 239 94  HOH WAT B . 
F 5 HOH 39 240 97  HOH WAT B . 
F 5 HOH 40 241 99  HOH WAT B . 
F 5 HOH 41 242 103 HOH WAT B . 
F 5 HOH 42 243 104 HOH WAT B . 
F 5 HOH 43 244 107 HOH WAT B . 
F 5 HOH 44 245 109 HOH WAT B . 
F 5 HOH 45 246 112 HOH WAT B . 
F 5 HOH 46 247 114 HOH WAT B . 
F 5 HOH 47 248 116 HOH WAT B . 
F 5 HOH 48 249 121 HOH WAT B . 
F 5 HOH 49 250 123 HOH WAT B . 
F 5 HOH 50 251 125 HOH WAT B . 
F 5 HOH 51 252 130 HOH WAT B . 
F 5 HOH 52 253 134 HOH WAT B . 
F 5 HOH 53 254 136 HOH WAT B . 
F 5 HOH 54 255 137 HOH WAT B . 
F 5 HOH 55 256 139 HOH WAT B . 
F 5 HOH 56 257 140 HOH WAT B . 
F 5 HOH 57 258 142 HOH WAT B . 
F 5 HOH 58 259 144 HOH WAT B . 
F 5 HOH 59 260 147 HOH WAT B . 
F 5 HOH 60 261 148 HOH WAT B . 
F 5 HOH 61 262 149 HOH WAT B . 
F 5 HOH 62 263 152 HOH WAT B . 
F 5 HOH 63 264 156 HOH WAT B . 
F 5 HOH 64 265 160 HOH WAT B . 
F 5 HOH 65 266 161 HOH WAT B . 
F 5 HOH 66 267 164 HOH WAT B . 
F 5 HOH 67 268 167 HOH WAT B . 
F 5 HOH 68 269 171 HOH WAT B . 
F 5 HOH 69 270 174 HOH WAT B . 
F 5 HOH 70 271 177 HOH WAT B . 
F 5 HOH 71 272 186 HOH WAT B . 
F 5 HOH 72 273 190 HOH WAT B . 
# 
loop_
_pdbx_unobs_or_zero_occ_atoms.id 
_pdbx_unobs_or_zero_occ_atoms.PDB_model_num 
_pdbx_unobs_or_zero_occ_atoms.polymer_flag 
_pdbx_unobs_or_zero_occ_atoms.occupancy_flag 
_pdbx_unobs_or_zero_occ_atoms.auth_asym_id 
_pdbx_unobs_or_zero_occ_atoms.auth_comp_id 
_pdbx_unobs_or_zero_occ_atoms.auth_seq_id 
_pdbx_unobs_or_zero_occ_atoms.PDB_ins_code 
_pdbx_unobs_or_zero_occ_atoms.auth_atom_id 
_pdbx_unobs_or_zero_occ_atoms.label_alt_id 
_pdbx_unobs_or_zero_occ_atoms.label_asym_id 
_pdbx_unobs_or_zero_occ_atoms.label_comp_id 
_pdbx_unobs_or_zero_occ_atoms.label_seq_id 
_pdbx_unobs_or_zero_occ_atoms.label_atom_id 
1  1 Y 1 A LYS 9   ? CG  ? A LYS 9   CG  
2  1 Y 1 A LYS 9   ? CD  ? A LYS 9   CD  
3  1 Y 1 A LYS 9   ? CE  ? A LYS 9   CE  
4  1 Y 1 A LYS 9   ? NZ  ? A LYS 9   NZ  
5  1 Y 1 A ARG 24  ? CG  ? A ARG 24  CG  
6  1 Y 1 A ARG 24  ? CD  ? A ARG 24  CD  
7  1 Y 1 A ARG 24  ? NE  ? A ARG 24  NE  
8  1 Y 1 A ARG 24  ? CZ  ? A ARG 24  CZ  
9  1 Y 1 A ARG 24  ? NH1 ? A ARG 24  NH1 
10 1 Y 1 A ARG 24  ? NH2 ? A ARG 24  NH2 
11 1 Y 1 A GLU 41  ? CG  ? A GLU 41  CG  
12 1 Y 1 A GLU 41  ? CD  ? A GLU 41  CD  
13 1 Y 1 A GLU 41  ? OE1 ? A GLU 41  OE1 
14 1 Y 1 A GLU 41  ? OE2 ? A GLU 41  OE2 
15 1 Y 1 A GLU 61  ? CG  ? A GLU 61  CG  
16 1 Y 1 A GLU 61  ? CD  ? A GLU 61  CD  
17 1 Y 1 A GLU 61  ? OE1 ? A GLU 61  OE1 
18 1 Y 1 A GLU 61  ? OE2 ? A GLU 61  OE2 
19 1 Y 1 A GLU 64  ? CG  ? A GLU 64  CG  
20 1 Y 1 A GLU 64  ? CD  ? A GLU 64  CD  
21 1 Y 1 A GLU 64  ? OE1 ? A GLU 64  OE1 
22 1 Y 1 A GLU 64  ? OE2 ? A GLU 64  OE2 
23 1 Y 1 A LYS 68  ? CG  ? A LYS 68  CG  
24 1 Y 1 A LYS 68  ? CD  ? A LYS 68  CD  
25 1 Y 1 A LYS 68  ? CE  ? A LYS 68  CE  
26 1 Y 1 A LYS 68  ? NZ  ? A LYS 68  NZ  
27 1 Y 1 A ASP 103 ? CB  ? A ASP 103 CB  
28 1 Y 1 A ASP 103 ? CG  ? A ASP 103 CG  
29 1 Y 1 A ASP 103 ? OD1 ? A ASP 103 OD1 
30 1 Y 1 A ASP 103 ? OD2 ? A ASP 103 OD2 
31 1 Y 1 A VAL 112 ? CG1 ? A VAL 112 CG1 
32 1 Y 1 A VAL 112 ? CG2 ? A VAL 112 CG2 
33 1 Y 1 B LYS 22  ? CG  ? B LYS 22  CG  
34 1 Y 1 B LYS 22  ? CD  ? B LYS 22  CD  
35 1 Y 1 B LYS 22  ? CE  ? B LYS 22  CE  
36 1 Y 1 B LYS 22  ? NZ  ? B LYS 22  NZ  
37 1 Y 1 B GLU 34  ? CG  ? B GLU 34  CG  
38 1 Y 1 B GLU 34  ? CD  ? B GLU 34  CD  
39 1 Y 1 B GLU 34  ? OE1 ? B GLU 34  OE1 
40 1 Y 1 B GLU 34  ? OE2 ? B GLU 34  OE2 
41 1 Y 1 B GLU 41  ? CB  ? B GLU 41  CB  
42 1 Y 1 B GLU 41  ? CG  ? B GLU 41  CG  
43 1 Y 1 B GLU 41  ? CD  ? B GLU 41  CD  
44 1 Y 1 B GLU 41  ? OE1 ? B GLU 41  OE1 
45 1 Y 1 B GLU 41  ? OE2 ? B GLU 41  OE2 
46 1 Y 1 B GLU 58  ? CG  ? B GLU 58  CG  
47 1 Y 1 B GLU 58  ? CD  ? B GLU 58  CD  
48 1 Y 1 B GLU 58  ? OE1 ? B GLU 58  OE1 
49 1 Y 1 B GLU 58  ? OE2 ? B GLU 58  OE2 
50 1 Y 1 B ARG 60  ? CG  ? B ARG 60  CG  
51 1 Y 1 B ARG 60  ? CD  ? B ARG 60  CD  
52 1 Y 1 B ARG 60  ? NE  ? B ARG 60  NE  
53 1 Y 1 B ARG 60  ? CZ  ? B ARG 60  CZ  
54 1 Y 1 B ARG 60  ? NH1 ? B ARG 60  NH1 
55 1 Y 1 B ARG 60  ? NH2 ? B ARG 60  NH2 
# 
loop_
_software.name 
_software.classification 
_software.version 
_software.citation_id 
_software.pdbx_ordinal 
XDS    'data scaling'   . ? 1 
XDS    'data reduction' . ? 2 
SHARP  phasing          . ? 3 
REFMAC refinement       . ? 4 
# 
_cell.entry_id           1DJ7 
_cell.length_a           45.296 
_cell.length_b           45.296 
_cell.length_c           172.147 
_cell.angle_alpha        90.00 
_cell.angle_beta         90.00 
_cell.angle_gamma        90.00 
_cell.Z_PDB              8 
_cell.pdbx_unique_axis   ? 
# 
_symmetry.entry_id                         1DJ7 
_symmetry.space_group_name_H-M             'P 43 21 2' 
_symmetry.pdbx_full_space_group_name_H-M   ? 
_symmetry.cell_setting                     ? 
_symmetry.Int_Tables_number                96 
# 
_exptl.entry_id          1DJ7 
_exptl.method            'X-RAY DIFFRACTION' 
_exptl.crystals_number   1 
# 
_exptl_crystal.id                    1 
_exptl_crystal.density_meas          ? 
_exptl_crystal.density_Matthews      2.02 
_exptl_crystal.density_percent_sol   39.11 
_exptl_crystal.description           ? 
# 
_exptl_crystal_grow.crystal_id      1 
_exptl_crystal_grow.method          'VAPOR DIFFUSION, HANGING DROP' 
_exptl_crystal_grow.temp            297 
_exptl_crystal_grow.temp_details    ? 
_exptl_crystal_grow.pH              5.1 
_exptl_crystal_grow.pdbx_details    
'AMSO4, SODIUM ACETATE, MGCL2, TRIETHANOLAMINE-CL BUFFER PH 7.3, pH 5.1, VAPOR DIFFUSION, HANGING DROP, temperature 297K' 
_exptl_crystal_grow.pdbx_pH_range   ? 
# 
_diffrn.id                     1 
_diffrn.ambient_temp           100 
_diffrn.ambient_temp_details   ? 
_diffrn.crystal_id             1 
# 
_diffrn_detector.diffrn_id              1 
_diffrn_detector.detector               'AREA DETECTOR' 
_diffrn_detector.type                   MARRESEARCH 
_diffrn_detector.pdbx_collection_date   1998-07-18 
_diffrn_detector.details                ? 
# 
_diffrn_radiation.diffrn_id                        1 
_diffrn_radiation.wavelength_id                    1 
_diffrn_radiation.pdbx_monochromatic_or_laue_m_l   M 
_diffrn_radiation.monochromator                    ? 
_diffrn_radiation.pdbx_diffrn_protocol             'SINGLE WAVELENGTH' 
_diffrn_radiation.pdbx_scattering_type             x-ray 
# 
_diffrn_radiation_wavelength.id           1 
_diffrn_radiation_wavelength.wavelength   0.8345 
_diffrn_radiation_wavelength.wt           1.0 
# 
_diffrn_source.diffrn_id                   1 
_diffrn_source.source                      SYNCHROTRON 
_diffrn_source.type                        'EMBL/DESY, HAMBURG BEAMLINE BW7B' 
_diffrn_source.pdbx_synchrotron_site       'EMBL/DESY, HAMBURG' 
_diffrn_source.pdbx_synchrotron_beamline   BW7B 
_diffrn_source.pdbx_wavelength             0.8345 
_diffrn_source.pdbx_wavelength_list        ? 
# 
_reflns.entry_id                     1DJ7 
_reflns.observed_criterion_sigma_I   0 
_reflns.observed_criterion_sigma_F   0 
_reflns.d_resolution_low             15.0 
_reflns.d_resolution_high            1.5 
_reflns.number_obs                   26709 
_reflns.number_all                   30061 
_reflns.percent_possible_obs         88.8 
_reflns.pdbx_Rmerge_I_obs            0.049 
_reflns.pdbx_Rsym_value              ? 
_reflns.pdbx_netI_over_sigmaI        10.93 
_reflns.B_iso_Wilson_estimate        17.6 
_reflns.pdbx_redundancy              3.0 
_reflns.R_free_details               ? 
_reflns.limit_h_max                  ? 
_reflns.limit_h_min                  ? 
_reflns.limit_k_max                  ? 
_reflns.limit_k_min                  ? 
_reflns.limit_l_max                  ? 
_reflns.limit_l_min                  ? 
_reflns.observed_criterion_F_max     ? 
_reflns.observed_criterion_F_min     ? 
_reflns.pdbx_ordinal                 1 
_reflns.pdbx_diffrn_id               1 
# 
_reflns_shell.d_res_high             1.5 
_reflns_shell.d_res_low              1.6 
_reflns_shell.percent_possible_all   ? 
_reflns_shell.Rmerge_I_obs           0.196 
_reflns_shell.pdbx_Rsym_value        ? 
_reflns_shell.meanI_over_sigI_obs    ? 
_reflns_shell.pdbx_redundancy        2.6 
_reflns_shell.percent_possible_obs   ? 
_reflns_shell.number_unique_all      5155 
_reflns_shell.pdbx_ordinal           1 
_reflns_shell.pdbx_diffrn_id         1 
# 
_refine.entry_id                                 1DJ7 
_refine.ls_number_reflns_obs                     21955 
_refine.ls_number_reflns_all                     23142 
_refine.pdbx_ls_sigma_I                          0 
_refine.pdbx_ls_sigma_F                          0 
_refine.pdbx_data_cutoff_high_absF               ? 
_refine.pdbx_data_cutoff_low_absF                ? 
_refine.pdbx_data_cutoff_high_rms_absF           ? 
_refine.ls_d_res_low                             10.0 
_refine.ls_d_res_high                            1.6 
_refine.ls_percent_reflns_obs                    93.9 
_refine.ls_R_factor_obs                          0.264 
_refine.ls_R_factor_all                          0.264 
_refine.ls_R_factor_R_work                       0.238 
_refine.ls_R_factor_R_free                       0.278 
_refine.ls_R_factor_R_free_error                 ? 
_refine.ls_R_factor_R_free_error_details         ? 
_refine.ls_percent_reflns_R_free                 ? 
_refine.ls_number_reflns_R_free                  1187 
_refine.ls_number_parameters                     ? 
_refine.ls_number_restraints                     ? 
_refine.occupancy_min                            ? 
_refine.occupancy_max                            ? 
_refine.B_iso_mean                               ? 
_refine.aniso_B[1][1]                            ? 
_refine.aniso_B[2][2]                            ? 
_refine.aniso_B[3][3]                            ? 
_refine.aniso_B[1][2]                            ? 
_refine.aniso_B[1][3]                            ? 
_refine.aniso_B[2][3]                            ? 
_refine.solvent_model_details                    ? 
_refine.solvent_model_param_ksol                 ? 
_refine.solvent_model_param_bsol                 ? 
_refine.pdbx_ls_cross_valid_method               ? 
_refine.details                                  'MAXIMUL LIKELYHOOD ON FS' 
_refine.pdbx_starting_model                      ? 
_refine.pdbx_method_to_determine_struct          ? 
_refine.pdbx_isotropic_thermal_model             ? 
_refine.pdbx_stereochemistry_target_values       'ENGH & HUBER' 
_refine.pdbx_stereochem_target_val_spec_case     ? 
_refine.pdbx_R_Free_selection_details            RANDOM 
_refine.pdbx_overall_ESU_R                       ? 
_refine.pdbx_overall_ESU_R_Free                  ? 
_refine.overall_SU_ML                            ? 
_refine.overall_SU_B                             ? 
_refine.ls_redundancy_reflns_obs                 ? 
_refine.B_iso_min                                ? 
_refine.B_iso_max                                ? 
_refine.pdbx_refine_id                           'X-RAY DIFFRACTION' 
_refine.pdbx_diffrn_id                           1 
_refine.pdbx_TLS_residual_ADP_flag               ? 
_refine.correlation_coeff_Fo_to_Fc               ? 
_refine.correlation_coeff_Fo_to_Fc_free          ? 
_refine.pdbx_solvent_vdw_probe_radii             ? 
_refine.pdbx_solvent_ion_probe_radii             ? 
_refine.pdbx_solvent_shrinkage_radii             ? 
_refine.pdbx_overall_phase_error                 ? 
_refine.overall_SU_R_Cruickshank_DPI             ? 
_refine.pdbx_overall_SU_R_free_Cruickshank_DPI   ? 
_refine.pdbx_overall_SU_R_Blow_DPI               ? 
_refine.pdbx_overall_SU_R_free_Blow_DPI          ? 
# 
_refine_hist.pdbx_refine_id                   'X-RAY DIFFRACTION' 
_refine_hist.cycle_id                         LAST 
_refine_hist.pdbx_number_atoms_protein        1396 
_refine_hist.pdbx_number_atoms_nucleic_acid   0 
_refine_hist.pdbx_number_atoms_ligand         13 
_refine_hist.number_atoms_solvent             147 
_refine_hist.number_atoms_total               1556 
_refine_hist.d_res_high                       1.6 
_refine_hist.d_res_low                        10.0 
# 
loop_
_refine_ls_restr.type 
_refine_ls_restr.dev_ideal 
_refine_ls_restr.dev_ideal_target 
_refine_ls_restr.weight 
_refine_ls_restr.number 
_refine_ls_restr.pdbx_refine_id 
_refine_ls_restr.pdbx_restraint_function 
p_bond_d            0.01 ? ? ? 'X-RAY DIFFRACTION' ? 
p_angle_d           1.8  ? ? ? 'X-RAY DIFFRACTION' ? 
p_angle_deg         ?    ? ? ? 'X-RAY DIFFRACTION' ? 
p_planar_d          ?    ? ? ? 'X-RAY DIFFRACTION' ? 
p_hb_or_metal_coord ?    ? ? ? 'X-RAY DIFFRACTION' ? 
p_mcbond_it         ?    ? ? ? 'X-RAY DIFFRACTION' ? 
p_mcangle_it        ?    ? ? ? 'X-RAY DIFFRACTION' ? 
p_scbond_it         ?    ? ? ? 'X-RAY DIFFRACTION' ? 
p_scangle_it        ?    ? ? ? 'X-RAY DIFFRACTION' ? 
p_plane_restr       ?    ? ? ? 'X-RAY DIFFRACTION' ? 
p_chiral_restr      ?    ? ? ? 'X-RAY DIFFRACTION' ? 
p_singtor_nbd       ?    ? ? ? 'X-RAY DIFFRACTION' ? 
p_multtor_nbd       ?    ? ? ? 'X-RAY DIFFRACTION' ? 
p_xhyhbond_nbd      ?    ? ? ? 'X-RAY DIFFRACTION' ? 
p_xyhbond_nbd       ?    ? ? ? 'X-RAY DIFFRACTION' ? 
p_planar_tor        ?    ? ? ? 'X-RAY DIFFRACTION' ? 
p_staggered_tor     ?    ? ? ? 'X-RAY DIFFRACTION' ? 
p_orthonormal_tor   ?    ? ? ? 'X-RAY DIFFRACTION' ? 
p_transverse_tor    ?    ? ? ? 'X-RAY DIFFRACTION' ? 
p_special_tor       ?    ? ? ? 'X-RAY DIFFRACTION' ? 
# 
_struct.entry_id                  1DJ7 
_struct.title                     'CRYSTAL STRUCTURE OF FERREDOXIN THIOREDOXIN REDUCTASE' 
_struct.pdbx_model_details        ? 
_struct.pdbx_CASP_flag            ? 
_struct.pdbx_model_type_details   ? 
# 
_struct_keywords.entry_id        1DJ7 
_struct_keywords.pdbx_keywords   'ELECTRON TRANSPORT' 
_struct_keywords.text            '4FE-4S CLUSTER BINDING FOLD WITH CXCX16CXCX8CXC BINDING MOTIF, ELECTRON TRANSPORT' 
# 
loop_
_struct_asym.id 
_struct_asym.pdbx_blank_PDB_chainid_flag 
_struct_asym.pdbx_modified 
_struct_asym.entity_id 
_struct_asym.details 
A N N 1 ? 
B N N 2 ? 
C N N 3 ? 
D N N 4 ? 
E N N 5 ? 
F N N 5 ? 
# 
loop_
_struct_ref.id 
_struct_ref.db_name 
_struct_ref.db_code 
_struct_ref.entity_id 
_struct_ref.pdbx_db_accession 
_struct_ref.pdbx_align_begin 
_struct_ref.pdbx_seq_one_letter_code 
_struct_ref.pdbx_db_isoform 
1 UNP Q55389_SYNY3 1 Q55389 ? ? ? 
2 UNP FTRV_SYNY3   2 Q55781 ? ? ? 
# 
loop_
_struct_ref_seq.align_id 
_struct_ref_seq.ref_id 
_struct_ref_seq.pdbx_PDB_id_code 
_struct_ref_seq.pdbx_strand_id 
_struct_ref_seq.seq_align_beg 
_struct_ref_seq.pdbx_seq_align_beg_ins_code 
_struct_ref_seq.seq_align_end 
_struct_ref_seq.pdbx_seq_align_end_ins_code 
_struct_ref_seq.pdbx_db_accession 
_struct_ref_seq.db_align_beg 
_struct_ref_seq.pdbx_db_align_beg_ins_code 
_struct_ref_seq.db_align_end 
_struct_ref_seq.pdbx_db_align_end_ins_code 
_struct_ref_seq.pdbx_auth_seq_align_beg 
_struct_ref_seq.pdbx_auth_seq_align_end 
1 1 1DJ7 A 1 ? 117 ? Q55389 2 ? 118 ? 1 117 
2 2 1DJ7 B 1 ? 75  ? Q55781 1 ? 75  ? 1 75  
# 
_pdbx_struct_assembly.id                   1 
_pdbx_struct_assembly.details              author_and_software_defined_assembly 
_pdbx_struct_assembly.method_details       PISA 
_pdbx_struct_assembly.oligomeric_details   dimeric 
_pdbx_struct_assembly.oligomeric_count     2 
# 
loop_
_pdbx_struct_assembly_prop.biol_id 
_pdbx_struct_assembly_prop.type 
_pdbx_struct_assembly_prop.value 
_pdbx_struct_assembly_prop.details 
1 'ABSA (A^2)' 2190 ? 
1 MORE         -41  ? 
1 'SSA (A^2)'  9240 ? 
# 
_pdbx_struct_assembly_gen.assembly_id       1 
_pdbx_struct_assembly_gen.oper_expression   1 
_pdbx_struct_assembly_gen.asym_id_list      A,B,C,D,E,F 
# 
_pdbx_struct_oper_list.id                   1 
_pdbx_struct_oper_list.type                 'identity operation' 
_pdbx_struct_oper_list.name                 1_555 
_pdbx_struct_oper_list.symmetry_operation   x,y,z 
_pdbx_struct_oper_list.matrix[1][1]         1.0000000000 
_pdbx_struct_oper_list.matrix[1][2]         0.0000000000 
_pdbx_struct_oper_list.matrix[1][3]         0.0000000000 
_pdbx_struct_oper_list.vector[1]            0.0000000000 
_pdbx_struct_oper_list.matrix[2][1]         0.0000000000 
_pdbx_struct_oper_list.matrix[2][2]         1.0000000000 
_pdbx_struct_oper_list.matrix[2][3]         0.0000000000 
_pdbx_struct_oper_list.vector[2]            0.0000000000 
_pdbx_struct_oper_list.matrix[3][1]         0.0000000000 
_pdbx_struct_oper_list.matrix[3][2]         0.0000000000 
_pdbx_struct_oper_list.matrix[3][3]         1.0000000000 
_pdbx_struct_oper_list.vector[3]            0.0000000000 
# 
_struct_biol.id   1 
# 
loop_
_struct_conf.conf_type_id 
_struct_conf.id 
_struct_conf.pdbx_PDB_helix_id 
_struct_conf.beg_label_comp_id 
_struct_conf.beg_label_asym_id 
_struct_conf.beg_label_seq_id 
_struct_conf.pdbx_beg_PDB_ins_code 
_struct_conf.end_label_comp_id 
_struct_conf.end_label_asym_id 
_struct_conf.end_label_seq_id 
_struct_conf.pdbx_end_PDB_ins_code 
_struct_conf.beg_auth_comp_id 
_struct_conf.beg_auth_asym_id 
_struct_conf.beg_auth_seq_id 
_struct_conf.end_auth_comp_id 
_struct_conf.end_auth_asym_id 
_struct_conf.end_auth_seq_id 
_struct_conf.pdbx_PDB_helix_class 
_struct_conf.details 
_struct_conf.pdbx_PDB_helix_length 
HELX_P HELX_P1 1 ASN A 7   ? THR A 25  ? ASN A 7   THR A 25  1 ? 19 
HELX_P HELX_P2 2 ASP A 32  ? GLY A 51  ? ASP A 32  GLY A 51  1 ? 20 
HELX_P HELX_P3 3 ASP A 62  ? THR A 70  ? ASP A 62  THR A 70  1 ? 9  
HELX_P HELX_P4 4 CYS A 76  ? LYS A 83  ? CYS A 76  LYS A 83  1 ? 8  
HELX_P HELX_P5 5 PRO A 105 ? SER A 115 ? PRO A 105 SER A 115 1 ? 11 
HELX_P HELX_P6 6 ARG B 66  ? ASP B 68  ? ARG B 66  ASP B 68  5 ? 3  
# 
_struct_conf_type.id          HELX_P 
_struct_conf_type.criteria    ? 
_struct_conf_type.reference   ? 
# 
loop_
_struct_conn.id 
_struct_conn.conn_type_id 
_struct_conn.pdbx_leaving_atom_flag 
_struct_conn.pdbx_PDB_id 
_struct_conn.ptnr1_label_asym_id 
_struct_conn.ptnr1_label_comp_id 
_struct_conn.ptnr1_label_seq_id 
_struct_conn.ptnr1_label_atom_id 
_struct_conn.pdbx_ptnr1_label_alt_id 
_struct_conn.pdbx_ptnr1_PDB_ins_code 
_struct_conn.pdbx_ptnr1_standard_comp_id 
_struct_conn.ptnr1_symmetry 
_struct_conn.ptnr2_label_asym_id 
_struct_conn.ptnr2_label_comp_id 
_struct_conn.ptnr2_label_seq_id 
_struct_conn.ptnr2_label_atom_id 
_struct_conn.pdbx_ptnr2_label_alt_id 
_struct_conn.pdbx_ptnr2_PDB_ins_code 
_struct_conn.ptnr1_auth_asym_id 
_struct_conn.ptnr1_auth_comp_id 
_struct_conn.ptnr1_auth_seq_id 
_struct_conn.ptnr2_auth_asym_id 
_struct_conn.ptnr2_auth_comp_id 
_struct_conn.ptnr2_auth_seq_id 
_struct_conn.ptnr2_symmetry 
_struct_conn.pdbx_ptnr3_label_atom_id 
_struct_conn.pdbx_ptnr3_label_seq_id 
_struct_conn.pdbx_ptnr3_label_comp_id 
_struct_conn.pdbx_ptnr3_label_asym_id 
_struct_conn.pdbx_ptnr3_label_alt_id 
_struct_conn.pdbx_ptnr3_PDB_ins_code 
_struct_conn.details 
_struct_conn.pdbx_dist_value 
_struct_conn.pdbx_value_order 
_struct_conn.pdbx_role 
disulf1 disulf ? ? A CYS 57 SG ? ? ? 1_555 A CYS 87 SG  ? ? A CYS 57 A CYS 87  1_555 ? ? ? ? ? ? ? 2.049 ? ? 
metalc1 metalc ? ? A CYS 55 SG ? ? ? 1_555 C SF4 .  FE1 ? ? A CYS 55 A SF4 120 1_555 ? ? ? ? ? ? ? 2.379 ? ? 
metalc2 metalc ? ? A CYS 74 SG ? ? ? 1_555 C SF4 .  FE4 ? ? A CYS 74 A SF4 120 1_555 ? ? ? ? ? ? ? 2.340 ? ? 
metalc3 metalc ? ? A CYS 76 SG ? ? ? 1_555 C SF4 .  FE2 ? ? A CYS 76 A SF4 120 1_555 ? ? ? ? ? ? ? 2.232 ? ? 
metalc4 metalc ? ? A CYS 85 SG ? ? ? 1_555 C SF4 .  FE3 ? ? A CYS 85 A SF4 120 1_555 ? ? ? ? ? ? ? 2.291 ? ? 
# 
loop_
_struct_conn_type.id 
_struct_conn_type.criteria 
_struct_conn_type.reference 
disulf ? ? 
metalc ? ? 
# 
loop_
_pdbx_struct_conn_angle.id 
_pdbx_struct_conn_angle.ptnr1_label_atom_id 
_pdbx_struct_conn_angle.ptnr1_label_alt_id 
_pdbx_struct_conn_angle.ptnr1_label_asym_id 
_pdbx_struct_conn_angle.ptnr1_label_comp_id 
_pdbx_struct_conn_angle.ptnr1_label_seq_id 
_pdbx_struct_conn_angle.ptnr1_auth_atom_id 
_pdbx_struct_conn_angle.ptnr1_auth_asym_id 
_pdbx_struct_conn_angle.ptnr1_auth_comp_id 
_pdbx_struct_conn_angle.ptnr1_auth_seq_id 
_pdbx_struct_conn_angle.ptnr1_PDB_ins_code 
_pdbx_struct_conn_angle.ptnr1_symmetry 
_pdbx_struct_conn_angle.ptnr2_label_atom_id 
_pdbx_struct_conn_angle.ptnr2_label_alt_id 
_pdbx_struct_conn_angle.ptnr2_label_asym_id 
_pdbx_struct_conn_angle.ptnr2_label_comp_id 
_pdbx_struct_conn_angle.ptnr2_label_seq_id 
_pdbx_struct_conn_angle.ptnr2_auth_atom_id 
_pdbx_struct_conn_angle.ptnr2_auth_asym_id 
_pdbx_struct_conn_angle.ptnr2_auth_comp_id 
_pdbx_struct_conn_angle.ptnr2_auth_seq_id 
_pdbx_struct_conn_angle.ptnr2_PDB_ins_code 
_pdbx_struct_conn_angle.ptnr2_symmetry 
_pdbx_struct_conn_angle.ptnr3_label_atom_id 
_pdbx_struct_conn_angle.ptnr3_label_alt_id 
_pdbx_struct_conn_angle.ptnr3_label_asym_id 
_pdbx_struct_conn_angle.ptnr3_label_comp_id 
_pdbx_struct_conn_angle.ptnr3_label_seq_id 
_pdbx_struct_conn_angle.ptnr3_auth_atom_id 
_pdbx_struct_conn_angle.ptnr3_auth_asym_id 
_pdbx_struct_conn_angle.ptnr3_auth_comp_id 
_pdbx_struct_conn_angle.ptnr3_auth_seq_id 
_pdbx_struct_conn_angle.ptnr3_PDB_ins_code 
_pdbx_struct_conn_angle.ptnr3_symmetry 
_pdbx_struct_conn_angle.value 
_pdbx_struct_conn_angle.value_esd 
1  SG ? A CYS 55 ? A CYS 55  ? 1_555 FE1 ? C SF4 . ? A SF4 120 ? 1_555 S2 ? C SF4 . ? A SF4 120 ? 1_555 128.8 ? 
2  SG ? A CYS 55 ? A CYS 55  ? 1_555 FE1 ? C SF4 . ? A SF4 120 ? 1_555 S3 ? C SF4 . ? A SF4 120 ? 1_555 103.3 ? 
3  S2 ? C SF4 .  ? A SF4 120 ? 1_555 FE1 ? C SF4 . ? A SF4 120 ? 1_555 S3 ? C SF4 . ? A SF4 120 ? 1_555 102.9 ? 
4  SG ? A CYS 55 ? A CYS 55  ? 1_555 FE1 ? C SF4 . ? A SF4 120 ? 1_555 S4 ? C SF4 . ? A SF4 120 ? 1_555 110.6 ? 
5  S2 ? C SF4 .  ? A SF4 120 ? 1_555 FE1 ? C SF4 . ? A SF4 120 ? 1_555 S4 ? C SF4 . ? A SF4 120 ? 1_555 102.8 ? 
6  S3 ? C SF4 .  ? A SF4 120 ? 1_555 FE1 ? C SF4 . ? A SF4 120 ? 1_555 S4 ? C SF4 . ? A SF4 120 ? 1_555 106.7 ? 
7  SG ? A CYS 74 ? A CYS 74  ? 1_555 FE4 ? C SF4 . ? A SF4 120 ? 1_555 S1 ? C SF4 . ? A SF4 120 ? 1_555 112.6 ? 
8  SG ? A CYS 74 ? A CYS 74  ? 1_555 FE4 ? C SF4 . ? A SF4 120 ? 1_555 S2 ? C SF4 . ? A SF4 120 ? 1_555 120.2 ? 
9  S1 ? C SF4 .  ? A SF4 120 ? 1_555 FE4 ? C SF4 . ? A SF4 120 ? 1_555 S2 ? C SF4 . ? A SF4 120 ? 1_555 106.7 ? 
10 SG ? A CYS 74 ? A CYS 74  ? 1_555 FE4 ? C SF4 . ? A SF4 120 ? 1_555 S3 ? C SF4 . ? A SF4 120 ? 1_555 108.6 ? 
11 S1 ? C SF4 .  ? A SF4 120 ? 1_555 FE4 ? C SF4 . ? A SF4 120 ? 1_555 S3 ? C SF4 . ? A SF4 120 ? 1_555 103.6 ? 
12 S2 ? C SF4 .  ? A SF4 120 ? 1_555 FE4 ? C SF4 . ? A SF4 120 ? 1_555 S3 ? C SF4 . ? A SF4 120 ? 1_555 103.6 ? 
13 SG ? A CYS 76 ? A CYS 76  ? 1_555 FE2 ? C SF4 . ? A SF4 120 ? 1_555 S1 ? C SF4 . ? A SF4 120 ? 1_555 114.8 ? 
14 SG ? A CYS 76 ? A CYS 76  ? 1_555 FE2 ? C SF4 . ? A SF4 120 ? 1_555 S3 ? C SF4 . ? A SF4 120 ? 1_555 112.3 ? 
15 S1 ? C SF4 .  ? A SF4 120 ? 1_555 FE2 ? C SF4 . ? A SF4 120 ? 1_555 S3 ? C SF4 . ? A SF4 120 ? 1_555 104.5 ? 
16 SG ? A CYS 76 ? A CYS 76  ? 1_555 FE2 ? C SF4 . ? A SF4 120 ? 1_555 S4 ? C SF4 . ? A SF4 120 ? 1_555 113.5 ? 
17 S1 ? C SF4 .  ? A SF4 120 ? 1_555 FE2 ? C SF4 . ? A SF4 120 ? 1_555 S4 ? C SF4 . ? A SF4 120 ? 1_555 104.3 ? 
18 S3 ? C SF4 .  ? A SF4 120 ? 1_555 FE2 ? C SF4 . ? A SF4 120 ? 1_555 S4 ? C SF4 . ? A SF4 120 ? 1_555 106.6 ? 
19 SG ? A CYS 85 ? A CYS 85  ? 1_555 FE3 ? C SF4 . ? A SF4 120 ? 1_555 S1 ? C SF4 . ? A SF4 120 ? 1_555 114.5 ? 
20 SG ? A CYS 85 ? A CYS 85  ? 1_555 FE3 ? C SF4 . ? A SF4 120 ? 1_555 S2 ? C SF4 . ? A SF4 120 ? 1_555 116.7 ? 
21 S1 ? C SF4 .  ? A SF4 120 ? 1_555 FE3 ? C SF4 . ? A SF4 120 ? 1_555 S2 ? C SF4 . ? A SF4 120 ? 1_555 105.9 ? 
22 SG ? A CYS 85 ? A CYS 85  ? 1_555 FE3 ? C SF4 . ? A SF4 120 ? 1_555 S4 ? C SF4 . ? A SF4 120 ? 1_555 108.5 ? 
23 S1 ? C SF4 .  ? A SF4 120 ? 1_555 FE3 ? C SF4 . ? A SF4 120 ? 1_555 S4 ? C SF4 . ? A SF4 120 ? 1_555 105.3 ? 
24 S2 ? C SF4 .  ? A SF4 120 ? 1_555 FE3 ? C SF4 . ? A SF4 120 ? 1_555 S4 ? C SF4 . ? A SF4 120 ? 1_555 104.9 ? 
# 
_pdbx_modification_feature.ordinal                            1 
_pdbx_modification_feature.label_comp_id                      CYS 
_pdbx_modification_feature.label_asym_id                      A 
_pdbx_modification_feature.label_seq_id                       57 
_pdbx_modification_feature.label_alt_id                       ? 
_pdbx_modification_feature.modified_residue_label_comp_id     CYS 
_pdbx_modification_feature.modified_residue_label_asym_id     A 
_pdbx_modification_feature.modified_residue_label_seq_id      87 
_pdbx_modification_feature.modified_residue_label_alt_id      ? 
_pdbx_modification_feature.auth_comp_id                       CYS 
_pdbx_modification_feature.auth_asym_id                       A 
_pdbx_modification_feature.auth_seq_id                        57 
_pdbx_modification_feature.PDB_ins_code                       ? 
_pdbx_modification_feature.symmetry                           1_555 
_pdbx_modification_feature.modified_residue_auth_comp_id      CYS 
_pdbx_modification_feature.modified_residue_auth_asym_id      A 
_pdbx_modification_feature.modified_residue_auth_seq_id       87 
_pdbx_modification_feature.modified_residue_PDB_ins_code      ? 
_pdbx_modification_feature.modified_residue_symmetry          1_555 
_pdbx_modification_feature.comp_id_linking_atom               SG 
_pdbx_modification_feature.modified_residue_id_linking_atom   SG 
_pdbx_modification_feature.modified_residue_id                . 
_pdbx_modification_feature.ref_pcm_id                         . 
_pdbx_modification_feature.ref_comp_id                        . 
_pdbx_modification_feature.type                               None 
_pdbx_modification_feature.category                           'Disulfide bridge' 
# 
loop_
_struct_sheet.id 
_struct_sheet.type 
_struct_sheet.number_strands 
_struct_sheet.details 
A ? 5 ? 
B ? 2 ? 
C ? 2 ? 
# 
loop_
_struct_sheet_order.sheet_id 
_struct_sheet_order.range_id_1 
_struct_sheet_order.range_id_2 
_struct_sheet_order.offset 
_struct_sheet_order.sense 
A 1 2 ? anti-parallel 
A 2 3 ? anti-parallel 
A 3 4 ? anti-parallel 
A 4 5 ? anti-parallel 
B 1 2 ? anti-parallel 
C 1 2 ? anti-parallel 
# 
loop_
_struct_sheet_range.sheet_id 
_struct_sheet_range.id 
_struct_sheet_range.beg_label_comp_id 
_struct_sheet_range.beg_label_asym_id 
_struct_sheet_range.beg_label_seq_id 
_struct_sheet_range.pdbx_beg_PDB_ins_code 
_struct_sheet_range.end_label_comp_id 
_struct_sheet_range.end_label_asym_id 
_struct_sheet_range.end_label_seq_id 
_struct_sheet_range.pdbx_end_PDB_ins_code 
_struct_sheet_range.beg_auth_comp_id 
_struct_sheet_range.beg_auth_asym_id 
_struct_sheet_range.beg_auth_seq_id 
_struct_sheet_range.end_auth_comp_id 
_struct_sheet_range.end_auth_asym_id 
_struct_sheet_range.end_auth_seq_id 
A 1 PHE B 61 ? PHE B 65 ? PHE B 61 PHE B 65 
A 2 VAL B 53 ? PHE B 57 ? VAL B 53 PHE B 57 
A 3 GLU B 32 ? VAL B 38 ? GLU B 32 VAL B 38 
A 4 ARG B 6  ? VAL B 9  ? ARG B 6  VAL B 9  
A 5 VAL B 70 ? LEU B 72 ? VAL B 70 LEU B 72 
B 1 VAL B 14 ? VAL B 15 ? VAL B 14 VAL B 15 
B 2 PHE B 26 ? ASP B 27 ? PHE B 26 ASP B 27 
C 1 GLU B 41 ? TRP B 42 ? GLU B 41 TRP B 42 
C 2 ARG B 45 ? PRO B 46 ? ARG B 45 PRO B 46 
# 
loop_
_pdbx_struct_sheet_hbond.sheet_id 
_pdbx_struct_sheet_hbond.range_id_1 
_pdbx_struct_sheet_hbond.range_id_2 
_pdbx_struct_sheet_hbond.range_1_label_atom_id 
_pdbx_struct_sheet_hbond.range_1_label_comp_id 
_pdbx_struct_sheet_hbond.range_1_label_asym_id 
_pdbx_struct_sheet_hbond.range_1_label_seq_id 
_pdbx_struct_sheet_hbond.range_1_PDB_ins_code 
_pdbx_struct_sheet_hbond.range_1_auth_atom_id 
_pdbx_struct_sheet_hbond.range_1_auth_comp_id 
_pdbx_struct_sheet_hbond.range_1_auth_asym_id 
_pdbx_struct_sheet_hbond.range_1_auth_seq_id 
_pdbx_struct_sheet_hbond.range_2_label_atom_id 
_pdbx_struct_sheet_hbond.range_2_label_comp_id 
_pdbx_struct_sheet_hbond.range_2_label_asym_id 
_pdbx_struct_sheet_hbond.range_2_label_seq_id 
_pdbx_struct_sheet_hbond.range_2_PDB_ins_code 
_pdbx_struct_sheet_hbond.range_2_auth_atom_id 
_pdbx_struct_sheet_hbond.range_2_auth_comp_id 
_pdbx_struct_sheet_hbond.range_2_auth_asym_id 
_pdbx_struct_sheet_hbond.range_2_auth_seq_id 
A 1 2 O PHE B 65 ? O PHE B 65 N VAL B 53 ? N VAL B 53 
A 2 3 N LYS B 56 ? N LYS B 56 O GLU B 34 ? O GLU B 34 
A 3 4 O GLY B 33 ? O GLY B 33 N VAL B 7  ? N VAL B 7  
A 4 5 N ARG B 8  ? N ARG B 8  O THR B 71 ? O THR B 71 
B 1 2 N VAL B 15 ? N VAL B 15 O PHE B 26 ? O PHE B 26 
C 1 2 N TRP B 42 ? N TRP B 42 O ARG B 45 ? O ARG B 45 
# 
loop_
_struct_site.id 
_struct_site.pdbx_evidence_code 
_struct_site.pdbx_auth_asym_id 
_struct_site.pdbx_auth_comp_id 
_struct_site.pdbx_auth_seq_id 
_struct_site.pdbx_auth_ins_code 
_struct_site.pdbx_num_residues 
_struct_site.details 
AC1 Software B SO4 201 ? 6 'BINDING SITE FOR RESIDUE SO4 B 201' 
AC2 Software A SF4 120 ? 7 'BINDING SITE FOR RESIDUE SF4 A 120' 
# 
loop_
_struct_site_gen.id 
_struct_site_gen.site_id 
_struct_site_gen.pdbx_num_res 
_struct_site_gen.label_comp_id 
_struct_site_gen.label_asym_id 
_struct_site_gen.label_seq_id 
_struct_site_gen.pdbx_auth_ins_code 
_struct_site_gen.auth_comp_id 
_struct_site_gen.auth_asym_id 
_struct_site_gen.auth_seq_id 
_struct_site_gen.label_atom_id 
_struct_site_gen.label_alt_id 
_struct_site_gen.symmetry 
_struct_site_gen.details 
1  AC1 6 ARG A 80 ? ARG A 80  . ? 1_555 ? 
2  AC1 6 LYS B 62 ? LYS B 62  . ? 1_555 ? 
3  AC1 6 HIS B 64 ? HIS B 64  . ? 1_555 ? 
4  AC1 6 HOH F .  ? HOH B 204 . ? 1_555 ? 
5  AC1 6 HOH F .  ? HOH B 216 . ? 1_555 ? 
6  AC1 6 HOH F .  ? HOH B 236 . ? 1_555 ? 
7  AC2 7 CYS A 55 ? CYS A 55  . ? 1_555 ? 
8  AC2 7 CYS A 74 ? CYS A 74  . ? 1_555 ? 
9  AC2 7 CYS A 76 ? CYS A 76  . ? 1_555 ? 
10 AC2 7 MET A 79 ? MET A 79  . ? 1_555 ? 
11 AC2 7 CYS A 85 ? CYS A 85  . ? 1_555 ? 
12 AC2 7 HIS A 86 ? HIS A 86  . ? 1_555 ? 
13 AC2 7 CYS A 87 ? CYS A 87  . ? 1_555 ? 
# 
_pdbx_entry_details.entry_id                   1DJ7 
_pdbx_entry_details.compound_details           ? 
_pdbx_entry_details.source_details             ? 
_pdbx_entry_details.nonpolymer_details         ? 
_pdbx_entry_details.sequence_details           ? 
_pdbx_entry_details.has_ligand_of_interest     ? 
_pdbx_entry_details.has_protein_modification   Y 
# 
loop_
_pdbx_validate_rmsd_angle.id 
_pdbx_validate_rmsd_angle.PDB_model_num 
_pdbx_validate_rmsd_angle.auth_atom_id_1 
_pdbx_validate_rmsd_angle.auth_asym_id_1 
_pdbx_validate_rmsd_angle.auth_comp_id_1 
_pdbx_validate_rmsd_angle.auth_seq_id_1 
_pdbx_validate_rmsd_angle.PDB_ins_code_1 
_pdbx_validate_rmsd_angle.label_alt_id_1 
_pdbx_validate_rmsd_angle.auth_atom_id_2 
_pdbx_validate_rmsd_angle.auth_asym_id_2 
_pdbx_validate_rmsd_angle.auth_comp_id_2 
_pdbx_validate_rmsd_angle.auth_seq_id_2 
_pdbx_validate_rmsd_angle.PDB_ins_code_2 
_pdbx_validate_rmsd_angle.label_alt_id_2 
_pdbx_validate_rmsd_angle.auth_atom_id_3 
_pdbx_validate_rmsd_angle.auth_asym_id_3 
_pdbx_validate_rmsd_angle.auth_comp_id_3 
_pdbx_validate_rmsd_angle.auth_seq_id_3 
_pdbx_validate_rmsd_angle.PDB_ins_code_3 
_pdbx_validate_rmsd_angle.label_alt_id_3 
_pdbx_validate_rmsd_angle.angle_value 
_pdbx_validate_rmsd_angle.angle_target_value 
_pdbx_validate_rmsd_angle.angle_deviation 
_pdbx_validate_rmsd_angle.angle_standard_deviation 
_pdbx_validate_rmsd_angle.linker_flag 
1 1 CD A ARG 45 ? ? NE A ARG 45 ? ? CZ  A ARG 45 ? ? 132.90 123.60 9.30   1.40 N 
2 1 NE A ARG 45 ? ? CZ A ARG 45 ? ? NH1 A ARG 45 ? ? 123.87 120.30 3.57   0.50 N 
3 1 CA A CYS 74 ? ? C  A CYS 74 ? ? O   A CYS 74 ? ? 104.41 120.10 -15.69 2.10 N 
4 1 CA A PRO 75 ? ? N  A PRO 75 ? ? CD  A PRO 75 ? ? 100.39 111.50 -11.11 1.40 N 
5 1 N  A PRO 75 ? ? CA A PRO 75 ? ? CB  A PRO 75 ? ? 112.90 102.60 10.30  1.10 N 
6 1 N  A PRO 75 ? ? CD A PRO 75 ? ? CG  A PRO 75 ? ? 111.93 103.80 8.13   1.20 N 
# 
loop_
_pdbx_validate_torsion.id 
_pdbx_validate_torsion.PDB_model_num 
_pdbx_validate_torsion.auth_comp_id 
_pdbx_validate_torsion.auth_asym_id 
_pdbx_validate_torsion.auth_seq_id 
_pdbx_validate_torsion.PDB_ins_code 
_pdbx_validate_torsion.label_alt_id 
_pdbx_validate_torsion.phi 
_pdbx_validate_torsion.psi 
1 1 THR A 70 ? ? 87.25  -7.40  
2 1 PRO A 75 ? ? -36.31 118.84 
# 
_pdbx_validate_peptide_omega.id               1 
_pdbx_validate_peptide_omega.PDB_model_num    1 
_pdbx_validate_peptide_omega.auth_comp_id_1   CYS 
_pdbx_validate_peptide_omega.auth_asym_id_1   A 
_pdbx_validate_peptide_omega.auth_seq_id_1    74 
_pdbx_validate_peptide_omega.PDB_ins_code_1   ? 
_pdbx_validate_peptide_omega.label_alt_id_1   ? 
_pdbx_validate_peptide_omega.auth_comp_id_2   PRO 
_pdbx_validate_peptide_omega.auth_asym_id_2   A 
_pdbx_validate_peptide_omega.auth_seq_id_2    75 
_pdbx_validate_peptide_omega.PDB_ins_code_2   ? 
_pdbx_validate_peptide_omega.label_alt_id_2   ? 
_pdbx_validate_peptide_omega.omega            -50.64 
# 
_pdbx_validate_main_chain_plane.id                       1 
_pdbx_validate_main_chain_plane.PDB_model_num            1 
_pdbx_validate_main_chain_plane.auth_comp_id             CYS 
_pdbx_validate_main_chain_plane.auth_asym_id             A 
_pdbx_validate_main_chain_plane.auth_seq_id              74 
_pdbx_validate_main_chain_plane.PDB_ins_code             ? 
_pdbx_validate_main_chain_plane.label_alt_id             ? 
_pdbx_validate_main_chain_plane.improper_torsion_angle   -21.00 
# 
loop_
_pdbx_unobs_or_zero_occ_residues.id 
_pdbx_unobs_or_zero_occ_residues.PDB_model_num 
_pdbx_unobs_or_zero_occ_residues.polymer_flag 
_pdbx_unobs_or_zero_occ_residues.occupancy_flag 
_pdbx_unobs_or_zero_occ_residues.auth_asym_id 
_pdbx_unobs_or_zero_occ_residues.auth_comp_id 
_pdbx_unobs_or_zero_occ_residues.auth_seq_id 
_pdbx_unobs_or_zero_occ_residues.PDB_ins_code 
_pdbx_unobs_or_zero_occ_residues.label_asym_id 
_pdbx_unobs_or_zero_occ_residues.label_comp_id 
_pdbx_unobs_or_zero_occ_residues.label_seq_id 
1  1 Y 1 A THR 1   ? A THR 1   
2  1 Y 1 A SER 2   ? A SER 2   
3  1 Y 1 A SER 3   ? A SER 3   
4  1 Y 1 A ASP 4   ? A ASP 4   
5  1 Y 1 A THR 5   ? A THR 5   
6  1 Y 1 A GLN 6   ? A GLN 6   
7  1 Y 1 A MET 116 ? A MET 116 
8  1 Y 1 A ALA 117 ? A ALA 117 
9  1 Y 1 B GLU 74  ? B GLU 74  
10 1 Y 1 B ASP 75  ? B ASP 75  
# 
loop_
_chem_comp_atom.comp_id 
_chem_comp_atom.atom_id 
_chem_comp_atom.type_symbol 
_chem_comp_atom.pdbx_aromatic_flag 
_chem_comp_atom.pdbx_stereo_config 
_chem_comp_atom.pdbx_ordinal 
ALA N    N  N N 1   
ALA CA   C  N S 2   
ALA C    C  N N 3   
ALA O    O  N N 4   
ALA CB   C  N N 5   
ALA OXT  O  N N 6   
ALA H    H  N N 7   
ALA H2   H  N N 8   
ALA HA   H  N N 9   
ALA HB1  H  N N 10  
ALA HB2  H  N N 11  
ALA HB3  H  N N 12  
ALA HXT  H  N N 13  
ARG N    N  N N 14  
ARG CA   C  N S 15  
ARG C    C  N N 16  
ARG O    O  N N 17  
ARG CB   C  N N 18  
ARG CG   C  N N 19  
ARG CD   C  N N 20  
ARG NE   N  N N 21  
ARG CZ   C  N N 22  
ARG NH1  N  N N 23  
ARG NH2  N  N N 24  
ARG OXT  O  N N 25  
ARG H    H  N N 26  
ARG H2   H  N N 27  
ARG HA   H  N N 28  
ARG HB2  H  N N 29  
ARG HB3  H  N N 30  
ARG HG2  H  N N 31  
ARG HG3  H  N N 32  
ARG HD2  H  N N 33  
ARG HD3  H  N N 34  
ARG HE   H  N N 35  
ARG HH11 H  N N 36  
ARG HH12 H  N N 37  
ARG HH21 H  N N 38  
ARG HH22 H  N N 39  
ARG HXT  H  N N 40  
ASN N    N  N N 41  
ASN CA   C  N S 42  
ASN C    C  N N 43  
ASN O    O  N N 44  
ASN CB   C  N N 45  
ASN CG   C  N N 46  
ASN OD1  O  N N 47  
ASN ND2  N  N N 48  
ASN OXT  O  N N 49  
ASN H    H  N N 50  
ASN H2   H  N N 51  
ASN HA   H  N N 52  
ASN HB2  H  N N 53  
ASN HB3  H  N N 54  
ASN HD21 H  N N 55  
ASN HD22 H  N N 56  
ASN HXT  H  N N 57  
ASP N    N  N N 58  
ASP CA   C  N S 59  
ASP C    C  N N 60  
ASP O    O  N N 61  
ASP CB   C  N N 62  
ASP CG   C  N N 63  
ASP OD1  O  N N 64  
ASP OD2  O  N N 65  
ASP OXT  O  N N 66  
ASP H    H  N N 67  
ASP H2   H  N N 68  
ASP HA   H  N N 69  
ASP HB2  H  N N 70  
ASP HB3  H  N N 71  
ASP HD2  H  N N 72  
ASP HXT  H  N N 73  
CYS N    N  N N 74  
CYS CA   C  N R 75  
CYS C    C  N N 76  
CYS O    O  N N 77  
CYS CB   C  N N 78  
CYS SG   S  N N 79  
CYS OXT  O  N N 80  
CYS H    H  N N 81  
CYS H2   H  N N 82  
CYS HA   H  N N 83  
CYS HB2  H  N N 84  
CYS HB3  H  N N 85  
CYS HG   H  N N 86  
CYS HXT  H  N N 87  
GLN N    N  N N 88  
GLN CA   C  N S 89  
GLN C    C  N N 90  
GLN O    O  N N 91  
GLN CB   C  N N 92  
GLN CG   C  N N 93  
GLN CD   C  N N 94  
GLN OE1  O  N N 95  
GLN NE2  N  N N 96  
GLN OXT  O  N N 97  
GLN H    H  N N 98  
GLN H2   H  N N 99  
GLN HA   H  N N 100 
GLN HB2  H  N N 101 
GLN HB3  H  N N 102 
GLN HG2  H  N N 103 
GLN HG3  H  N N 104 
GLN HE21 H  N N 105 
GLN HE22 H  N N 106 
GLN HXT  H  N N 107 
GLU N    N  N N 108 
GLU CA   C  N S 109 
GLU C    C  N N 110 
GLU O    O  N N 111 
GLU CB   C  N N 112 
GLU CG   C  N N 113 
GLU CD   C  N N 114 
GLU OE1  O  N N 115 
GLU OE2  O  N N 116 
GLU OXT  O  N N 117 
GLU H    H  N N 118 
GLU H2   H  N N 119 
GLU HA   H  N N 120 
GLU HB2  H  N N 121 
GLU HB3  H  N N 122 
GLU HG2  H  N N 123 
GLU HG3  H  N N 124 
GLU HE2  H  N N 125 
GLU HXT  H  N N 126 
GLY N    N  N N 127 
GLY CA   C  N N 128 
GLY C    C  N N 129 
GLY O    O  N N 130 
GLY OXT  O  N N 131 
GLY H    H  N N 132 
GLY H2   H  N N 133 
GLY HA2  H  N N 134 
GLY HA3  H  N N 135 
GLY HXT  H  N N 136 
HIS N    N  N N 137 
HIS CA   C  N S 138 
HIS C    C  N N 139 
HIS O    O  N N 140 
HIS CB   C  N N 141 
HIS CG   C  Y N 142 
HIS ND1  N  Y N 143 
HIS CD2  C  Y N 144 
HIS CE1  C  Y N 145 
HIS NE2  N  Y N 146 
HIS OXT  O  N N 147 
HIS H    H  N N 148 
HIS H2   H  N N 149 
HIS HA   H  N N 150 
HIS HB2  H  N N 151 
HIS HB3  H  N N 152 
HIS HD1  H  N N 153 
HIS HD2  H  N N 154 
HIS HE1  H  N N 155 
HIS HE2  H  N N 156 
HIS HXT  H  N N 157 
HOH O    O  N N 158 
HOH H1   H  N N 159 
HOH H2   H  N N 160 
ILE N    N  N N 161 
ILE CA   C  N S 162 
ILE C    C  N N 163 
ILE O    O  N N 164 
ILE CB   C  N S 165 
ILE CG1  C  N N 166 
ILE CG2  C  N N 167 
ILE CD1  C  N N 168 
ILE OXT  O  N N 169 
ILE H    H  N N 170 
ILE H2   H  N N 171 
ILE HA   H  N N 172 
ILE HB   H  N N 173 
ILE HG12 H  N N 174 
ILE HG13 H  N N 175 
ILE HG21 H  N N 176 
ILE HG22 H  N N 177 
ILE HG23 H  N N 178 
ILE HD11 H  N N 179 
ILE HD12 H  N N 180 
ILE HD13 H  N N 181 
ILE HXT  H  N N 182 
LEU N    N  N N 183 
LEU CA   C  N S 184 
LEU C    C  N N 185 
LEU O    O  N N 186 
LEU CB   C  N N 187 
LEU CG   C  N N 188 
LEU CD1  C  N N 189 
LEU CD2  C  N N 190 
LEU OXT  O  N N 191 
LEU H    H  N N 192 
LEU H2   H  N N 193 
LEU HA   H  N N 194 
LEU HB2  H  N N 195 
LEU HB3  H  N N 196 
LEU HG   H  N N 197 
LEU HD11 H  N N 198 
LEU HD12 H  N N 199 
LEU HD13 H  N N 200 
LEU HD21 H  N N 201 
LEU HD22 H  N N 202 
LEU HD23 H  N N 203 
LEU HXT  H  N N 204 
LYS N    N  N N 205 
LYS CA   C  N S 206 
LYS C    C  N N 207 
LYS O    O  N N 208 
LYS CB   C  N N 209 
LYS CG   C  N N 210 
LYS CD   C  N N 211 
LYS CE   C  N N 212 
LYS NZ   N  N N 213 
LYS OXT  O  N N 214 
LYS H    H  N N 215 
LYS H2   H  N N 216 
LYS HA   H  N N 217 
LYS HB2  H  N N 218 
LYS HB3  H  N N 219 
LYS HG2  H  N N 220 
LYS HG3  H  N N 221 
LYS HD2  H  N N 222 
LYS HD3  H  N N 223 
LYS HE2  H  N N 224 
LYS HE3  H  N N 225 
LYS HZ1  H  N N 226 
LYS HZ2  H  N N 227 
LYS HZ3  H  N N 228 
LYS HXT  H  N N 229 
MET N    N  N N 230 
MET CA   C  N S 231 
MET C    C  N N 232 
MET O    O  N N 233 
MET CB   C  N N 234 
MET CG   C  N N 235 
MET SD   S  N N 236 
MET CE   C  N N 237 
MET OXT  O  N N 238 
MET H    H  N N 239 
MET H2   H  N N 240 
MET HA   H  N N 241 
MET HB2  H  N N 242 
MET HB3  H  N N 243 
MET HG2  H  N N 244 
MET HG3  H  N N 245 
MET HE1  H  N N 246 
MET HE2  H  N N 247 
MET HE3  H  N N 248 
MET HXT  H  N N 249 
PHE N    N  N N 250 
PHE CA   C  N S 251 
PHE C    C  N N 252 
PHE O    O  N N 253 
PHE CB   C  N N 254 
PHE CG   C  Y N 255 
PHE CD1  C  Y N 256 
PHE CD2  C  Y N 257 
PHE CE1  C  Y N 258 
PHE CE2  C  Y N 259 
PHE CZ   C  Y N 260 
PHE OXT  O  N N 261 
PHE H    H  N N 262 
PHE H2   H  N N 263 
PHE HA   H  N N 264 
PHE HB2  H  N N 265 
PHE HB3  H  N N 266 
PHE HD1  H  N N 267 
PHE HD2  H  N N 268 
PHE HE1  H  N N 269 
PHE HE2  H  N N 270 
PHE HZ   H  N N 271 
PHE HXT  H  N N 272 
PRO N    N  N N 273 
PRO CA   C  N S 274 
PRO C    C  N N 275 
PRO O    O  N N 276 
PRO CB   C  N N 277 
PRO CG   C  N N 278 
PRO CD   C  N N 279 
PRO OXT  O  N N 280 
PRO H    H  N N 281 
PRO HA   H  N N 282 
PRO HB2  H  N N 283 
PRO HB3  H  N N 284 
PRO HG2  H  N N 285 
PRO HG3  H  N N 286 
PRO HD2  H  N N 287 
PRO HD3  H  N N 288 
PRO HXT  H  N N 289 
SER N    N  N N 290 
SER CA   C  N S 291 
SER C    C  N N 292 
SER O    O  N N 293 
SER CB   C  N N 294 
SER OG   O  N N 295 
SER OXT  O  N N 296 
SER H    H  N N 297 
SER H2   H  N N 298 
SER HA   H  N N 299 
SER HB2  H  N N 300 
SER HB3  H  N N 301 
SER HG   H  N N 302 
SER HXT  H  N N 303 
SF4 FE1  FE N N 304 
SF4 FE2  FE N N 305 
SF4 FE3  FE N N 306 
SF4 FE4  FE N N 307 
SF4 S1   S  N N 308 
SF4 S2   S  N N 309 
SF4 S3   S  N N 310 
SF4 S4   S  N N 311 
SO4 S    S  N N 312 
SO4 O1   O  N N 313 
SO4 O2   O  N N 314 
SO4 O3   O  N N 315 
SO4 O4   O  N N 316 
THR N    N  N N 317 
THR CA   C  N S 318 
THR C    C  N N 319 
THR O    O  N N 320 
THR CB   C  N R 321 
THR OG1  O  N N 322 
THR CG2  C  N N 323 
THR OXT  O  N N 324 
THR H    H  N N 325 
THR H2   H  N N 326 
THR HA   H  N N 327 
THR HB   H  N N 328 
THR HG1  H  N N 329 
THR HG21 H  N N 330 
THR HG22 H  N N 331 
THR HG23 H  N N 332 
THR HXT  H  N N 333 
TRP N    N  N N 334 
TRP CA   C  N S 335 
TRP C    C  N N 336 
TRP O    O  N N 337 
TRP CB   C  N N 338 
TRP CG   C  Y N 339 
TRP CD1  C  Y N 340 
TRP CD2  C  Y N 341 
TRP NE1  N  Y N 342 
TRP CE2  C  Y N 343 
TRP CE3  C  Y N 344 
TRP CZ2  C  Y N 345 
TRP CZ3  C  Y N 346 
TRP CH2  C  Y N 347 
TRP OXT  O  N N 348 
TRP H    H  N N 349 
TRP H2   H  N N 350 
TRP HA   H  N N 351 
TRP HB2  H  N N 352 
TRP HB3  H  N N 353 
TRP HD1  H  N N 354 
TRP HE1  H  N N 355 
TRP HE3  H  N N 356 
TRP HZ2  H  N N 357 
TRP HZ3  H  N N 358 
TRP HH2  H  N N 359 
TRP HXT  H  N N 360 
TYR N    N  N N 361 
TYR CA   C  N S 362 
TYR C    C  N N 363 
TYR O    O  N N 364 
TYR CB   C  N N 365 
TYR CG   C  Y N 366 
TYR CD1  C  Y N 367 
TYR CD2  C  Y N 368 
TYR CE1  C  Y N 369 
TYR CE2  C  Y N 370 
TYR CZ   C  Y N 371 
TYR OH   O  N N 372 
TYR OXT  O  N N 373 
TYR H    H  N N 374 
TYR H2   H  N N 375 
TYR HA   H  N N 376 
TYR HB2  H  N N 377 
TYR HB3  H  N N 378 
TYR HD1  H  N N 379 
TYR HD2  H  N N 380 
TYR HE1  H  N N 381 
TYR HE2  H  N N 382 
TYR HH   H  N N 383 
TYR HXT  H  N N 384 
VAL N    N  N N 385 
VAL CA   C  N S 386 
VAL C    C  N N 387 
VAL O    O  N N 388 
VAL CB   C  N N 389 
VAL CG1  C  N N 390 
VAL CG2  C  N N 391 
VAL OXT  O  N N 392 
VAL H    H  N N 393 
VAL H2   H  N N 394 
VAL HA   H  N N 395 
VAL HB   H  N N 396 
VAL HG11 H  N N 397 
VAL HG12 H  N N 398 
VAL HG13 H  N N 399 
VAL HG21 H  N N 400 
VAL HG22 H  N N 401 
VAL HG23 H  N N 402 
VAL HXT  H  N N 403 
# 
loop_
_chem_comp_bond.comp_id 
_chem_comp_bond.atom_id_1 
_chem_comp_bond.atom_id_2 
_chem_comp_bond.value_order 
_chem_comp_bond.pdbx_aromatic_flag 
_chem_comp_bond.pdbx_stereo_config 
_chem_comp_bond.pdbx_ordinal 
ALA N   CA   sing N N 1   
ALA N   H    sing N N 2   
ALA N   H2   sing N N 3   
ALA CA  C    sing N N 4   
ALA CA  CB   sing N N 5   
ALA CA  HA   sing N N 6   
ALA C   O    doub N N 7   
ALA C   OXT  sing N N 8   
ALA CB  HB1  sing N N 9   
ALA CB  HB2  sing N N 10  
ALA CB  HB3  sing N N 11  
ALA OXT HXT  sing N N 12  
ARG N   CA   sing N N 13  
ARG N   H    sing N N 14  
ARG N   H2   sing N N 15  
ARG CA  C    sing N N 16  
ARG CA  CB   sing N N 17  
ARG CA  HA   sing N N 18  
ARG C   O    doub N N 19  
ARG C   OXT  sing N N 20  
ARG CB  CG   sing N N 21  
ARG CB  HB2  sing N N 22  
ARG CB  HB3  sing N N 23  
ARG CG  CD   sing N N 24  
ARG CG  HG2  sing N N 25  
ARG CG  HG3  sing N N 26  
ARG CD  NE   sing N N 27  
ARG CD  HD2  sing N N 28  
ARG CD  HD3  sing N N 29  
ARG NE  CZ   sing N N 30  
ARG NE  HE   sing N N 31  
ARG CZ  NH1  sing N N 32  
ARG CZ  NH2  doub N N 33  
ARG NH1 HH11 sing N N 34  
ARG NH1 HH12 sing N N 35  
ARG NH2 HH21 sing N N 36  
ARG NH2 HH22 sing N N 37  
ARG OXT HXT  sing N N 38  
ASN N   CA   sing N N 39  
ASN N   H    sing N N 40  
ASN N   H2   sing N N 41  
ASN CA  C    sing N N 42  
ASN CA  CB   sing N N 43  
ASN CA  HA   sing N N 44  
ASN C   O    doub N N 45  
ASN C   OXT  sing N N 46  
ASN CB  CG   sing N N 47  
ASN CB  HB2  sing N N 48  
ASN CB  HB3  sing N N 49  
ASN CG  OD1  doub N N 50  
ASN CG  ND2  sing N N 51  
ASN ND2 HD21 sing N N 52  
ASN ND2 HD22 sing N N 53  
ASN OXT HXT  sing N N 54  
ASP N   CA   sing N N 55  
ASP N   H    sing N N 56  
ASP N   H2   sing N N 57  
ASP CA  C    sing N N 58  
ASP CA  CB   sing N N 59  
ASP CA  HA   sing N N 60  
ASP C   O    doub N N 61  
ASP C   OXT  sing N N 62  
ASP CB  CG   sing N N 63  
ASP CB  HB2  sing N N 64  
ASP CB  HB3  sing N N 65  
ASP CG  OD1  doub N N 66  
ASP CG  OD2  sing N N 67  
ASP OD2 HD2  sing N N 68  
ASP OXT HXT  sing N N 69  
CYS N   CA   sing N N 70  
CYS N   H    sing N N 71  
CYS N   H2   sing N N 72  
CYS CA  C    sing N N 73  
CYS CA  CB   sing N N 74  
CYS CA  HA   sing N N 75  
CYS C   O    doub N N 76  
CYS C   OXT  sing N N 77  
CYS CB  SG   sing N N 78  
CYS CB  HB2  sing N N 79  
CYS CB  HB3  sing N N 80  
CYS SG  HG   sing N N 81  
CYS OXT HXT  sing N N 82  
GLN N   CA   sing N N 83  
GLN N   H    sing N N 84  
GLN N   H2   sing N N 85  
GLN CA  C    sing N N 86  
GLN CA  CB   sing N N 87  
GLN CA  HA   sing N N 88  
GLN C   O    doub N N 89  
GLN C   OXT  sing N N 90  
GLN CB  CG   sing N N 91  
GLN CB  HB2  sing N N 92  
GLN CB  HB3  sing N N 93  
GLN CG  CD   sing N N 94  
GLN CG  HG2  sing N N 95  
GLN CG  HG3  sing N N 96  
GLN CD  OE1  doub N N 97  
GLN CD  NE2  sing N N 98  
GLN NE2 HE21 sing N N 99  
GLN NE2 HE22 sing N N 100 
GLN OXT HXT  sing N N 101 
GLU N   CA   sing N N 102 
GLU N   H    sing N N 103 
GLU N   H2   sing N N 104 
GLU CA  C    sing N N 105 
GLU CA  CB   sing N N 106 
GLU CA  HA   sing N N 107 
GLU C   O    doub N N 108 
GLU C   OXT  sing N N 109 
GLU CB  CG   sing N N 110 
GLU CB  HB2  sing N N 111 
GLU CB  HB3  sing N N 112 
GLU CG  CD   sing N N 113 
GLU CG  HG2  sing N N 114 
GLU CG  HG3  sing N N 115 
GLU CD  OE1  doub N N 116 
GLU CD  OE2  sing N N 117 
GLU OE2 HE2  sing N N 118 
GLU OXT HXT  sing N N 119 
GLY N   CA   sing N N 120 
GLY N   H    sing N N 121 
GLY N   H2   sing N N 122 
GLY CA  C    sing N N 123 
GLY CA  HA2  sing N N 124 
GLY CA  HA3  sing N N 125 
GLY C   O    doub N N 126 
GLY C   OXT  sing N N 127 
GLY OXT HXT  sing N N 128 
HIS N   CA   sing N N 129 
HIS N   H    sing N N 130 
HIS N   H2   sing N N 131 
HIS CA  C    sing N N 132 
HIS CA  CB   sing N N 133 
HIS CA  HA   sing N N 134 
HIS C   O    doub N N 135 
HIS C   OXT  sing N N 136 
HIS CB  CG   sing N N 137 
HIS CB  HB2  sing N N 138 
HIS CB  HB3  sing N N 139 
HIS CG  ND1  sing Y N 140 
HIS CG  CD2  doub Y N 141 
HIS ND1 CE1  doub Y N 142 
HIS ND1 HD1  sing N N 143 
HIS CD2 NE2  sing Y N 144 
HIS CD2 HD2  sing N N 145 
HIS CE1 NE2  sing Y N 146 
HIS CE1 HE1  sing N N 147 
HIS NE2 HE2  sing N N 148 
HIS OXT HXT  sing N N 149 
HOH O   H1   sing N N 150 
HOH O   H2   sing N N 151 
ILE N   CA   sing N N 152 
ILE N   H    sing N N 153 
ILE N   H2   sing N N 154 
ILE CA  C    sing N N 155 
ILE CA  CB   sing N N 156 
ILE CA  HA   sing N N 157 
ILE C   O    doub N N 158 
ILE C   OXT  sing N N 159 
ILE CB  CG1  sing N N 160 
ILE CB  CG2  sing N N 161 
ILE CB  HB   sing N N 162 
ILE CG1 CD1  sing N N 163 
ILE CG1 HG12 sing N N 164 
ILE CG1 HG13 sing N N 165 
ILE CG2 HG21 sing N N 166 
ILE CG2 HG22 sing N N 167 
ILE CG2 HG23 sing N N 168 
ILE CD1 HD11 sing N N 169 
ILE CD1 HD12 sing N N 170 
ILE CD1 HD13 sing N N 171 
ILE OXT HXT  sing N N 172 
LEU N   CA   sing N N 173 
LEU N   H    sing N N 174 
LEU N   H2   sing N N 175 
LEU CA  C    sing N N 176 
LEU CA  CB   sing N N 177 
LEU CA  HA   sing N N 178 
LEU C   O    doub N N 179 
LEU C   OXT  sing N N 180 
LEU CB  CG   sing N N 181 
LEU CB  HB2  sing N N 182 
LEU CB  HB3  sing N N 183 
LEU CG  CD1  sing N N 184 
LEU CG  CD2  sing N N 185 
LEU CG  HG   sing N N 186 
LEU CD1 HD11 sing N N 187 
LEU CD1 HD12 sing N N 188 
LEU CD1 HD13 sing N N 189 
LEU CD2 HD21 sing N N 190 
LEU CD2 HD22 sing N N 191 
LEU CD2 HD23 sing N N 192 
LEU OXT HXT  sing N N 193 
LYS N   CA   sing N N 194 
LYS N   H    sing N N 195 
LYS N   H2   sing N N 196 
LYS CA  C    sing N N 197 
LYS CA  CB   sing N N 198 
LYS CA  HA   sing N N 199 
LYS C   O    doub N N 200 
LYS C   OXT  sing N N 201 
LYS CB  CG   sing N N 202 
LYS CB  HB2  sing N N 203 
LYS CB  HB3  sing N N 204 
LYS CG  CD   sing N N 205 
LYS CG  HG2  sing N N 206 
LYS CG  HG3  sing N N 207 
LYS CD  CE   sing N N 208 
LYS CD  HD2  sing N N 209 
LYS CD  HD3  sing N N 210 
LYS CE  NZ   sing N N 211 
LYS CE  HE2  sing N N 212 
LYS CE  HE3  sing N N 213 
LYS NZ  HZ1  sing N N 214 
LYS NZ  HZ2  sing N N 215 
LYS NZ  HZ3  sing N N 216 
LYS OXT HXT  sing N N 217 
MET N   CA   sing N N 218 
MET N   H    sing N N 219 
MET N   H2   sing N N 220 
MET CA  C    sing N N 221 
MET CA  CB   sing N N 222 
MET CA  HA   sing N N 223 
MET C   O    doub N N 224 
MET C   OXT  sing N N 225 
MET CB  CG   sing N N 226 
MET CB  HB2  sing N N 227 
MET CB  HB3  sing N N 228 
MET CG  SD   sing N N 229 
MET CG  HG2  sing N N 230 
MET CG  HG3  sing N N 231 
MET SD  CE   sing N N 232 
MET CE  HE1  sing N N 233 
MET CE  HE2  sing N N 234 
MET CE  HE3  sing N N 235 
MET OXT HXT  sing N N 236 
PHE N   CA   sing N N 237 
PHE N   H    sing N N 238 
PHE N   H2   sing N N 239 
PHE CA  C    sing N N 240 
PHE CA  CB   sing N N 241 
PHE CA  HA   sing N N 242 
PHE C   O    doub N N 243 
PHE C   OXT  sing N N 244 
PHE CB  CG   sing N N 245 
PHE CB  HB2  sing N N 246 
PHE CB  HB3  sing N N 247 
PHE CG  CD1  doub Y N 248 
PHE CG  CD2  sing Y N 249 
PHE CD1 CE1  sing Y N 250 
PHE CD1 HD1  sing N N 251 
PHE CD2 CE2  doub Y N 252 
PHE CD2 HD2  sing N N 253 
PHE CE1 CZ   doub Y N 254 
PHE CE1 HE1  sing N N 255 
PHE CE2 CZ   sing Y N 256 
PHE CE2 HE2  sing N N 257 
PHE CZ  HZ   sing N N 258 
PHE OXT HXT  sing N N 259 
PRO N   CA   sing N N 260 
PRO N   CD   sing N N 261 
PRO N   H    sing N N 262 
PRO CA  C    sing N N 263 
PRO CA  CB   sing N N 264 
PRO CA  HA   sing N N 265 
PRO C   O    doub N N 266 
PRO C   OXT  sing N N 267 
PRO CB  CG   sing N N 268 
PRO CB  HB2  sing N N 269 
PRO CB  HB3  sing N N 270 
PRO CG  CD   sing N N 271 
PRO CG  HG2  sing N N 272 
PRO CG  HG3  sing N N 273 
PRO CD  HD2  sing N N 274 
PRO CD  HD3  sing N N 275 
PRO OXT HXT  sing N N 276 
SER N   CA   sing N N 277 
SER N   H    sing N N 278 
SER N   H2   sing N N 279 
SER CA  C    sing N N 280 
SER CA  CB   sing N N 281 
SER CA  HA   sing N N 282 
SER C   O    doub N N 283 
SER C   OXT  sing N N 284 
SER CB  OG   sing N N 285 
SER CB  HB2  sing N N 286 
SER CB  HB3  sing N N 287 
SER OG  HG   sing N N 288 
SER OXT HXT  sing N N 289 
SF4 FE1 S2   sing N N 290 
SF4 FE1 S3   sing N N 291 
SF4 FE1 S4   sing N N 292 
SF4 FE2 S1   sing N N 293 
SF4 FE2 S3   sing N N 294 
SF4 FE2 S4   sing N N 295 
SF4 FE3 S1   sing N N 296 
SF4 FE3 S2   sing N N 297 
SF4 FE3 S4   sing N N 298 
SF4 FE4 S1   sing N N 299 
SF4 FE4 S2   sing N N 300 
SF4 FE4 S3   sing N N 301 
SO4 S   O1   doub N N 302 
SO4 S   O2   doub N N 303 
SO4 S   O3   sing N N 304 
SO4 S   O4   sing N N 305 
THR N   CA   sing N N 306 
THR N   H    sing N N 307 
THR N   H2   sing N N 308 
THR CA  C    sing N N 309 
THR CA  CB   sing N N 310 
THR CA  HA   sing N N 311 
THR C   O    doub N N 312 
THR C   OXT  sing N N 313 
THR CB  OG1  sing N N 314 
THR CB  CG2  sing N N 315 
THR CB  HB   sing N N 316 
THR OG1 HG1  sing N N 317 
THR CG2 HG21 sing N N 318 
THR CG2 HG22 sing N N 319 
THR CG2 HG23 sing N N 320 
THR OXT HXT  sing N N 321 
TRP N   CA   sing N N 322 
TRP N   H    sing N N 323 
TRP N   H2   sing N N 324 
TRP CA  C    sing N N 325 
TRP CA  CB   sing N N 326 
TRP CA  HA   sing N N 327 
TRP C   O    doub N N 328 
TRP C   OXT  sing N N 329 
TRP CB  CG   sing N N 330 
TRP CB  HB2  sing N N 331 
TRP CB  HB3  sing N N 332 
TRP CG  CD1  doub Y N 333 
TRP CG  CD2  sing Y N 334 
TRP CD1 NE1  sing Y N 335 
TRP CD1 HD1  sing N N 336 
TRP CD2 CE2  doub Y N 337 
TRP CD2 CE3  sing Y N 338 
TRP NE1 CE2  sing Y N 339 
TRP NE1 HE1  sing N N 340 
TRP CE2 CZ2  sing Y N 341 
TRP CE3 CZ3  doub Y N 342 
TRP CE3 HE3  sing N N 343 
TRP CZ2 CH2  doub Y N 344 
TRP CZ2 HZ2  sing N N 345 
TRP CZ3 CH2  sing Y N 346 
TRP CZ3 HZ3  sing N N 347 
TRP CH2 HH2  sing N N 348 
TRP OXT HXT  sing N N 349 
TYR N   CA   sing N N 350 
TYR N   H    sing N N 351 
TYR N   H2   sing N N 352 
TYR CA  C    sing N N 353 
TYR CA  CB   sing N N 354 
TYR CA  HA   sing N N 355 
TYR C   O    doub N N 356 
TYR C   OXT  sing N N 357 
TYR CB  CG   sing N N 358 
TYR CB  HB2  sing N N 359 
TYR CB  HB3  sing N N 360 
TYR CG  CD1  doub Y N 361 
TYR CG  CD2  sing Y N 362 
TYR CD1 CE1  sing Y N 363 
TYR CD1 HD1  sing N N 364 
TYR CD2 CE2  doub Y N 365 
TYR CD2 HD2  sing N N 366 
TYR CE1 CZ   doub Y N 367 
TYR CE1 HE1  sing N N 368 
TYR CE2 CZ   sing Y N 369 
TYR CE2 HE2  sing N N 370 
TYR CZ  OH   sing N N 371 
TYR OH  HH   sing N N 372 
TYR OXT HXT  sing N N 373 
VAL N   CA   sing N N 374 
VAL N   H    sing N N 375 
VAL N   H2   sing N N 376 
VAL CA  C    sing N N 377 
VAL CA  CB   sing N N 378 
VAL CA  HA   sing N N 379 
VAL C   O    doub N N 380 
VAL C   OXT  sing N N 381 
VAL CB  CG1  sing N N 382 
VAL CB  CG2  sing N N 383 
VAL CB  HB   sing N N 384 
VAL CG1 HG11 sing N N 385 
VAL CG1 HG12 sing N N 386 
VAL CG1 HG13 sing N N 387 
VAL CG2 HG21 sing N N 388 
VAL CG2 HG22 sing N N 389 
VAL CG2 HG23 sing N N 390 
VAL OXT HXT  sing N N 391 
# 
_atom_sites.entry_id                    1DJ7 
_atom_sites.fract_transf_matrix[1][1]   -0.00558094 
_atom_sites.fract_transf_matrix[1][2]   -0.00201916 
_atom_sites.fract_transf_matrix[1][3]   -0.02126429 
_atom_sites.fract_transf_matrix[2][1]   0.01730798 
_atom_sites.fract_transf_matrix[2][2]   -0.01330699 
_atom_sites.fract_transf_matrix[2][3]   -0.00327901 
_atom_sites.fract_transf_matrix[3][1]   -0.00329359 
_atom_sites.fract_transf_matrix[3][2]   -0.00460461 
_atom_sites.fract_transf_matrix[3][3]   0.00130166 
_atom_sites.fract_transf_vector[1]      0.383173 
_atom_sites.fract_transf_vector[2]      0.382171 
_atom_sites.fract_transf_vector[3]      0.173799 
# 
loop_
_atom_type.symbol 
C  
FE 
N  
O  
S  
# 
loop_
_atom_site.group_PDB 
_atom_site.id 
_atom_site.type_symbol 
_atom_site.label_atom_id 
_atom_site.label_alt_id 
_atom_site.label_comp_id 
_atom_site.label_asym_id 
_atom_site.label_entity_id 
_atom_site.label_seq_id 
_atom_site.pdbx_PDB_ins_code 
_atom_site.Cartn_x 
_atom_site.Cartn_y 
_atom_site.Cartn_z 
_atom_site.occupancy 
_atom_site.B_iso_or_equiv 
_atom_site.pdbx_formal_charge 
_atom_site.auth_seq_id 
_atom_site.auth_comp_id 
_atom_site.auth_asym_id 
_atom_site.auth_atom_id 
_atom_site.pdbx_PDB_model_num 
ATOM   1    N  N   . ASN A 1 7   ? -20.874 -8.382  4.204   1.00 52.83 ? 7   ASN A N   1 
ATOM   2    C  CA  . ASN A 1 7   ? -20.444 -9.803  4.244   1.00 51.32 ? 7   ASN A CA  1 
ATOM   3    C  C   . ASN A 1 7   ? -19.511 -10.052 5.411   1.00 53.03 ? 7   ASN A C   1 
ATOM   4    O  O   . ASN A 1 7   ? -18.300 -10.020 5.470   1.00 54.58 ? 7   ASN A O   1 
ATOM   5    C  CB  . ASN A 1 7   ? -19.951 -10.279 2.866   1.00 46.34 ? 7   ASN A CB  1 
ATOM   6    C  CG  . ASN A 1 7   ? -20.418 -11.724 2.718   1.00 41.12 ? 7   ASN A CG  1 
ATOM   7    O  OD1 . ASN A 1 7   ? -19.749 -12.581 3.287   1.00 41.49 ? 7   ASN A OD1 1 
ATOM   8    N  ND2 . ASN A 1 7   ? -21.540 -11.956 2.054   1.00 41.43 ? 7   ASN A ND2 1 
ATOM   9    N  N   . ASN A 1 8   ? -20.176 -10.433 6.506   1.00 52.54 ? 8   ASN A N   1 
ATOM   10   C  CA  . ASN A 1 8   ? -19.599 -10.785 7.799   1.00 50.17 ? 8   ASN A CA  1 
ATOM   11   C  C   . ASN A 1 8   ? -18.527 -11.861 7.724   1.00 52.32 ? 8   ASN A C   1 
ATOM   12   O  O   . ASN A 1 8   ? -17.628 -11.932 8.566   1.00 53.19 ? 8   ASN A O   1 
ATOM   13   C  CB  . ASN A 1 8   ? -20.763 -11.214 8.689   1.00 45.23 ? 8   ASN A CB  1 
ATOM   14   C  CG  . ASN A 1 8   ? -21.602 -9.996  9.052   1.00 39.94 ? 8   ASN A CG  1 
ATOM   15   O  OD1 . ASN A 1 8   ? -21.024 -8.988  9.436   1.00 41.12 ? 8   ASN A OD1 1 
ATOM   16   N  ND2 . ASN A 1 8   ? -22.921 -10.102 8.949   1.00 40.45 ? 8   ASN A ND2 1 
ATOM   17   N  N   . LYS A 1 9   ? -18.619 -12.710 6.704   1.00 52.84 ? 9   LYS A N   1 
ATOM   18   C  CA  . LYS A 1 9   ? -17.604 -13.686 6.355   1.00 52.23 ? 9   LYS A CA  1 
ATOM   19   C  C   . LYS A 1 9   ? -16.405 -12.868 5.858   1.00 51.33 ? 9   LYS A C   1 
ATOM   20   O  O   . LYS A 1 9   ? -15.266 -13.100 6.242   1.00 51.49 ? 9   LYS A O   1 
ATOM   21   C  CB  . LYS A 1 9   ? -18.074 -14.612 5.249   1.00 52.42 ? 9   LYS A CB  1 
ATOM   22   N  N   . THR A 1 10  ? -16.681 -11.867 5.030   1.00 49.93 ? 10  THR A N   1 
ATOM   23   C  CA  . THR A 1 10  ? -15.695 -10.932 4.513   1.00 48.66 ? 10  THR A CA  1 
ATOM   24   C  C   . THR A 1 10  ? -15.082 -10.114 5.645   1.00 47.93 ? 10  THR A C   1 
ATOM   25   O  O   . THR A 1 10  ? -13.860 -9.936  5.618   1.00 48.15 ? 10  THR A O   1 
ATOM   26   C  CB  . THR A 1 10  ? -16.314 -9.981  3.469   1.00 48.65 ? 10  THR A CB  1 
ATOM   27   O  OG1 . THR A 1 10  ? -16.958 -10.759 2.451   1.00 48.83 ? 10  THR A OG1 1 
ATOM   28   C  CG2 . THR A 1 10  ? -15.288 -9.050  2.857   1.00 48.93 ? 10  THR A CG2 1 
ATOM   29   N  N   . LEU A 1 11  ? -15.840 -9.667  6.646   1.00 47.06 ? 11  LEU A N   1 
ATOM   30   C  CA  . LEU A 1 11  ? -15.274 -8.942  7.775   1.00 46.42 ? 11  LEU A CA  1 
ATOM   31   C  C   . LEU A 1 11  ? -14.259 -9.799  8.529   1.00 45.75 ? 11  LEU A C   1 
ATOM   32   O  O   . LEU A 1 11  ? -13.187 -9.310  8.903   1.00 46.05 ? 11  LEU A O   1 
ATOM   33   C  CB  . LEU A 1 11  ? -16.330 -8.394  8.739   1.00 46.21 ? 11  LEU A CB  1 
ATOM   34   C  CG  . LEU A 1 11  ? -15.823 -7.577  9.931   1.00 46.32 ? 11  LEU A CG  1 
ATOM   35   C  CD1 . LEU A 1 11  ? -15.149 -6.300  9.444   1.00 46.46 ? 11  LEU A CD1 1 
ATOM   36   C  CD2 . LEU A 1 11  ? -16.943 -7.254  10.906  1.00 46.09 ? 11  LEU A CD2 1 
ATOM   37   N  N   . ALA A 1 12  ? -14.545 -11.087 8.698   1.00 44.74 ? 12  ALA A N   1 
ATOM   38   C  CA  . ALA A 1 12  ? -13.653 -12.022 9.365   1.00 43.02 ? 12  ALA A CA  1 
ATOM   39   C  C   . ALA A 1 12  ? -12.445 -12.338 8.485   1.00 42.03 ? 12  ALA A C   1 
ATOM   40   O  O   . ALA A 1 12  ? -11.324 -12.479 8.965   1.00 41.94 ? 12  ALA A O   1 
ATOM   41   C  CB  . ALA A 1 12  ? -14.367 -13.320 9.706   1.00 42.01 ? 12  ALA A CB  1 
ATOM   42   N  N   . ALA A 1 13  ? -12.676 -12.470 7.182   1.00 41.85 ? 13  ALA A N   1 
ATOM   43   C  CA  . ALA A 1 13  ? -11.560 -12.720 6.263   1.00 41.62 ? 13  ALA A CA  1 
ATOM   44   C  C   . ALA A 1 13  ? -10.611 -11.529 6.299   1.00 41.74 ? 13  ALA A C   1 
ATOM   45   O  O   . ALA A 1 13  ? -9.391  -11.731 6.357   1.00 42.03 ? 13  ALA A O   1 
ATOM   46   C  CB  . ALA A 1 13  ? -12.030 -13.014 4.851   1.00 41.97 ? 13  ALA A CB  1 
ATOM   47   N  N   . MET A 1 14  ? -11.141 -10.308 6.295   1.00 41.75 ? 14  MET A N   1 
ATOM   48   C  CA  . MET A 1 14  ? -10.279 -9.131  6.337   1.00 41.61 ? 14  MET A CA  1 
ATOM   49   C  C   . MET A 1 14  ? -9.454  -9.041  7.611   1.00 41.58 ? 14  MET A C   1 
ATOM   50   O  O   . MET A 1 14  ? -8.283  -8.650  7.560   1.00 42.14 ? 14  MET A O   1 
ATOM   51   C  CB  . MET A 1 14  ? -11.117 -7.859  6.159   1.00 42.42 ? 14  MET A CB  1 
ATOM   52   C  CG  . MET A 1 14  ? -10.252 -6.694  5.737   1.00 42.90 ? 14  MET A CG  1 
ATOM   53   S  SD  . MET A 1 14  ? -9.517  -6.934  4.104   1.00 43.30 ? 14  MET A SD  1 
ATOM   54   C  CE  . MET A 1 14  ? -10.979 -7.184  3.115   1.00 44.01 ? 14  MET A CE  1 
ATOM   55   N  N   . LYS A 1 15  ? -10.023 -9.352  8.762   1.00 41.47 ? 15  LYS A N   1 
ATOM   56   C  CA  . LYS A 1 15  ? -9.338  -9.361  10.047  1.00 42.13 ? 15  LYS A CA  1 
ATOM   57   C  C   . LYS A 1 15  ? -8.165  -10.337 10.034  1.00 42.17 ? 15  LYS A C   1 
ATOM   58   O  O   . LYS A 1 15  ? -7.068  -10.070 10.524  1.00 41.38 ? 15  LYS A O   1 
ATOM   59   C  CB  . LYS A 1 15  ? -10.297 -9.797  11.153  1.00 43.23 ? 15  LYS A CB  1 
ATOM   60   C  CG  . LYS A 1 15  ? -9.679  -9.976  12.536  1.00 45.25 ? 15  LYS A CG  1 
ATOM   61   C  CD  . LYS A 1 15  ? -10.367 -11.117 13.263  1.00 46.30 ? 15  LYS A CD  1 
ATOM   62   C  CE  . LYS A 1 15  ? -9.906  -11.303 14.688  1.00 46.81 ? 15  LYS A CE  1 
ATOM   63   N  NZ  . LYS A 1 15  ? -8.758  -12.222 14.859  1.00 47.00 ? 15  LYS A NZ  1 
ATOM   64   N  N   . ASN A 1 16  ? -8.412  -11.522 9.481   1.00 42.67 ? 16  ASN A N   1 
ATOM   65   C  CA  . ASN A 1 16  ? -7.392  -12.554 9.375   1.00 43.51 ? 16  ASN A CA  1 
ATOM   66   C  C   . ASN A 1 16  ? -6.271  -12.094 8.443   1.00 41.63 ? 16  ASN A C   1 
ATOM   67   O  O   . ASN A 1 16  ? -5.103  -12.343 8.741   1.00 40.91 ? 16  ASN A O   1 
ATOM   68   C  CB  . ASN A 1 16  ? -7.999  -13.850 8.841   1.00 45.68 ? 16  ASN A CB  1 
ATOM   69   C  CG  . ASN A 1 16  ? -6.988  -14.984 8.857   1.00 47.85 ? 16  ASN A CG  1 
ATOM   70   O  OD1 . ASN A 1 16  ? -6.700  -15.563 7.807   1.00 49.35 ? 16  ASN A OD1 1 
ATOM   71   N  ND2 . ASN A 1 16  ? -6.464  -15.290 10.033  1.00 48.54 ? 16  ASN A ND2 1 
ATOM   72   N  N   . PHE A 1 17  ? -6.644  -11.440 7.351   1.00 40.15 ? 17  PHE A N   1 
ATOM   73   C  CA  . PHE A 1 17  ? -5.665  -10.907 6.417   1.00 39.67 ? 17  PHE A CA  1 
ATOM   74   C  C   . PHE A 1 17  ? -4.742  -9.928  7.134   1.00 39.04 ? 17  PHE A C   1 
ATOM   75   O  O   . PHE A 1 17  ? -3.522  -9.963  7.009   1.00 37.93 ? 17  PHE A O   1 
ATOM   76   C  CB  . PHE A 1 17  ? -6.348  -10.208 5.239   1.00 40.60 ? 17  PHE A CB  1 
ATOM   77   C  CG  . PHE A 1 17  ? -5.533  -9.089  4.644   1.00 41.50 ? 17  PHE A CG  1 
ATOM   78   C  CD1 . PHE A 1 17  ? -4.477  -9.349  3.803   1.00 41.86 ? 17  PHE A CD1 1 
ATOM   79   C  CD2 . PHE A 1 17  ? -5.843  -7.777  4.965   1.00 42.06 ? 17  PHE A CD2 1 
ATOM   80   C  CE1 . PHE A 1 17  ? -3.729  -8.316  3.271   1.00 42.08 ? 17  PHE A CE1 1 
ATOM   81   C  CE2 . PHE A 1 17  ? -5.096  -6.732  4.441   1.00 41.96 ? 17  PHE A CE2 1 
ATOM   82   C  CZ  . PHE A 1 17  ? -4.037  -7.008  3.596   1.00 42.17 ? 17  PHE A CZ  1 
ATOM   83   N  N   . ALA A 1 18  ? -5.350  -8.966  7.841   1.00 38.68 ? 18  ALA A N   1 
ATOM   84   C  CA  . ALA A 1 18  ? -4.589  -7.930  8.520   1.00 38.21 ? 18  ALA A CA  1 
ATOM   85   C  C   . ALA A 1 18  ? -3.589  -8.516  9.509   1.00 37.90 ? 18  ALA A C   1 
ATOM   86   O  O   . ALA A 1 18  ? -2.432  -8.107  9.550   1.00 38.03 ? 18  ALA A O   1 
ATOM   87   C  CB  . ALA A 1 18  ? -5.534  -6.953  9.210   1.00 37.74 ? 18  ALA A CB  1 
ATOM   88   N  N   . GLU A 1 19  ? -4.023  -9.509  10.272  1.00 38.09 ? 19  GLU A N   1 
ATOM   89   C  CA  . GLU A 1 19  ? -3.193  -10.142 11.278  1.00 38.27 ? 19  GLU A CA  1 
ATOM   90   C  C   . GLU A 1 19  ? -2.064  -10.938 10.606  1.00 38.63 ? 19  GLU A C   1 
ATOM   91   O  O   . GLU A 1 19  ? -0.937  -10.825 11.081  1.00 38.60 ? 19  GLU A O   1 
ATOM   92   C  CB  . GLU A 1 19  ? -3.993  -11.060 12.193  1.00 39.65 ? 19  GLU A CB  1 
ATOM   93   C  CG  . GLU A 1 19  ? -5.156  -10.376 12.914  1.00 40.45 ? 19  GLU A CG  1 
ATOM   94   C  CD  . GLU A 1 19  ? -5.886  -11.359 13.807  1.00 41.42 ? 19  GLU A CD  1 
ATOM   95   O  OE1 . GLU A 1 19  ? -5.982  -12.537 13.400  1.00 42.51 ? 19  GLU A OE1 1 
ATOM   96   O  OE2 . GLU A 1 19  ? -6.343  -10.993 14.907  1.00 40.91 ? 19  GLU A OE2 1 
ATOM   97   N  N   . GLN A 1 20  ? -2.364  -11.621 9.513   1.00 39.18 ? 20  GLN A N   1 
ATOM   98   C  CA  . GLN A 1 20  ? -1.313  -12.388 8.834   1.00 40.71 ? 20  GLN A CA  1 
ATOM   99   C  C   . GLN A 1 20  ? -0.336  -11.462 8.127   1.00 39.70 ? 20  GLN A C   1 
ATOM   100  O  O   . GLN A 1 20  ? 0.872   -11.754 8.116   1.00 39.41 ? 20  GLN A O   1 
ATOM   101  C  CB  . GLN A 1 20  ? -1.893  -13.416 7.874   1.00 44.07 ? 20  GLN A CB  1 
ATOM   102  C  CG  . GLN A 1 20  ? -2.385  -12.959 6.528   1.00 48.51 ? 20  GLN A CG  1 
ATOM   103  C  CD  . GLN A 1 20  ? -3.457  -13.807 5.883   1.00 51.07 ? 20  GLN A CD  1 
ATOM   104  O  OE1 . GLN A 1 20  ? -3.964  -14.768 6.469   1.00 52.31 ? 20  GLN A OE1 1 
ATOM   105  N  NE2 . GLN A 1 20  ? -3.841  -13.474 4.650   1.00 52.40 ? 20  GLN A NE2 1 
ATOM   106  N  N   . TYR A 1 21  ? -0.835  -10.365 7.554   1.00 38.84 ? 21  TYR A N   1 
ATOM   107  C  CA  . TYR A 1 21  ? 0.048   -9.441  6.844   1.00 37.06 ? 21  TYR A CA  1 
ATOM   108  C  C   . TYR A 1 21  ? 0.968   -8.706  7.799   1.00 36.19 ? 21  TYR A C   1 
ATOM   109  O  O   . TYR A 1 21  ? 2.167   -8.587  7.488   1.00 35.82 ? 21  TYR A O   1 
ATOM   110  C  CB  . TYR A 1 21  ? -0.726  -8.491  5.927   1.00 37.12 ? 21  TYR A CB  1 
ATOM   111  C  CG  . TYR A 1 21  ? 0.155   -7.771  4.929   1.00 37.48 ? 21  TYR A CG  1 
ATOM   112  C  CD1 . TYR A 1 21  ? 0.675   -8.456  3.837   1.00 36.99 ? 21  TYR A CD1 1 
ATOM   113  C  CD2 . TYR A 1 21  ? 0.472   -6.431  5.065   1.00 37.27 ? 21  TYR A CD2 1 
ATOM   114  C  CE1 . TYR A 1 21  ? 1.491   -7.844  2.909   1.00 37.34 ? 21  TYR A CE1 1 
ATOM   115  C  CE2 . TYR A 1 21  ? 1.295   -5.810  4.146   1.00 36.73 ? 21  TYR A CE2 1 
ATOM   116  C  CZ  . TYR A 1 21  ? 1.788   -6.512  3.075   1.00 36.99 ? 21  TYR A CZ  1 
ATOM   117  O  OH  . TYR A 1 21  ? 2.610   -5.878  2.154   1.00 37.31 ? 21  TYR A OH  1 
ATOM   118  N  N   . ALA A 1 22  ? 0.487   -8.312  8.973   1.00 35.55 ? 22  ALA A N   1 
ATOM   119  C  CA  . ALA A 1 22  ? 1.297   -7.649  9.979   1.00 35.53 ? 22  ALA A CA  1 
ATOM   120  C  C   . ALA A 1 22  ? 2.433   -8.561  10.435  1.00 37.40 ? 22  ALA A C   1 
ATOM   121  O  O   . ALA A 1 22  ? 3.591   -8.162  10.538  1.00 37.64 ? 22  ALA A O   1 
ATOM   122  C  CB  . ALA A 1 22  ? 0.442   -7.219  11.164  1.00 34.67 ? 22  ALA A CB  1 
ATOM   123  N  N   . LYS A 1 23  ? 2.116   -9.842  10.639  1.00 38.97 ? 23  LYS A N   1 
ATOM   124  C  CA  . LYS A 1 23  ? 3.167   -10.773 11.050  1.00 39.84 ? 23  LYS A CA  1 
ATOM   125  C  C   . LYS A 1 23  ? 4.182   -10.999 9.939   1.00 39.40 ? 23  LYS A C   1 
ATOM   126  O  O   . LYS A 1 23  ? 5.377   -11.022 10.242  1.00 40.27 ? 23  LYS A O   1 
ATOM   127  C  CB  . LYS A 1 23  ? 2.553   -12.105 11.491  1.00 41.28 ? 23  LYS A CB  1 
ATOM   128  C  CG  . LYS A 1 23  ? 1.729   -11.969 12.759  1.00 43.37 ? 23  LYS A CG  1 
ATOM   129  C  CD  . LYS A 1 23  ? 0.880   -13.207 12.989  1.00 44.84 ? 23  LYS A CD  1 
ATOM   130  C  CE  . LYS A 1 23  ? -0.046  -12.990 14.175  1.00 46.08 ? 23  LYS A CE  1 
ATOM   131  N  NZ  . LYS A 1 23  ? -0.718  -14.251 14.582  1.00 47.40 ? 23  LYS A NZ  1 
ATOM   132  N  N   . ARG A 1 24  ? 3.759   -11.159 8.691   1.00 38.07 ? 24  ARG A N   1 
ATOM   133  C  CA  . ARG A 1 24  ? 4.683   -11.400 7.587   1.00 38.17 ? 24  ARG A CA  1 
ATOM   134  C  C   . ARG A 1 24  ? 5.591   -10.224 7.276   1.00 38.03 ? 24  ARG A C   1 
ATOM   135  O  O   . ARG A 1 24  ? 6.669   -10.432 6.714   1.00 38.40 ? 24  ARG A O   1 
ATOM   136  C  CB  . ARG A 1 24  ? 3.930   -11.753 6.307   1.00 38.77 ? 24  ARG A CB  1 
ATOM   137  N  N   . THR A 1 25  ? 5.163   -9.006  7.572   1.00 37.64 ? 25  THR A N   1 
ATOM   138  C  CA  . THR A 1 25  ? 5.943   -7.818  7.277   1.00 36.87 ? 25  THR A CA  1 
ATOM   139  C  C   . THR A 1 25  ? 6.628   -7.226  8.493   1.00 37.34 ? 25  THR A C   1 
ATOM   140  O  O   . THR A 1 25  ? 7.188   -6.132  8.448   1.00 37.79 ? 25  THR A O   1 
ATOM   141  C  CB  . THR A 1 25  ? 5.033   -6.734  6.642   1.00 36.51 ? 25  THR A CB  1 
ATOM   142  O  OG1 . THR A 1 25  ? 3.935   -6.457  7.528   1.00 36.39 ? 25  THR A OG1 1 
ATOM   143  C  CG2 . THR A 1 25  ? 4.498   -7.189  5.294   1.00 35.43 ? 25  THR A CG2 1 
ATOM   144  N  N   . ASP A 1 26  ? 6.552   -7.889  9.653   1.00 37.25 ? 26  ASP A N   1 
ATOM   145  C  CA  . ASP A 1 26  ? 7.119   -7.372  10.884  1.00 37.64 ? 26  ASP A CA  1 
ATOM   146  C  C   . ASP A 1 26  ? 6.565   -5.979  11.192  1.00 36.09 ? 26  ASP A C   1 
ATOM   147  O  O   . ASP A 1 26  ? 7.302   -5.063  11.506  1.00 36.19 ? 26  ASP A O   1 
ATOM   148  C  CB  . ASP A 1 26  ? 8.645   -7.284  10.892  1.00 40.99 ? 26  ASP A CB  1 
ATOM   149  C  CG  . ASP A 1 26  ? 9.314   -8.630  10.723  1.00 44.36 ? 26  ASP A CG  1 
ATOM   150  O  OD1 . ASP A 1 26  ? 8.734   -9.642  11.153  1.00 46.03 ? 26  ASP A OD1 1 
ATOM   151  O  OD2 . ASP A 1 26  ? 10.416  -8.672  10.131  1.00 46.19 ? 26  ASP A OD2 1 
ATOM   152  N  N   . THR A 1 27  ? 5.251   -5.839  11.036  1.00 34.99 ? 27  THR A N   1 
ATOM   153  C  CA  . THR A 1 27  ? 4.600   -4.564  11.327  1.00 35.04 ? 27  THR A CA  1 
ATOM   154  C  C   . THR A 1 27  ? 3.569   -4.842  12.410  1.00 35.48 ? 27  THR A C   1 
ATOM   155  O  O   . THR A 1 27  ? 3.274   -5.988  12.719  1.00 36.09 ? 27  THR A O   1 
ATOM   156  C  CB  . THR A 1 27  ? 3.967   -3.860  10.129  1.00 34.57 ? 27  THR A CB  1 
ATOM   157  O  OG1 . THR A 1 27  ? 3.088   -4.748  9.450   1.00 33.75 ? 27  THR A OG1 1 
ATOM   158  C  CG2 . THR A 1 27  ? 5.048   -3.375  9.158   1.00 35.23 ? 27  THR A CG2 1 
ATOM   159  N  N   . TYR A 1 28  ? 3.172   -3.787  13.109  1.00 36.52 ? 28  TYR A N   1 
ATOM   160  C  CA  . TYR A 1 28  ? 2.331   -3.862  14.281  1.00 37.78 ? 28  TYR A CA  1 
ATOM   161  C  C   . TYR A 1 28  ? 1.070   -3.023  14.211  1.00 36.80 ? 28  TYR A C   1 
ATOM   162  O  O   . TYR A 1 28  ? 1.046   -2.031  13.494  1.00 35.85 ? 28  TYR A O   1 
ATOM   163  C  CB  . TYR A 1 28  ? 3.163   -3.319  15.476  1.00 39.99 ? 28  TYR A CB  1 
ATOM   164  C  CG  . TYR A 1 28  ? 4.270   -4.295  15.826  1.00 42.69 ? 28  TYR A CG  1 
ATOM   165  C  CD1 . TYR A 1 28  ? 3.999   -5.305  16.741  1.00 43.92 ? 28  TYR A CD1 1 
ATOM   166  C  CD2 . TYR A 1 28  ? 5.516   -4.234  15.240  1.00 43.86 ? 28  TYR A CD2 1 
ATOM   167  C  CE1 . TYR A 1 28  ? 4.972   -6.232  17.068  1.00 45.75 ? 28  TYR A CE1 1 
ATOM   168  C  CE2 . TYR A 1 28  ? 6.498   -5.158  15.552  1.00 45.60 ? 28  TYR A CE2 1 
ATOM   169  C  CZ  . TYR A 1 28  ? 6.214   -6.140  16.470  1.00 46.64 ? 28  TYR A CZ  1 
ATOM   170  O  OH  . TYR A 1 28  ? 7.176   -7.069  16.814  1.00 48.94 ? 28  TYR A OH  1 
ATOM   171  N  N   . PHE A 1 29  ? 0.055   -3.374  14.995  1.00 37.31 ? 29  PHE A N   1 
ATOM   172  C  CA  . PHE A 1 29  ? -1.158  -2.567  14.958  1.00 36.85 ? 29  PHE A CA  1 
ATOM   173  C  C   . PHE A 1 29  ? -1.004  -1.316  15.816  1.00 38.12 ? 29  PHE A C   1 
ATOM   174  O  O   . PHE A 1 29  ? -0.148  -1.246  16.691  1.00 38.72 ? 29  PHE A O   1 
ATOM   175  C  CB  . PHE A 1 29  ? -2.346  -3.389  15.417  1.00 35.53 ? 29  PHE A CB  1 
ATOM   176  C  CG  . PHE A 1 29  ? -2.780  -4.484  14.503  1.00 34.38 ? 29  PHE A CG  1 
ATOM   177  C  CD1 . PHE A 1 29  ? -2.553  -4.443  13.141  1.00 34.36 ? 29  PHE A CD1 1 
ATOM   178  C  CD2 . PHE A 1 29  ? -3.437  -5.598  15.026  1.00 34.21 ? 29  PHE A CD2 1 
ATOM   179  C  CE1 . PHE A 1 29  ? -2.974  -5.449  12.298  1.00 34.70 ? 29  PHE A CE1 1 
ATOM   180  C  CE2 . PHE A 1 29  ? -3.862  -6.611  14.188  1.00 34.04 ? 29  PHE A CE2 1 
ATOM   181  C  CZ  . PHE A 1 29  ? -3.629  -6.544  12.826  1.00 34.69 ? 29  PHE A CZ  1 
ATOM   182  N  N   . CYS A 1 30  ? -1.832  -0.329  15.523  1.00 39.27 ? 30  CYS A N   1 
ATOM   183  C  CA  . CYS A 1 30  ? -1.878  0.907   16.305  1.00 40.21 ? 30  CYS A CA  1 
ATOM   184  C  C   . CYS A 1 30  ? -2.042  0.540   17.771  1.00 40.92 ? 30  CYS A C   1 
ATOM   185  O  O   . CYS A 1 30  ? -2.741  -0.427  18.097  1.00 40.45 ? 30  CYS A O   1 
ATOM   186  C  CB  . CYS A 1 30  ? -3.065  1.735   15.827  1.00 40.61 ? 30  CYS A CB  1 
ATOM   187  S  SG  . CYS A 1 30  ? -3.373  3.303   16.648  1.00 40.49 ? 30  CYS A SG  1 
ATOM   188  N  N   . SER A 1 31  ? -1.520  1.340   18.697  1.00 42.12 ? 31  SER A N   1 
ATOM   189  C  CA  . SER A 1 31  ? -1.683  1.067   20.122  1.00 43.93 ? 31  SER A CA  1 
ATOM   190  C  C   . SER A 1 31  ? -3.158  1.186   20.505  1.00 44.74 ? 31  SER A C   1 
ATOM   191  O  O   . SER A 1 31  ? -3.606  0.575   21.476  1.00 45.98 ? 31  SER A O   1 
ATOM   192  C  CB  . SER A 1 31  ? -0.786  1.919   20.999  1.00 45.02 ? 31  SER A CB  1 
ATOM   193  O  OG  . SER A 1 31  ? -0.829  3.279   20.655  1.00 45.77 ? 31  SER A OG  1 
ATOM   194  N  N   . ASP A 1 32  ? -3.929  1.952   19.753  1.00 44.73 ? 32  ASP A N   1 
ATOM   195  C  CA  . ASP A 1 32  ? -5.368  2.037   19.920  1.00 44.66 ? 32  ASP A CA  1 
ATOM   196  C  C   . ASP A 1 32  ? -5.994  1.114   18.866  1.00 42.76 ? 32  ASP A C   1 
ATOM   197  O  O   . ASP A 1 32  ? -6.213  1.503   17.716  1.00 41.52 ? 32  ASP A O   1 
ATOM   198  C  CB  . ASP A 1 32  ? -5.892  3.449   19.762  1.00 46.66 ? 32  ASP A CB  1 
ATOM   199  C  CG  . ASP A 1 32  ? -7.400  3.540   19.873  1.00 48.21 ? 32  ASP A CG  1 
ATOM   200  O  OD1 . ASP A 1 32  ? -8.089  2.538   20.126  1.00 49.12 ? 32  ASP A OD1 1 
ATOM   201  O  OD2 . ASP A 1 32  ? -7.884  4.676   19.701  1.00 49.41 ? 32  ASP A OD2 1 
ATOM   202  N  N   . LEU A 1 33  ? -6.393  -0.078  19.307  1.00 41.82 ? 33  LEU A N   1 
ATOM   203  C  CA  . LEU A 1 33  ? -6.984  -1.072  18.421  1.00 40.42 ? 33  LEU A CA  1 
ATOM   204  C  C   . LEU A 1 33  ? -8.300  -0.688  17.778  1.00 40.05 ? 33  LEU A C   1 
ATOM   205  O  O   . LEU A 1 33  ? -8.657  -1.292  16.750  1.00 38.61 ? 33  LEU A O   1 
ATOM   206  C  CB  . LEU A 1 33  ? -7.068  -2.435  19.126  1.00 40.37 ? 33  LEU A CB  1 
ATOM   207  C  CG  . LEU A 1 33  ? -5.724  -3.093  19.450  1.00 40.16 ? 33  LEU A CG  1 
ATOM   208  C  CD1 . LEU A 1 33  ? -5.916  -4.337  20.310  1.00 39.69 ? 33  LEU A CD1 1 
ATOM   209  C  CD2 . LEU A 1 33  ? -4.949  -3.470  18.193  1.00 40.08 ? 33  LEU A CD2 1 
ATOM   210  N  N   . SER A 1 34  ? -9.013  0.336   18.253  1.00 40.23 ? 34  SER A N   1 
ATOM   211  C  CA  . SER A 1 34  ? -10.233 0.781   17.592  1.00 40.06 ? 34  SER A CA  1 
ATOM   212  C  C   . SER A 1 34  ? -9.871  1.473   16.285  1.00 38.45 ? 34  SER A C   1 
ATOM   213  O  O   . SER A 1 34  ? -10.637 1.433   15.330  1.00 36.99 ? 34  SER A O   1 
ATOM   214  C  CB  . SER A 1 34  ? -11.092 1.685   18.471  1.00 41.92 ? 34  SER A CB  1 
ATOM   215  O  OG  . SER A 1 34  ? -10.586 2.995   18.546  1.00 43.86 ? 34  SER A OG  1 
ATOM   216  N  N   . VAL A 1 35  ? -8.676  2.049   16.185  1.00 38.16 ? 35  VAL A N   1 
ATOM   217  C  CA  . VAL A 1 35  ? -8.201  2.629   14.944  1.00 37.98 ? 35  VAL A CA  1 
ATOM   218  C  C   . VAL A 1 35  ? -8.069  1.521   13.896  1.00 36.73 ? 35  VAL A C   1 
ATOM   219  O  O   . VAL A 1 35  ? -8.546  1.565   12.775  1.00 36.00 ? 35  VAL A O   1 
ATOM   220  C  CB  . VAL A 1 35  ? -6.827  3.303   15.095  1.00 39.09 ? 35  VAL A CB  1 
ATOM   221  C  CG1 . VAL A 1 35  ? -6.272  3.689   13.735  1.00 39.47 ? 35  VAL A CG1 1 
ATOM   222  C  CG2 . VAL A 1 35  ? -6.930  4.508   16.008  1.00 40.19 ? 35  VAL A CG2 1 
ATOM   223  N  N   . THR A 1 36  ? -7.399  0.458   14.342  1.00 35.61 ? 36  THR A N   1 
ATOM   224  C  CA  . THR A 1 36  ? -7.218  -0.742  13.556  1.00 34.84 ? 36  THR A CA  1 
ATOM   225  C  C   . THR A 1 36  ? -8.562  -1.311  13.112  1.00 34.22 ? 36  THR A C   1 
ATOM   226  O  O   . THR A 1 36  ? -8.713  -1.717  11.969  1.00 34.38 ? 36  THR A O   1 
ATOM   227  C  CB  . THR A 1 36  ? -6.518  -1.821  14.412  1.00 34.96 ? 36  THR A CB  1 
ATOM   228  O  OG1 . THR A 1 36  ? -5.337  -1.311  15.048  1.00 34.64 ? 36  THR A OG1 1 
ATOM   229  C  CG2 . THR A 1 36  ? -6.208  -3.035  13.557  1.00 34.64 ? 36  THR A CG2 1 
ATOM   230  N  N   . ALA A 1 37  ? -9.507  -1.448  14.061  1.00 34.59 ? 37  ALA A N   1 
ATOM   231  C  CA  . ALA A 1 37  ? -10.806 -2.006  13.760  1.00 34.10 ? 37  ALA A CA  1 
ATOM   232  C  C   . ALA A 1 37  ? -11.594 -1.189  12.745  1.00 33.48 ? 37  ALA A C   1 
ATOM   233  O  O   . ALA A 1 37  ? -12.228 -1.769  11.861  1.00 32.71 ? 37  ALA A O   1 
ATOM   234  C  CB  . ALA A 1 37  ? -11.650 -2.213  15.016  1.00 34.63 ? 37  ALA A CB  1 
ATOM   235  N  N   . VAL A 1 38  ? -11.510 0.134   12.836  1.00 33.81 ? 38  VAL A N   1 
ATOM   236  C  CA  . VAL A 1 38  ? -12.220 0.983   11.877  1.00 34.24 ? 38  VAL A CA  1 
ATOM   237  C  C   . VAL A 1 38  ? -11.665 0.775   10.477  1.00 34.26 ? 38  VAL A C   1 
ATOM   238  O  O   . VAL A 1 38  ? -12.401 0.709   9.491   1.00 33.88 ? 38  VAL A O   1 
ATOM   239  C  CB  . VAL A 1 38  ? -12.125 2.442   12.337  1.00 35.37 ? 38  VAL A CB  1 
ATOM   240  C  CG1 . VAL A 1 38  ? -12.559 3.398   11.246  1.00 34.93 ? 38  VAL A CG1 1 
ATOM   241  C  CG2 . VAL A 1 38  ? -12.997 2.614   13.582  1.00 35.94 ? 38  VAL A CG2 1 
ATOM   242  N  N   . VAL A 1 39  ? -10.336 0.651   10.363  1.00 34.50 ? 39  VAL A N   1 
ATOM   243  C  CA  . VAL A 1 39  ? -9.749  0.443   9.047   1.00 34.46 ? 39  VAL A CA  1 
ATOM   244  C  C   . VAL A 1 39  ? -10.099 -0.940  8.528   1.00 34.53 ? 39  VAL A C   1 
ATOM   245  O  O   . VAL A 1 39  ? -10.440 -1.080  7.354   1.00 34.73 ? 39  VAL A O   1 
ATOM   246  C  CB  . VAL A 1 39  ? -8.226  0.662   9.071   1.00 33.72 ? 39  VAL A CB  1 
ATOM   247  C  CG1 . VAL A 1 39  ? -7.645  0.399   7.685   1.00 34.38 ? 39  VAL A CG1 1 
ATOM   248  C  CG2 . VAL A 1 39  ? -7.880  2.047   9.571   1.00 34.43 ? 39  VAL A CG2 1 
ATOM   249  N  N   . ILE A 1 40  ? -10.096 -1.953  9.402   1.00 34.83 ? 40  ILE A N   1 
ATOM   250  C  CA  . ILE A 1 40  ? -10.458 -3.302  8.942   1.00 35.42 ? 40  ILE A CA  1 
ATOM   251  C  C   . ILE A 1 40  ? -11.907 -3.326  8.474   1.00 36.08 ? 40  ILE A C   1 
ATOM   252  O  O   . ILE A 1 40  ? -12.168 -3.825  7.382   1.00 36.02 ? 40  ILE A O   1 
ATOM   253  C  CB  . ILE A 1 40  ? -10.170 -4.345  10.016  1.00 36.05 ? 40  ILE A CB  1 
ATOM   254  C  CG1 . ILE A 1 40  ? -8.661  -4.480  10.253  1.00 36.70 ? 40  ILE A CG1 1 
ATOM   255  C  CG2 . ILE A 1 40  ? -10.768 -5.704  9.628   1.00 36.20 ? 40  ILE A CG2 1 
ATOM   256  C  CD1 . ILE A 1 40  ? -8.264  -5.238  11.504  1.00 37.34 ? 40  ILE A CD1 1 
ATOM   257  N  N   . GLU A 1 41  ? -12.812 -2.662  9.197   1.00 37.24 ? 41  GLU A N   1 
ATOM   258  C  CA  . GLU A 1 41  ? -14.201 -2.631  8.751   1.00 38.21 ? 41  GLU A CA  1 
ATOM   259  C  C   . GLU A 1 41  ? -14.353 -1.890  7.434   1.00 38.07 ? 41  GLU A C   1 
ATOM   260  O  O   . GLU A 1 41  ? -15.129 -2.333  6.585   1.00 39.57 ? 41  GLU A O   1 
ATOM   261  C  CB  . GLU A 1 41  ? -15.126 -2.055  9.815   1.00 39.00 ? 41  GLU A CB  1 
ATOM   262  N  N   . GLY A 1 42  ? -13.596 -0.824  7.187   1.00 37.07 ? 42  GLY A N   1 
ATOM   263  C  CA  . GLY A 1 42  ? -13.697 -0.078  5.936   1.00 36.19 ? 42  GLY A CA  1 
ATOM   264  C  C   . GLY A 1 42  ? -13.202 -0.876  4.736   1.00 35.82 ? 42  GLY A C   1 
ATOM   265  O  O   . GLY A 1 42  ? -13.647 -0.723  3.603   1.00 36.04 ? 42  GLY A O   1 
ATOM   266  N  N   . LEU A 1 43  ? -12.174 -1.687  4.982   1.00 36.18 ? 43  LEU A N   1 
ATOM   267  C  CA  . LEU A 1 43  ? -11.602 -2.538  3.951   1.00 36.74 ? 43  LEU A CA  1 
ATOM   268  C  C   . LEU A 1 43  ? -12.650 -3.558  3.508   1.00 37.68 ? 43  LEU A C   1 
ATOM   269  O  O   . LEU A 1 43  ? -12.867 -3.740  2.309   1.00 38.27 ? 43  LEU A O   1 
ATOM   270  C  CB  . LEU A 1 43  ? -10.351 -3.266  4.440   1.00 36.27 ? 43  LEU A CB  1 
ATOM   271  C  CG  . LEU A 1 43  ? -9.049  -2.464  4.486   1.00 35.70 ? 43  LEU A CG  1 
ATOM   272  C  CD1 . LEU A 1 43  ? -7.973  -3.257  5.221   1.00 36.26 ? 43  LEU A CD1 1 
ATOM   273  C  CD2 . LEU A 1 43  ? -8.564  -2.133  3.092   1.00 34.93 ? 43  LEU A CD2 1 
ATOM   274  N  N   . ALA A 1 44  ? -13.310 -4.166  4.474   1.00 38.72 ? 44  ALA A N   1 
ATOM   275  C  CA  . ALA A 1 44  ? -14.364 -5.138  4.227   1.00 40.33 ? 44  ALA A CA  1 
ATOM   276  C  C   . ALA A 1 44  ? -15.537 -4.501  3.491   1.00 41.68 ? 44  ALA A C   1 
ATOM   277  O  O   . ALA A 1 44  ? -16.031 -5.046  2.508   1.00 43.12 ? 44  ALA A O   1 
ATOM   278  C  CB  . ALA A 1 44  ? -14.860 -5.734  5.534   1.00 40.19 ? 44  ALA A CB  1 
ATOM   279  N  N   . ARG A 1 45  ? -15.949 -3.328  3.929   1.00 43.12 ? 45  ARG A N   1 
ATOM   280  C  CA  . ARG A 1 45  ? -17.052 -2.603  3.297   1.00 45.01 ? 45  ARG A CA  1 
ATOM   281  C  C   . ARG A 1 45  ? -16.735 -2.362  1.834   1.00 44.40 ? 45  ARG A C   1 
ATOM   282  O  O   . ARG A 1 45  ? -17.500 -2.639  0.907   1.00 44.96 ? 45  ARG A O   1 
ATOM   283  C  CB  . ARG A 1 45  ? -17.297 -1.287  4.029   1.00 47.68 ? 45  ARG A CB  1 
ATOM   284  C  CG  . ARG A 1 45  ? -18.710 -0.752  3.872   1.00 51.40 ? 45  ARG A CG  1 
ATOM   285  C  CD  . ARG A 1 45  ? -19.001 0.307   4.925   1.00 54.31 ? 45  ARG A CD  1 
ATOM   286  N  NE  . ARG A 1 45  ? -20.415 0.534   5.094   1.00 57.04 ? 45  ARG A NE  1 
ATOM   287  C  CZ  . ARG A 1 45  ? -21.108 1.469   5.723   1.00 58.59 ? 45  ARG A CZ  1 
ATOM   288  N  NH1 . ARG A 1 45  ? -20.557 2.486   6.373   1.00 59.16 ? 45  ARG A NH1 1 
ATOM   289  N  NH2 . ARG A 1 45  ? -22.436 1.378   5.681   1.00 59.02 ? 45  ARG A NH2 1 
ATOM   290  N  N   . HIS A 1 46  ? -15.534 -1.811  1.596   1.00 43.47 ? 46  HIS A N   1 
ATOM   291  C  CA  . HIS A 1 46  ? -15.077 -1.588  0.243   1.00 43.26 ? 46  HIS A CA  1 
ATOM   292  C  C   . HIS A 1 46  ? -15.015 -2.892  -0.538  1.00 43.82 ? 46  HIS A C   1 
ATOM   293  O  O   . HIS A 1 46  ? -15.469 -2.931  -1.687  1.00 43.71 ? 46  HIS A O   1 
ATOM   294  C  CB  . HIS A 1 46  ? -13.682 -0.957  0.209   1.00 42.08 ? 46  HIS A CB  1 
ATOM   295  C  CG  . HIS A 1 46  ? -13.749 0.530   0.228   1.00 41.81 ? 46  HIS A CG  1 
ATOM   296  N  ND1 . HIS A 1 46  ? -14.870 1.283   -0.030  1.00 41.74 ? 46  HIS A ND1 1 
ATOM   297  C  CD2 . HIS A 1 46  ? -12.758 1.421   0.448   1.00 41.23 ? 46  HIS A CD2 1 
ATOM   298  C  CE1 . HIS A 1 46  ? -14.573 2.560   0.073   1.00 41.15 ? 46  HIS A CE1 1 
ATOM   299  N  NE2 . HIS A 1 46  ? -13.274 2.675   0.328   1.00 41.35 ? 46  HIS A NE2 1 
ATOM   300  N  N   . LYS A 1 47  ? -14.508 -3.962  0.060   1.00 45.06 ? 47  LYS A N   1 
ATOM   301  C  CA  . LYS A 1 47  ? -14.456 -5.244  -0.616  1.00 46.74 ? 47  LYS A CA  1 
ATOM   302  C  C   . LYS A 1 47  ? -15.865 -5.714  -0.988  1.00 47.24 ? 47  LYS A C   1 
ATOM   303  O  O   . LYS A 1 47  ? -16.040 -6.232  -2.090  1.00 46.75 ? 47  LYS A O   1 
ATOM   304  C  CB  . LYS A 1 47  ? -13.747 -6.324  0.202   1.00 48.44 ? 47  LYS A CB  1 
ATOM   305  C  CG  . LYS A 1 47  ? -13.691 -7.643  -0.540  1.00 50.21 ? 47  LYS A CG  1 
ATOM   306  C  CD  . LYS A 1 47  ? -12.683 -8.640  -0.013  1.00 52.13 ? 47  LYS A CD  1 
ATOM   307  C  CE  . LYS A 1 47  ? -12.718 -9.912  -0.858  1.00 53.53 ? 47  LYS A CE  1 
ATOM   308  N  NZ  . LYS A 1 47  ? -12.534 -9.623  -2.308  1.00 54.87 ? 47  LYS A NZ  1 
ATOM   309  N  N   . GLU A 1 48  ? -16.832 -5.499  -0.114  1.00 47.77 ? 48  GLU A N   1 
ATOM   310  C  CA  . GLU A 1 48  ? -18.206 -5.893  -0.433  1.00 48.73 ? 48  GLU A CA  1 
ATOM   311  C  C   . GLU A 1 48  ? -18.801 -5.045  -1.543  1.00 49.89 ? 48  GLU A C   1 
ATOM   312  O  O   . GLU A 1 48  ? -19.404 -5.567  -2.488  1.00 50.49 ? 48  GLU A O   1 
ATOM   313  C  CB  . GLU A 1 48  ? -19.043 -5.821  0.840   1.00 49.09 ? 48  GLU A CB  1 
ATOM   314  C  CG  . GLU A 1 48  ? -18.558 -6.779  1.916   1.00 49.11 ? 48  GLU A CG  1 
ATOM   315  C  CD  . GLU A 1 48  ? -18.877 -6.294  3.312   1.00 49.41 ? 48  GLU A CD  1 
ATOM   316  O  OE1 . GLU A 1 48  ? -19.657 -5.323  3.456   1.00 49.35 ? 48  GLU A OE1 1 
ATOM   317  O  OE2 . GLU A 1 48  ? -18.336 -6.881  4.277   1.00 49.94 ? 48  GLU A OE2 1 
ATOM   318  N  N   . GLU A 1 49  ? -18.644 -3.731  -1.466  1.00 50.26 ? 49  GLU A N   1 
ATOM   319  C  CA  . GLU A 1 49  ? -19.175 -2.784  -2.423  1.00 51.04 ? 49  GLU A CA  1 
ATOM   320  C  C   . GLU A 1 49  ? -18.501 -2.793  -3.786  1.00 50.21 ? 49  GLU A C   1 
ATOM   321  O  O   . GLU A 1 49  ? -19.152 -2.685  -4.831  1.00 50.12 ? 49  GLU A O   1 
ATOM   322  C  CB  . GLU A 1 49  ? -19.038 -1.357  -1.855  1.00 52.81 ? 49  GLU A CB  1 
ATOM   323  C  CG  . GLU A 1 49  ? -19.810 -1.094  -0.579  1.00 54.87 ? 49  GLU A CG  1 
ATOM   324  C  CD  . GLU A 1 49  ? -19.530 0.222   0.103   1.00 55.94 ? 49  GLU A CD  1 
ATOM   325  O  OE1 . GLU A 1 49  ? -18.450 0.806   -0.105  1.00 56.24 ? 49  GLU A OE1 1 
ATOM   326  O  OE2 . GLU A 1 49  ? -20.401 0.692   0.877   1.00 56.95 ? 49  GLU A OE2 1 
ATOM   327  N  N   . LEU A 1 50  ? -17.173 -2.875  -3.791  1.00 49.15 ? 50  LEU A N   1 
ATOM   328  C  CA  . LEU A 1 50  ? -16.391 -2.781  -5.016  1.00 48.00 ? 50  LEU A CA  1 
ATOM   329  C  C   . LEU A 1 50  ? -15.768 -4.064  -5.537  1.00 47.00 ? 50  LEU A C   1 
ATOM   330  O  O   . LEU A 1 50  ? -15.307 -4.101  -6.687  1.00 46.30 ? 50  LEU A O   1 
ATOM   331  C  CB  . LEU A 1 50  ? -15.295 -1.744  -4.758  1.00 48.03 ? 50  LEU A CB  1 
ATOM   332  C  CG  . LEU A 1 50  ? -15.418 -0.274  -5.029  1.00 48.30 ? 50  LEU A CG  1 
ATOM   333  C  CD1 . LEU A 1 50  ? -16.816 0.263   -5.162  1.00 48.60 ? 50  LEU A CD1 1 
ATOM   334  C  CD2 . LEU A 1 50  ? -14.625 0.564   -4.035  1.00 47.60 ? 50  LEU A CD2 1 
ATOM   335  N  N   . GLY A 1 51  ? -15.659 -5.112  -4.735  1.00 46.36 ? 51  GLY A N   1 
ATOM   336  C  CA  . GLY A 1 51  ? -15.055 -6.365  -5.148  1.00 45.80 ? 51  GLY A CA  1 
ATOM   337  C  C   . GLY A 1 51  ? -13.602 -6.525  -4.734  1.00 45.98 ? 51  GLY A C   1 
ATOM   338  O  O   . GLY A 1 51  ? -13.011 -7.596  -4.872  1.00 45.98 ? 51  GLY A O   1 
ATOM   339  N  N   . SER A 1 52  ? -12.980 -5.434  -4.304  1.00 45.03 ? 52  SER A N   1 
ATOM   340  C  CA  . SER A 1 52  ? -11.584 -5.430  -3.857  1.00 44.29 ? 52  SER A CA  1 
ATOM   341  C  C   . SER A 1 52  ? -11.459 -4.504  -2.660  1.00 42.60 ? 52  SER A C   1 
ATOM   342  O  O   . SER A 1 52  ? -12.220 -3.545  -2.496  1.00 42.23 ? 52  SER A O   1 
ATOM   343  C  CB  . SER A 1 52  ? -10.648 -4.968  -4.960  1.00 44.99 ? 52  SER A CB  1 
ATOM   344  O  OG  . SER A 1 52  ? -10.772 -5.697  -6.155  1.00 45.32 ? 52  SER A OG  1 
ATOM   345  N  N   . PRO A 1 53  ? -10.481 -4.743  -1.806  1.00 40.89 ? 53  PRO A N   1 
ATOM   346  C  CA  . PRO A 1 53  ? -10.252 -3.993  -0.585  1.00 40.22 ? 53  PRO A CA  1 
ATOM   347  C  C   . PRO A 1 53  ? -9.552  -2.668  -0.790  1.00 39.68 ? 53  PRO A C   1 
ATOM   348  O  O   . PRO A 1 53  ? -8.438  -2.442  -0.304  1.00 40.16 ? 53  PRO A O   1 
ATOM   349  C  CB  . PRO A 1 53  ? -9.438  -4.927  0.331   1.00 40.09 ? 53  PRO A CB  1 
ATOM   350  C  CG  . PRO A 1 53  ? -8.665  -5.710  -0.693  1.00 40.15 ? 53  PRO A CG  1 
ATOM   351  C  CD  . PRO A 1 53  ? -9.526  -5.852  -1.933  1.00 40.73 ? 53  PRO A CD  1 
ATOM   352  N  N   . LEU A 1 54  ? -10.223 -1.777  -1.507  1.00 38.86 ? 54  LEU A N   1 
ATOM   353  C  CA  . LEU A 1 54  ? -9.730  -0.441  -1.764  1.00 37.65 ? 54  LEU A CA  1 
ATOM   354  C  C   . LEU A 1 54  ? -9.470  0.220   -0.415  1.00 36.23 ? 54  LEU A C   1 
ATOM   355  O  O   . LEU A 1 54  ? -10.260 0.072   0.513   1.00 35.69 ? 54  LEU A O   1 
ATOM   356  C  CB  . LEU A 1 54  ? -10.763 0.333   -2.582  1.00 37.55 ? 54  LEU A CB  1 
ATOM   357  C  CG  . LEU A 1 54  ? -10.373 1.730   -3.049  1.00 37.89 ? 54  LEU A CG  1 
ATOM   358  C  CD1 . LEU A 1 54  ? -9.156  1.671   -3.970  1.00 38.19 ? 54  LEU A CD1 1 
ATOM   359  C  CD2 . LEU A 1 54  ? -11.524 2.424   -3.758  1.00 38.07 ? 54  LEU A CD2 1 
ATOM   360  N  N   . CYS A 1 55  ? -8.327  0.867   -0.241  1.00 35.05 ? 55  CYS A N   1 
ATOM   361  C  CA  . CYS A 1 55  ? -7.997  1.531   1.020   1.00 33.69 ? 55  CYS A CA  1 
ATOM   362  C  C   . CYS A 1 55  ? -9.142  2.447   1.445   1.00 33.70 ? 55  CYS A C   1 
ATOM   363  O  O   . CYS A 1 55  ? -9.586  3.292   0.668   1.00 32.75 ? 55  CYS A O   1 
ATOM   364  C  CB  . CYS A 1 55  ? -6.775  2.421   0.734   1.00 32.75 ? 55  CYS A CB  1 
ATOM   365  S  SG  . CYS A 1 55  ? -6.153  3.187   2.238   1.00 31.49 ? 55  CYS A SG  1 
ATOM   366  N  N   . PRO A 1 56  ? -9.526  2.365   2.701   1.00 34.94 ? 56  PRO A N   1 
ATOM   367  C  CA  . PRO A 1 56  ? -10.620 3.113   3.284   1.00 35.99 ? 56  PRO A CA  1 
ATOM   368  C  C   . PRO A 1 56  ? -10.270 4.443   3.902   1.00 36.66 ? 56  PRO A C   1 
ATOM   369  O  O   . PRO A 1 56  ? -11.214 5.190   4.202   1.00 39.47 ? 56  PRO A O   1 
ATOM   370  C  CB  . PRO A 1 56  ? -11.196 2.203   4.389   1.00 36.00 ? 56  PRO A CB  1 
ATOM   371  C  CG  . PRO A 1 56  ? -9.981  1.432   4.808   1.00 35.76 ? 56  PRO A CG  1 
ATOM   372  C  CD  . PRO A 1 56  ? -9.035  1.353   3.633   1.00 35.82 ? 56  PRO A CD  1 
ATOM   373  N  N   . CYS A 1 57  ? -8.987  4.803   4.050   1.00 35.21 ? 57  CYS A N   1 
ATOM   374  C  CA  . CYS A 1 57  ? -8.701  6.081   4.692   1.00 34.41 ? 57  CYS A CA  1 
ATOM   375  C  C   . CYS A 1 57  ? -8.353  7.200   3.727   1.00 33.97 ? 57  CYS A C   1 
ATOM   376  O  O   . CYS A 1 57  ? -7.673  8.151   4.101   1.00 35.35 ? 57  CYS A O   1 
ATOM   377  C  CB  . CYS A 1 57  ? -7.588  5.907   5.738   1.00 33.70 ? 57  CYS A CB  1 
ATOM   378  S  SG  . CYS A 1 57  ? -6.024  5.457   4.959   1.00 32.94 ? 57  CYS A SG  1 
ATOM   379  N  N   . ARG A 1 58  ? -8.771  7.099   2.486   1.00 34.32 ? 58  ARG A N   1 
ATOM   380  C  CA  . ARG A 1 58  ? -8.622  8.054   1.420   1.00 34.60 ? 58  ARG A CA  1 
ATOM   381  C  C   . ARG A 1 58  ? -9.972  8.405   0.769   1.00 35.28 ? 58  ARG A C   1 
ATOM   382  O  O   . ARG A 1 58  ? -10.947 7.663   0.885   1.00 35.38 ? 58  ARG A O   1 
ATOM   383  C  CB  . ARG A 1 58  ? -7.782  7.451   0.279   1.00 34.15 ? 58  ARG A CB  1 
ATOM   384  C  CG  . ARG A 1 58  ? -6.478  6.803   0.697   1.00 34.15 ? 58  ARG A CG  1 
ATOM   385  C  CD  . ARG A 1 58  ? -5.616  6.479   -0.516  1.00 33.73 ? 58  ARG A CD  1 
ATOM   386  N  NE  . ARG A 1 58  ? -4.959  7.675   -1.024  1.00 32.89 ? 58  ARG A NE  1 
ATOM   387  C  CZ  . ARG A 1 58  ? -3.946  8.308   -0.456  1.00 32.97 ? 58  ARG A CZ  1 
ATOM   388  N  NH1 . ARG A 1 58  ? -3.415  7.875   0.674   1.00 33.30 ? 58  ARG A NH1 1 
ATOM   389  N  NH2 . ARG A 1 58  ? -3.432  9.386   -1.026  1.00 33.37 ? 58  ARG A NH2 1 
ATOM   390  N  N   . HIS A 1 59  ? -9.996  9.509   0.035   1.00 37.12 ? 59  HIS A N   1 
ATOM   391  C  CA  . HIS A 1 59  ? -11.163 9.869   -0.766  1.00 39.46 ? 59  HIS A CA  1 
ATOM   392  C  C   . HIS A 1 59  ? -10.769 9.664   -2.228  1.00 39.03 ? 59  HIS A C   1 
ATOM   393  O  O   . HIS A 1 59  ? -9.586  9.696   -2.572  1.00 39.25 ? 59  HIS A O   1 
ATOM   394  C  CB  . HIS A 1 59  ? -11.675 11.289  -0.623  1.00 43.17 ? 59  HIS A CB  1 
ATOM   395  C  CG  . HIS A 1 59  ? -12.123 11.640  0.755   1.00 46.91 ? 59  HIS A CG  1 
ATOM   396  N  ND1 . HIS A 1 59  ? -11.970 12.922  1.236   1.00 48.80 ? 59  HIS A ND1 1 
ATOM   397  C  CD2 . HIS A 1 59  ? -12.704 10.923  1.739   1.00 48.39 ? 59  HIS A CD2 1 
ATOM   398  C  CE1 . HIS A 1 59  ? -12.443 12.969  2.468   1.00 49.54 ? 59  HIS A CE1 1 
ATOM   399  N  NE2 . HIS A 1 59  ? -12.881 11.773  2.802   1.00 49.28 ? 59  HIS A NE2 1 
ATOM   400  N  N   . TYR A 1 60  ? -11.747 9.364   -3.073  1.00 39.00 ? 60  TYR A N   1 
ATOM   401  C  CA  . TYR A 1 60  ? -11.487 9.070   -4.475  1.00 39.39 ? 60  TYR A CA  1 
ATOM   402  C  C   . TYR A 1 60  ? -12.452 9.766   -5.424  1.00 40.69 ? 60  TYR A C   1 
ATOM   403  O  O   . TYR A 1 60  ? -13.607 10.003  -5.068  1.00 41.18 ? 60  TYR A O   1 
ATOM   404  C  CB  . TYR A 1 60  ? -11.637 7.557   -4.690  1.00 39.10 ? 60  TYR A CB  1 
ATOM   405  C  CG  . TYR A 1 60  ? -10.782 6.672   -3.817  1.00 38.57 ? 60  TYR A CG  1 
ATOM   406  C  CD1 . TYR A 1 60  ? -9.441  6.480   -4.142  1.00 38.73 ? 60  TYR A CD1 1 
ATOM   407  C  CD2 . TYR A 1 60  ? -11.277 6.072   -2.663  1.00 38.13 ? 60  TYR A CD2 1 
ATOM   408  C  CE1 . TYR A 1 60  ? -8.637  5.681   -3.357  1.00 38.08 ? 60  TYR A CE1 1 
ATOM   409  C  CE2 . TYR A 1 60  ? -10.468 5.276   -1.872  1.00 37.36 ? 60  TYR A CE2 1 
ATOM   410  C  CZ  . TYR A 1 60  ? -9.144  5.102   -2.227  1.00 37.64 ? 60  TYR A CZ  1 
ATOM   411  O  OH  . TYR A 1 60  ? -8.344  4.300   -1.450  1.00 37.46 ? 60  TYR A OH  1 
ATOM   412  N  N   . GLU A 1 61  ? -12.007 10.038  -6.649  1.00 41.93 ? 61  GLU A N   1 
ATOM   413  C  CA  . GLU A 1 61  ? -12.928 10.646  -7.622  1.00 42.49 ? 61  GLU A CA  1 
ATOM   414  C  C   . GLU A 1 61  ? -13.716 9.542   -8.313  1.00 42.81 ? 61  GLU A C   1 
ATOM   415  O  O   . GLU A 1 61  ? -14.859 9.724   -8.727  1.00 43.31 ? 61  GLU A O   1 
ATOM   416  C  CB  . GLU A 1 61  ? -12.183 11.470  -8.644  1.00 43.04 ? 61  GLU A CB  1 
ATOM   417  N  N   . ASP A 1 62  ? -13.086 8.379   -8.451  1.00 42.35 ? 62  ASP A N   1 
ATOM   418  C  CA  . ASP A 1 62  ? -13.708 7.258   -9.154  1.00 42.43 ? 62  ASP A CA  1 
ATOM   419  C  C   . ASP A 1 62  ? -13.244 5.938   -8.566  1.00 42.04 ? 62  ASP A C   1 
ATOM   420  O  O   . ASP A 1 62  ? -12.250 5.373   -9.021  1.00 42.58 ? 62  ASP A O   1 
ATOM   421  C  CB  . ASP A 1 62  ? -13.278 7.389   -10.613 1.00 42.86 ? 62  ASP A CB  1 
ATOM   422  C  CG  . ASP A 1 62  ? -14.014 6.503   -11.585 1.00 43.48 ? 62  ASP A CG  1 
ATOM   423  O  OD1 . ASP A 1 62  ? -14.403 5.390   -11.213 1.00 43.82 ? 62  ASP A OD1 1 
ATOM   424  O  OD2 . ASP A 1 62  ? -14.173 6.962   -12.737 1.00 44.68 ? 62  ASP A OD2 1 
ATOM   425  N  N   . LYS A 1 63  ? -13.941 5.422   -7.567  1.00 42.49 ? 63  LYS A N   1 
ATOM   426  C  CA  . LYS A 1 63  ? -13.550 4.203   -6.877  1.00 43.59 ? 63  LYS A CA  1 
ATOM   427  C  C   . LYS A 1 63  ? -13.456 2.970   -7.749  1.00 43.68 ? 63  LYS A C   1 
ATOM   428  O  O   . LYS A 1 63  ? -12.588 2.110   -7.559  1.00 43.51 ? 63  LYS A O   1 
ATOM   429  C  CB  . LYS A 1 63  ? -14.493 3.959   -5.687  1.00 44.96 ? 63  LYS A CB  1 
ATOM   430  C  CG  . LYS A 1 63  ? -14.344 5.004   -4.597  1.00 46.67 ? 63  LYS A CG  1 
ATOM   431  C  CD  . LYS A 1 63  ? -15.118 4.663   -3.345  1.00 48.59 ? 63  LYS A CD  1 
ATOM   432  C  CE  . LYS A 1 63  ? -16.585 5.044   -3.453  1.00 49.76 ? 63  LYS A CE  1 
ATOM   433  N  NZ  . LYS A 1 63  ? -17.323 4.703   -2.209  1.00 50.83 ? 63  LYS A NZ  1 
ATOM   434  N  N   . GLU A 1 64  ? -14.356 2.839   -8.728  1.00 43.86 ? 64  GLU A N   1 
ATOM   435  C  CA  . GLU A 1 64  ? -14.327 1.700   -9.635  1.00 43.86 ? 64  GLU A CA  1 
ATOM   436  C  C   . GLU A 1 64  ? -13.043 1.713   -10.455 1.00 43.25 ? 64  GLU A C   1 
ATOM   437  O  O   . GLU A 1 64  ? -12.427 0.662   -10.630 1.00 43.59 ? 64  GLU A O   1 
ATOM   438  C  CB  . GLU A 1 64  ? -15.540 1.722   -10.553 1.00 44.60 ? 64  GLU A CB  1 
ATOM   439  N  N   . ALA A 1 65  ? -12.624 2.889   -10.912 1.00 42.98 ? 65  ALA A N   1 
ATOM   440  C  CA  . ALA A 1 65  ? -11.389 2.997   -11.682 1.00 42.22 ? 65  ALA A CA  1 
ATOM   441  C  C   . ALA A 1 65  ? -10.188 2.682   -10.791 1.00 42.22 ? 65  ALA A C   1 
ATOM   442  O  O   . ALA A 1 65  ? -9.213  2.099   -11.268 1.00 42.28 ? 65  ALA A O   1 
ATOM   443  C  CB  . ALA A 1 65  ? -11.215 4.361   -12.315 1.00 41.95 ? 65  ALA A CB  1 
ATOM   444  N  N   . GLU A 1 66  ? -10.230 3.097   -9.535  1.00 41.88 ? 66  GLU A N   1 
ATOM   445  C  CA  . GLU A 1 66  ? -9.160  2.832   -8.581  1.00 41.22 ? 66  GLU A CA  1 
ATOM   446  C  C   . GLU A 1 66  ? -8.946  1.347   -8.365  1.00 41.14 ? 66  GLU A C   1 
ATOM   447  O  O   . GLU A 1 66  ? -7.824  0.827   -8.371  1.00 41.08 ? 66  GLU A O   1 
ATOM   448  C  CB  . GLU A 1 66  ? -9.449  3.530   -7.251  1.00 40.44 ? 66  GLU A CB  1 
ATOM   449  C  CG  . GLU A 1 66  ? -9.453  5.042   -7.326  1.00 40.21 ? 66  GLU A CG  1 
ATOM   450  C  CD  . GLU A 1 66  ? -8.073  5.654   -7.387  1.00 40.24 ? 66  GLU A CD  1 
ATOM   451  O  OE1 . GLU A 1 66  ? -7.084  4.908   -7.200  1.00 40.71 ? 66  GLU A OE1 1 
ATOM   452  O  OE2 . GLU A 1 66  ? -7.982  6.870   -7.633  1.00 40.41 ? 66  GLU A OE2 1 
ATOM   453  N  N   . VAL A 1 67  ? -10.036 0.600   -8.208  1.00 41.82 ? 67  VAL A N   1 
ATOM   454  C  CA  . VAL A 1 67  ? -9.988  -0.845  -8.015  1.00 42.54 ? 67  VAL A CA  1 
ATOM   455  C  C   . VAL A 1 67  ? -9.464  -1.535  -9.261  1.00 42.45 ? 67  VAL A C   1 
ATOM   456  O  O   . VAL A 1 67  ? -8.726  -2.517  -9.157  1.00 42.54 ? 67  VAL A O   1 
ATOM   457  C  CB  . VAL A 1 67  ? -11.364 -1.380  -7.587  1.00 43.15 ? 67  VAL A CB  1 
ATOM   458  C  CG1 . VAL A 1 67  ? -11.448 -2.896  -7.628  1.00 43.64 ? 67  VAL A CG1 1 
ATOM   459  C  CG2 . VAL A 1 67  ? -11.668 -0.881  -6.175  1.00 43.28 ? 67  VAL A CG2 1 
ATOM   460  N  N   . LYS A 1 68  ? -9.770  -1.011  -10.441 1.00 43.03 ? 68  LYS A N   1 
ATOM   461  C  CA  . LYS A 1 68  ? -9.261  -1.575  -11.689 1.00 43.36 ? 68  LYS A CA  1 
ATOM   462  C  C   . LYS A 1 68  ? -7.766  -1.322  -11.854 1.00 43.67 ? 68  LYS A C   1 
ATOM   463  O  O   . LYS A 1 68  ? -7.014  -2.226  -12.238 1.00 43.92 ? 68  LYS A O   1 
ATOM   464  C  CB  . LYS A 1 68  ? -10.061 -1.013  -12.847 1.00 43.65 ? 68  LYS A CB  1 
ATOM   465  N  N   . ASN A 1 69  ? -7.322  -0.110  -11.528 1.00 43.02 ? 69  ASN A N   1 
ATOM   466  C  CA  . ASN A 1 69  ? -5.919  0.273   -11.597 1.00 41.71 ? 69  ASN A CA  1 
ATOM   467  C  C   . ASN A 1 69  ? -5.107  -0.557  -10.617 1.00 40.52 ? 69  ASN A C   1 
ATOM   468  O  O   . ASN A 1 69  ? -4.030  -1.061  -10.927 1.00 41.85 ? 69  ASN A O   1 
ATOM   469  C  CB  . ASN A 1 69  ? -5.732  1.762   -11.319 1.00 42.23 ? 69  ASN A CB  1 
ATOM   470  C  CG  . ASN A 1 69  ? -4.284  2.130   -11.052 1.00 42.60 ? 69  ASN A CG  1 
ATOM   471  O  OD1 . ASN A 1 69  ? -3.857  2.073   -9.901  1.00 43.05 ? 69  ASN A OD1 1 
ATOM   472  N  ND2 . ASN A 1 69  ? -3.545  2.492   -12.087 1.00 43.01 ? 69  ASN A ND2 1 
ATOM   473  N  N   . THR A 1 70  ? -5.589  -0.768  -9.413  1.00 38.49 ? 70  THR A N   1 
ATOM   474  C  CA  . THR A 1 70  ? -5.098  -1.571  -8.338  1.00 37.87 ? 70  THR A CA  1 
ATOM   475  C  C   . THR A 1 70  ? -4.097  -0.896  -7.390  1.00 36.81 ? 70  THR A C   1 
ATOM   476  O  O   . THR A 1 70  ? -3.824  -1.557  -6.380  1.00 36.16 ? 70  THR A O   1 
ATOM   477  C  CB  . THR A 1 70  ? -4.463  -2.941  -8.650  1.00 38.46 ? 70  THR A CB  1 
ATOM   478  O  OG1 . THR A 1 70  ? -3.167  -2.829  -9.248  1.00 39.28 ? 70  THR A OG1 1 
ATOM   479  C  CG2 . THR A 1 70  ? -5.334  -3.841  -9.511  1.00 39.05 ? 70  THR A CG2 1 
ATOM   480  N  N   . PHE A 1 71  ? -3.607  0.292   -7.635  1.00 36.39 ? 71  PHE A N   1 
ATOM   481  C  CA  . PHE A 1 71  ? -2.599  0.898   -6.753  1.00 34.88 ? 71  PHE A CA  1 
ATOM   482  C  C   . PHE A 1 71  ? -2.977  0.902   -5.276  1.00 34.84 ? 71  PHE A C   1 
ATOM   483  O  O   . PHE A 1 71  ? -2.147  0.614   -4.400  1.00 33.97 ? 71  PHE A O   1 
ATOM   484  C  CB  . PHE A 1 71  ? -2.283  2.314   -7.224  1.00 34.35 ? 71  PHE A CB  1 
ATOM   485  C  CG  . PHE A 1 71  ? -1.139  3.017   -6.542  1.00 33.07 ? 71  PHE A CG  1 
ATOM   486  C  CD1 . PHE A 1 71  ? -1.346  3.658   -5.329  1.00 32.37 ? 71  PHE A CD1 1 
ATOM   487  C  CD2 . PHE A 1 71  ? 0.114   3.064   -7.111  1.00 32.87 ? 71  PHE A CD2 1 
ATOM   488  C  CE1 . PHE A 1 71  ? -0.346  4.327   -4.674  1.00 31.44 ? 71  PHE A CE1 1 
ATOM   489  C  CE2 . PHE A 1 71  ? 1.134   3.742   -6.471  1.00 31.89 ? 71  PHE A CE2 1 
ATOM   490  C  CZ  . PHE A 1 71  ? 0.916   4.373   -5.254  1.00 31.87 ? 71  PHE A CZ  1 
ATOM   491  N  N   . TRP A 1 72  ? -4.216  1.255   -4.965  1.00 34.66 ? 72  TRP A N   1 
ATOM   492  C  CA  . TRP A 1 72  ? -4.703  1.385   -3.602  1.00 33.64 ? 72  TRP A CA  1 
ATOM   493  C  C   . TRP A 1 72  ? -5.468  0.200   -3.047  1.00 34.02 ? 72  TRP A C   1 
ATOM   494  O  O   . TRP A 1 72  ? -6.112  0.324   -1.999  1.00 35.12 ? 72  TRP A O   1 
ATOM   495  C  CB  . TRP A 1 72  ? -5.565  2.652   -3.571  1.00 32.83 ? 72  TRP A CB  1 
ATOM   496  C  CG  . TRP A 1 72  ? -4.782  3.920   -3.619  1.00 31.77 ? 72  TRP A CG  1 
ATOM   497  C  CD1 . TRP A 1 72  ? -4.912  4.914   -4.547  1.00 31.71 ? 72  TRP A CD1 1 
ATOM   498  C  CD2 . TRP A 1 72  ? -3.776  4.348   -2.692  1.00 31.12 ? 72  TRP A CD2 1 
ATOM   499  N  NE1 . TRP A 1 72  ? -4.044  5.940   -4.264  1.00 31.64 ? 72  TRP A NE1 1 
ATOM   500  C  CE2 . TRP A 1 72  ? -3.344  5.609   -3.129  1.00 31.08 ? 72  TRP A CE2 1 
ATOM   501  C  CE3 . TRP A 1 72  ? -3.193  3.790   -1.553  1.00 31.46 ? 72  TRP A CE3 1 
ATOM   502  C  CZ2 . TRP A 1 72  ? -2.348  6.334   -2.469  1.00 31.26 ? 72  TRP A CZ2 1 
ATOM   503  C  CZ3 . TRP A 1 72  ? -2.204  4.509   -0.886  1.00 31.22 ? 72  TRP A CZ3 1 
ATOM   504  C  CH2 . TRP A 1 72  ? -1.791  5.752   -1.349  1.00 31.60 ? 72  TRP A CH2 1 
ATOM   505  N  N   . ASN A 1 73  ? -5.454  -0.942  -3.725  1.00 35.35 ? 73  ASN A N   1 
ATOM   506  C  CA  . ASN A 1 73  ? -6.098  -2.133  -3.194  1.00 36.81 ? 73  ASN A CA  1 
ATOM   507  C  C   . ASN A 1 73  ? -5.175  -2.701  -2.122  1.00 35.90 ? 73  ASN A C   1 
ATOM   508  O  O   . ASN A 1 73  ? -3.989  -2.860  -2.425  1.00 36.44 ? 73  ASN A O   1 
ATOM   509  C  CB  . ASN A 1 73  ? -6.352  -3.189  -4.263  1.00 38.12 ? 73  ASN A CB  1 
ATOM   510  C  CG  . ASN A 1 73  ? -7.443  -2.723  -5.219  1.00 40.17 ? 73  ASN A CG  1 
ATOM   511  O  OD1 . ASN A 1 73  ? -8.240  -1.859  -4.873  1.00 41.10 ? 73  ASN A OD1 1 
ATOM   512  N  ND2 . ASN A 1 73  ? -7.476  -3.280  -6.418  1.00 41.73 ? 73  ASN A ND2 1 
ATOM   513  N  N   . CYS A 1 74  ? -5.702  -2.963  -0.943  1.00 35.75 ? 74  CYS A N   1 
ATOM   514  C  CA  . CYS A 1 74  ? -4.887  -3.426  0.173   1.00 34.61 ? 74  CYS A CA  1 
ATOM   515  C  C   . CYS A 1 74  ? -4.169  -4.721  -0.066  1.00 35.10 ? 74  CYS A C   1 
ATOM   516  O  O   . CYS A 1 74  ? -5.070  -5.550  -0.204  1.00 35.76 ? 74  CYS A O   1 
ATOM   517  C  CB  . CYS A 1 74  ? -5.685  -3.341  1.477   1.00 35.21 ? 74  CYS A CB  1 
ATOM   518  S  SG  . CYS A 1 74  ? -4.708  -3.303  2.987   1.00 32.58 ? 74  CYS A SG  1 
ATOM   519  N  N   . PRO A 1 75  ? -3.040  -4.861  0.571   1.00 35.01 ? 75  PRO A N   1 
ATOM   520  C  CA  . PRO A 1 75  ? -1.885  -4.034  0.694   1.00 34.46 ? 75  PRO A CA  1 
ATOM   521  C  C   . PRO A 1 75  ? -1.508  -3.256  -0.551  1.00 33.64 ? 75  PRO A C   1 
ATOM   522  O  O   . PRO A 1 75  ? -1.297  -3.829  -1.621  1.00 34.77 ? 75  PRO A O   1 
ATOM   523  C  CB  . PRO A 1 75  ? -0.671  -4.784  1.267   1.00 34.71 ? 75  PRO A CB  1 
ATOM   524  C  CG  . PRO A 1 75  ? -0.929  -6.100  0.587   1.00 35.39 ? 75  PRO A CG  1 
ATOM   525  C  CD  . PRO A 1 75  ? -2.412  -6.182  0.485   1.00 35.24 ? 75  PRO A CD  1 
ATOM   526  N  N   . CYS A 1 76  ? -1.517  -1.926  -0.435  1.00 32.65 ? 76  CYS A N   1 
ATOM   527  C  CA  . CYS A 1 76  ? -1.300  -1.017  -1.541  1.00 31.48 ? 76  CYS A CA  1 
ATOM   528  C  C   . CYS A 1 76  ? 0.155   -0.963  -2.014  1.00 31.62 ? 76  CYS A C   1 
ATOM   529  O  O   . CYS A 1 76  ? 1.015   -1.543  -1.359  1.00 33.03 ? 76  CYS A O   1 
ATOM   530  C  CB  . CYS A 1 76  ? -1.719  0.406   -1.135  1.00 31.20 ? 76  CYS A CB  1 
ATOM   531  S  SG  . CYS A 1 76  ? -0.873  1.017   0.363   1.00 29.60 ? 76  CYS A SG  1 
ATOM   532  N  N   . VAL A 1 77  ? 0.384   -0.241  -3.091  1.00 30.35 ? 77  VAL A N   1 
ATOM   533  C  CA  . VAL A 1 77  ? 1.758   -0.084  -3.599  1.00 30.93 ? 77  VAL A CA  1 
ATOM   534  C  C   . VAL A 1 77  ? 2.687   0.457   -2.545  1.00 30.95 ? 77  VAL A C   1 
ATOM   535  O  O   . VAL A 1 77  ? 3.779   -0.096  -2.275  1.00 30.60 ? 77  VAL A O   1 
ATOM   536  C  CB  . VAL A 1 77  ? 1.820   0.637   -4.939  1.00 31.10 ? 77  VAL A CB  1 
ATOM   537  C  CG1 . VAL A 1 77  ? 3.246   1.067   -5.281  1.00 32.22 ? 77  VAL A CG1 1 
ATOM   538  C  CG2 . VAL A 1 77  ? 1.252   -0.255  -6.044  1.00 31.76 ? 77  VAL A CG2 1 
ATOM   539  N  N   . PRO A 1 78  ? 2.408   1.566   -1.893  1.00 30.75 ? 78  PRO A N   1 
ATOM   540  C  CA  . PRO A 1 78  ? 3.246   2.144   -0.858  1.00 30.49 ? 78  PRO A CA  1 
ATOM   541  C  C   . PRO A 1 78  ? 3.532   1.172   0.266   1.00 29.98 ? 78  PRO A C   1 
ATOM   542  O  O   . PRO A 1 78  ? 4.631   1.177   0.849   1.00 30.56 ? 78  PRO A O   1 
ATOM   543  C  CB  . PRO A 1 78  ? 2.500   3.386   -0.323  1.00 30.93 ? 78  PRO A CB  1 
ATOM   544  C  CG  . PRO A 1 78  ? 1.748   3.741   -1.593  1.00 30.36 ? 78  PRO A CG  1 
ATOM   545  C  CD  . PRO A 1 78  ? 1.221   2.413   -2.136  1.00 31.01 ? 78  PRO A CD  1 
ATOM   546  N  N   . MET A 1 79  ? 2.569   0.348   0.663   1.00 29.06 ? 79  MET A N   1 
ATOM   547  C  CA  . MET A 1 79  ? 2.828   -0.596  1.752   1.00 30.43 ? 79  MET A CA  1 
ATOM   548  C  C   . MET A 1 79  ? 3.698   -1.744  1.240   1.00 31.41 ? 79  MET A C   1 
ATOM   549  O  O   . MET A 1 79  ? 4.698   -2.110  1.880   1.00 32.55 ? 79  MET A O   1 
ATOM   550  C  CB  . MET A 1 79  ? 1.517   -1.151  2.295   1.00 29.72 ? 79  MET A CB  1 
ATOM   551  C  CG  . MET A 1 79  ? 1.741   -2.211  3.375   1.00 31.30 ? 79  MET A CG  1 
ATOM   552  S  SD  . MET A 1 79  ? 2.507   -1.413  4.793   1.00 30.95 ? 79  MET A SD  1 
ATOM   553  C  CE  . MET A 1 79  ? 3.058   -2.846  5.728   1.00 32.07 ? 79  MET A CE  1 
ATOM   554  N  N   . ARG A 1 80  ? 3.371   -2.299  0.080   1.00 32.40 ? 80  ARG A N   1 
ATOM   555  C  CA  . ARG A 1 80  ? 4.122   -3.428  -0.460  1.00 32.59 ? 80  ARG A CA  1 
ATOM   556  C  C   . ARG A 1 80  ? 5.571   -3.077  -0.733  1.00 32.72 ? 80  ARG A C   1 
ATOM   557  O  O   . ARG A 1 80  ? 6.445   -3.897  -0.445  1.00 34.44 ? 80  ARG A O   1 
ATOM   558  C  CB  . ARG A 1 80  ? 3.475   -3.992  -1.742  1.00 33.70 ? 80  ARG A CB  1 
ATOM   559  C  CG  . ARG A 1 80  ? 2.201   -4.724  -1.363  1.00 35.01 ? 80  ARG A CG  1 
ATOM   560  C  CD  . ARG A 1 80  ? 1.555   -5.465  -2.500  1.00 35.83 ? 80  ARG A CD  1 
ATOM   561  N  NE  . ARG A 1 80  ? 0.824   -4.590  -3.398  1.00 37.32 ? 80  ARG A NE  1 
ATOM   562  C  CZ  . ARG A 1 80  ? 1.167   -4.175  -4.597  1.00 37.99 ? 80  ARG A CZ  1 
ATOM   563  N  NH1 . ARG A 1 80  ? 2.318   -4.572  -5.132  1.00 39.81 ? 80  ARG A NH1 1 
ATOM   564  N  NH2 . ARG A 1 80  ? 0.375   -3.384  -5.304  1.00 38.81 ? 80  ARG A NH2 1 
ATOM   565  N  N   . GLU A 1 81  ? 5.784   -1.896  -1.314  1.00 31.31 ? 81  GLU A N   1 
ATOM   566  C  CA  . GLU A 1 81  ? 7.145   -1.512  -1.657  1.00 30.69 ? 81  GLU A CA  1 
ATOM   567  C  C   . GLU A 1 81  ? 7.888   -0.815  -0.537  1.00 31.56 ? 81  GLU A C   1 
ATOM   568  O  O   . GLU A 1 81  ? 9.073   -1.097  -0.353  1.00 32.46 ? 81  GLU A O   1 
ATOM   569  C  CB  . GLU A 1 81  ? 7.103   -0.543  -2.863  1.00 30.00 ? 81  GLU A CB  1 
ATOM   570  C  CG  . GLU A 1 81  ? 6.552   -1.187  -4.109  1.00 30.49 ? 81  GLU A CG  1 
ATOM   571  C  CD  . GLU A 1 81  ? 6.676   -0.425  -5.401  1.00 31.21 ? 81  GLU A CD  1 
ATOM   572  O  OE1 . GLU A 1 81  ? 7.221   0.694   -5.451  1.00 33.15 ? 81  GLU A OE1 1 
ATOM   573  O  OE2 . GLU A 1 81  ? 6.212   -0.949  -6.445  1.00 32.42 ? 81  GLU A OE2 1 
ATOM   574  N  N   . ARG A 1 82  ? 7.255   0.139   0.153   1.00 31.47 ? 82  ARG A N   1 
ATOM   575  C  CA  . ARG A 1 82  ? 7.983   0.937   1.137   1.00 31.09 ? 82  ARG A CA  1 
ATOM   576  C  C   . ARG A 1 82  ? 7.569   0.751   2.583   1.00 31.73 ? 82  ARG A C   1 
ATOM   577  O  O   . ARG A 1 82  ? 7.963   1.514   3.458   1.00 32.29 ? 82  ARG A O   1 
ATOM   578  C  CB  . ARG A 1 82  ? 7.790   2.409   0.751   1.00 30.11 ? 82  ARG A CB  1 
ATOM   579  C  CG  . ARG A 1 82  ? 8.159   2.734   -0.692  1.00 30.09 ? 82  ARG A CG  1 
ATOM   580  C  CD  . ARG A 1 82  ? 8.156   4.248   -0.868  1.00 30.31 ? 82  ARG A CD  1 
ATOM   581  N  NE  . ARG A 1 82  ? 8.474   4.622   -2.230  1.00 29.82 ? 82  ARG A NE  1 
ATOM   582  C  CZ  . ARG A 1 82  ? 8.760   5.807   -2.725  1.00 29.99 ? 82  ARG A CZ  1 
ATOM   583  N  NH1 . ARG A 1 82  ? 8.850   6.867   -1.927  1.00 31.12 ? 82  ARG A NH1 1 
ATOM   584  N  NH2 . ARG A 1 82  ? 8.986   5.915   -4.036  1.00 30.27 ? 82  ARG A NH2 1 
ATOM   585  N  N   . LYS A 1 83  ? 6.648   -0.176  2.811   1.00 32.21 ? 83  LYS A N   1 
ATOM   586  C  CA  . LYS A 1 83  ? 6.085   -0.407  4.135   1.00 32.62 ? 83  LYS A CA  1 
ATOM   587  C  C   . LYS A 1 83  ? 5.447   0.851   4.717   1.00 32.49 ? 83  LYS A C   1 
ATOM   588  O  O   . LYS A 1 83  ? 5.491   1.060   5.922   1.00 34.51 ? 83  LYS A O   1 
ATOM   589  C  CB  . LYS A 1 83  ? 7.167   -0.928  5.079   1.00 33.58 ? 83  LYS A CB  1 
ATOM   590  C  CG  . LYS A 1 83  ? 7.268   -2.433  5.075   1.00 35.60 ? 83  LYS A CG  1 
ATOM   591  C  CD  . LYS A 1 83  ? 8.195   -2.882  6.209   1.00 37.11 ? 83  LYS A CD  1 
ATOM   592  C  CE  . LYS A 1 83  ? 8.407   -4.378  6.150   1.00 37.77 ? 83  LYS A CE  1 
ATOM   593  N  NZ  . LYS A 1 83  ? 9.489   -4.806  7.086   1.00 37.89 ? 83  LYS A NZ  1 
ATOM   594  N  N   . GLU A 1 84  ? 4.819   1.666   3.860   1.00 31.48 ? 84  GLU A N   1 
ATOM   595  C  CA  . GLU A 1 84  ? 4.184   2.893   4.344   1.00 31.58 ? 84  GLU A CA  1 
ATOM   596  C  C   . GLU A 1 84  ? 2.667   2.709   4.292   1.00 31.22 ? 84  GLU A C   1 
ATOM   597  O  O   . GLU A 1 84  ? 2.191   2.420   3.198   1.00 31.68 ? 84  GLU A O   1 
ATOM   598  C  CB  . GLU A 1 84  ? 4.557   4.032   3.393   1.00 33.30 ? 84  GLU A CB  1 
ATOM   599  C  CG  . GLU A 1 84  ? 5.967   4.533   3.653   1.00 34.36 ? 84  GLU A CG  1 
ATOM   600  C  CD  . GLU A 1 84  ? 6.481   5.446   2.561   1.00 36.51 ? 84  GLU A CD  1 
ATOM   601  O  OE1 . GLU A 1 84  ? 5.723   5.992   1.742   1.00 37.00 ? 84  GLU A OE1 1 
ATOM   602  O  OE2 . GLU A 1 84  ? 7.723   5.628   2.549   1.00 37.78 ? 84  GLU A OE2 1 
ATOM   603  N  N   . CYS A 1 85  ? 2.028   2.793   5.429   1.00 31.50 ? 85  CYS A N   1 
ATOM   604  C  CA  . CYS A 1 85  ? 0.582   2.624   5.534   1.00 30.01 ? 85  CYS A CA  1 
ATOM   605  C  C   . CYS A 1 85  ? -0.063  3.890   6.090   1.00 30.05 ? 85  CYS A C   1 
ATOM   606  O  O   . CYS A 1 85  ? -0.058  4.135   7.298   1.00 31.16 ? 85  CYS A O   1 
ATOM   607  C  CB  . CYS A 1 85  ? 0.259   1.445   6.442   1.00 29.32 ? 85  CYS A CB  1 
ATOM   608  S  SG  . CYS A 1 85  ? -1.502  1.186   6.715   1.00 30.53 ? 85  CYS A SG  1 
ATOM   609  N  N   . HIS A 1 86  ? -0.620  4.711   5.191   1.00 29.43 ? 86  HIS A N   1 
ATOM   610  C  CA  . HIS A 1 86  ? -1.249  5.964   5.627   1.00 30.37 ? 86  HIS A CA  1 
ATOM   611  C  C   . HIS A 1 86  ? -2.416  5.780   6.578   1.00 30.17 ? 86  HIS A C   1 
ATOM   612  O  O   . HIS A 1 86  ? -2.716  6.658   7.408   1.00 31.43 ? 86  HIS A O   1 
ATOM   613  C  CB  . HIS A 1 86  ? -1.668  6.761   4.381   1.00 31.57 ? 86  HIS A CB  1 
ATOM   614  C  CG  . HIS A 1 86  ? -2.363  8.054   4.704   1.00 32.24 ? 86  HIS A CG  1 
ATOM   615  N  ND1 . HIS A 1 86  ? -1.733  9.091   5.330   1.00 32.71 ? 86  HIS A ND1 1 
ATOM   616  C  CD2 . HIS A 1 86  ? -3.629  8.464   4.464   1.00 32.88 ? 86  HIS A CD2 1 
ATOM   617  C  CE1 . HIS A 1 86  ? -2.574  10.094  5.490   1.00 33.07 ? 86  HIS A CE1 1 
ATOM   618  N  NE2 . HIS A 1 86  ? -3.737  9.737   4.973   1.00 33.77 ? 86  HIS A NE2 1 
ATOM   619  N  N   . CYS A 1 87  ? -3.084  4.643   6.560   1.00 30.54 ? 87  CYS A N   1 
ATOM   620  C  CA  . CYS A 1 87  ? -4.222  4.400   7.451   1.00 31.27 ? 87  CYS A CA  1 
ATOM   621  C  C   . CYS A 1 87  ? -3.846  4.060   8.882   1.00 32.19 ? 87  CYS A C   1 
ATOM   622  O  O   . CYS A 1 87  ? -4.675  4.066   9.795   1.00 32.31 ? 87  CYS A O   1 
ATOM   623  C  CB  . CYS A 1 87  ? -5.085  3.258   6.931   1.00 31.81 ? 87  CYS A CB  1 
ATOM   624  S  SG  . CYS A 1 87  ? -5.824  3.451   5.321   1.00 31.84 ? 87  CYS A SG  1 
ATOM   625  N  N   . MET A 1 88  ? -2.577  3.729   9.088   1.00 31.83 ? 88  MET A N   1 
ATOM   626  C  CA  . MET A 1 88  ? -2.036  3.369   10.383  1.00 32.92 ? 88  MET A CA  1 
ATOM   627  C  C   . MET A 1 88  ? -2.582  2.016   10.827  1.00 32.41 ? 88  MET A C   1 
ATOM   628  O  O   . MET A 1 88  ? -2.746  1.727   12.011  1.00 34.01 ? 88  MET A O   1 
ATOM   629  C  CB  . MET A 1 88  ? -2.245  4.442   11.434  1.00 33.76 ? 88  MET A CB  1 
ATOM   630  C  CG  . MET A 1 88  ? -1.663  5.807   11.080  1.00 34.91 ? 88  MET A CG  1 
ATOM   631  S  SD  . MET A 1 88  ? -1.898  6.908   12.486  1.00 38.07 ? 88  MET A SD  1 
ATOM   632  C  CE  . MET A 1 88  ? -1.092  8.402   11.999  1.00 39.48 ? 88  MET A CE  1 
ATOM   633  N  N   . LEU A 1 89  ? -2.786  1.168   9.822   1.00 32.24 ? 89  LEU A N   1 
ATOM   634  C  CA  . LEU A 1 89  ? -3.181  -0.212  10.038  1.00 32.61 ? 89  LEU A CA  1 
ATOM   635  C  C   . LEU A 1 89  ? -1.911  -1.043  10.263  1.00 32.90 ? 89  LEU A C   1 
ATOM   636  O  O   . LEU A 1 89  ? -1.823  -1.752  11.260  1.00 33.23 ? 89  LEU A O   1 
ATOM   637  C  CB  . LEU A 1 89  ? -3.980  -0.780  8.869   1.00 32.94 ? 89  LEU A CB  1 
ATOM   638  C  CG  . LEU A 1 89  ? -4.264  -2.287  8.883   1.00 33.48 ? 89  LEU A CG  1 
ATOM   639  C  CD1 . LEU A 1 89  ? -5.034  -2.628  10.154  1.00 34.04 ? 89  LEU A CD1 1 
ATOM   640  C  CD2 . LEU A 1 89  ? -5.048  -2.737  7.664   1.00 33.65 ? 89  LEU A CD2 1 
ATOM   641  N  N   . PHE A 1 90  ? -0.922  -0.896  9.381   1.00 33.11 ? 90  PHE A N   1 
ATOM   642  C  CA  . PHE A 1 90  ? 0.343   -1.615  9.529   1.00 33.07 ? 90  PHE A CA  1 
ATOM   643  C  C   . PHE A 1 90  ? 1.485   -0.655  9.864   1.00 33.69 ? 90  PHE A C   1 
ATOM   644  O  O   . PHE A 1 90  ? 1.920   0.095   8.991   1.00 33.94 ? 90  PHE A O   1 
ATOM   645  C  CB  . PHE A 1 90  ? 0.713   -2.426  8.298   1.00 32.91 ? 90  PHE A CB  1 
ATOM   646  C  CG  . PHE A 1 90  ? -0.347  -3.360  7.801   1.00 33.17 ? 90  PHE A CG  1 
ATOM   647  C  CD1 . PHE A 1 90  ? -0.677  -4.507  8.505   1.00 33.27 ? 90  PHE A CD1 1 
ATOM   648  C  CD2 . PHE A 1 90  ? -1.027  -3.095  6.631   1.00 32.76 ? 90  PHE A CD2 1 
ATOM   649  C  CE1 . PHE A 1 90  ? -1.678  -5.340  8.047   1.00 32.81 ? 90  PHE A CE1 1 
ATOM   650  C  CE2 . PHE A 1 90  ? -2.022  -3.922  6.165   1.00 33.37 ? 90  PHE A CE2 1 
ATOM   651  C  CZ  . PHE A 1 90  ? -2.347  -5.067  6.877   1.00 32.65 ? 90  PHE A CZ  1 
ATOM   652  N  N   . LEU A 1 91  ? 1.945   -0.634  11.113  1.00 33.76 ? 91  LEU A N   1 
ATOM   653  C  CA  . LEU A 1 91  ? 2.970   0.333   11.499  1.00 34.07 ? 91  LEU A CA  1 
ATOM   654  C  C   . LEU A 1 91  ? 4.317   -0.321  11.774  1.00 35.23 ? 91  LEU A C   1 
ATOM   655  O  O   . LEU A 1 91  ? 4.415   -1.416  12.347  1.00 34.44 ? 91  LEU A O   1 
ATOM   656  C  CB  . LEU A 1 91  ? 2.511   1.135   12.727  1.00 33.71 ? 91  LEU A CB  1 
ATOM   657  C  CG  . LEU A 1 91  ? 1.162   1.848   12.602  1.00 34.85 ? 91  LEU A CG  1 
ATOM   658  C  CD1 . LEU A 1 91  ? 0.489   1.984   13.960  1.00 36.35 ? 91  LEU A CD1 1 
ATOM   659  C  CD2 . LEU A 1 91  ? 1.354   3.229   11.994  1.00 36.67 ? 91  LEU A CD2 1 
ATOM   660  N  N   . THR A 1 92  ? 5.389   0.364   11.372  1.00 37.54 ? 92  THR A N   1 
ATOM   661  C  CA  . THR A 1 92  ? 6.718   -0.210  11.648  1.00 39.47 ? 92  THR A CA  1 
ATOM   662  C  C   . THR A 1 92  ? 6.925   -0.014  13.138  1.00 39.93 ? 92  THR A C   1 
ATOM   663  O  O   . THR A 1 92  ? 6.324   0.841   13.792  1.00 37.99 ? 92  THR A O   1 
ATOM   664  C  CB  . THR A 1 92  ? 7.805   0.387   10.757  1.00 40.57 ? 92  THR A CB  1 
ATOM   665  O  OG1 . THR A 1 92  ? 7.675   1.798   10.747  1.00 41.34 ? 92  THR A OG1 1 
ATOM   666  C  CG2 . THR A 1 92  ? 7.668   -0.134  9.326   1.00 41.48 ? 92  THR A CG2 1 
ATOM   667  N  N   . PRO A 1 93  ? 7.771   -0.841  13.729  1.00 41.82 ? 93  PRO A N   1 
ATOM   668  C  CA  . PRO A 1 93  ? 8.052   -0.868  15.149  1.00 43.00 ? 93  PRO A CA  1 
ATOM   669  C  C   . PRO A 1 93  ? 8.560   0.415   15.760  1.00 43.49 ? 93  PRO A C   1 
ATOM   670  O  O   . PRO A 1 93  ? 8.347   0.669   16.953  1.00 44.08 ? 93  PRO A O   1 
ATOM   671  C  CB  . PRO A 1 93  ? 9.046   -2.028  15.392  1.00 43.08 ? 93  PRO A CB  1 
ATOM   672  C  CG  . PRO A 1 93  ? 8.952   -2.804  14.115  1.00 43.15 ? 93  PRO A CG  1 
ATOM   673  C  CD  . PRO A 1 93  ? 8.482   -1.908  13.003  1.00 42.39 ? 93  PRO A CD  1 
ATOM   674  N  N   . ASP A 1 94  ? 9.227   1.260   15.002  1.00 44.40 ? 94  ASP A N   1 
ATOM   675  C  CA  . ASP A 1 94  ? 9.743   2.541   15.428  1.00 45.43 ? 94  ASP A CA  1 
ATOM   676  C  C   . ASP A 1 94  ? 8.664   3.618   15.532  1.00 43.88 ? 94  ASP A C   1 
ATOM   677  O  O   . ASP A 1 94  ? 8.843   4.645   16.191  1.00 43.58 ? 94  ASP A O   1 
ATOM   678  C  CB  . ASP A 1 94  ? 10.768  3.029   14.387  1.00 48.04 ? 94  ASP A CB  1 
ATOM   679  C  CG  . ASP A 1 94  ? 10.162  3.110   13.000  1.00 50.06 ? 94  ASP A CG  1 
ATOM   680  O  OD1 . ASP A 1 94  ? 9.967   2.060   12.358  1.00 50.82 ? 94  ASP A OD1 1 
ATOM   681  O  OD2 . ASP A 1 94  ? 9.849   4.224   12.532  1.00 51.77 ? 94  ASP A OD2 1 
ATOM   682  N  N   . ASN A 1 95  ? 7.552   3.409   14.840  1.00 42.69 ? 95  ASN A N   1 
ATOM   683  C  CA  . ASN A 1 95  ? 6.477   4.391   14.794  1.00 40.88 ? 95  ASN A CA  1 
ATOM   684  C  C   . ASN A 1 95  ? 5.906   4.674   16.170  1.00 40.88 ? 95  ASN A C   1 
ATOM   685  O  O   . ASN A 1 95  ? 5.556   3.760   16.913  1.00 39.59 ? 95  ASN A O   1 
ATOM   686  C  CB  . ASN A 1 95  ? 5.384   3.895   13.841  1.00 39.92 ? 95  ASN A CB  1 
ATOM   687  C  CG  . ASN A 1 95  ? 4.372   4.970   13.505  1.00 40.18 ? 95  ASN A CG  1 
ATOM   688  O  OD1 . ASN A 1 95  ? 3.688   5.466   14.391  1.00 40.67 ? 95  ASN A OD1 1 
ATOM   689  N  ND2 . ASN A 1 95  ? 4.272   5.308   12.225  1.00 41.04 ? 95  ASN A ND2 1 
ATOM   690  N  N   . ASP A 1 96  ? 5.674   5.952   16.473  1.00 42.45 ? 96  ASP A N   1 
ATOM   691  C  CA  . ASP A 1 96  ? 5.097   6.367   17.740  1.00 43.45 ? 96  ASP A CA  1 
ATOM   692  C  C   . ASP A 1 96  ? 3.748   5.745   18.060  1.00 42.86 ? 96  ASP A C   1 
ATOM   693  O  O   . ASP A 1 96  ? 3.400   5.618   19.240  1.00 44.20 ? 96  ASP A O   1 
ATOM   694  C  CB  . ASP A 1 96  ? 4.843   7.878   17.748  1.00 44.99 ? 96  ASP A CB  1 
ATOM   695  C  CG  . ASP A 1 96  ? 6.047   8.778   17.758  1.00 46.61 ? 96  ASP A CG  1 
ATOM   696  O  OD1 . ASP A 1 96  ? 7.091   8.363   18.310  1.00 46.64 ? 96  ASP A OD1 1 
ATOM   697  O  OD2 . ASP A 1 96  ? 5.906   9.905   17.218  1.00 46.79 ? 96  ASP A OD2 1 
ATOM   698  N  N   . PHE A 1 97  ? 2.929   5.452   17.063  1.00 41.66 ? 97  PHE A N   1 
ATOM   699  C  CA  . PHE A 1 97  ? 1.594   4.920   17.265  1.00 41.24 ? 97  PHE A CA  1 
ATOM   700  C  C   . PHE A 1 97  ? 1.534   3.408   17.213  1.00 41.12 ? 97  PHE A C   1 
ATOM   701  O  O   . PHE A 1 97  ? 0.424   2.869   17.224  1.00 41.74 ? 97  PHE A O   1 
ATOM   702  C  CB  . PHE A 1 97  ? 0.608   5.515   16.224  1.00 41.19 ? 97  PHE A CB  1 
ATOM   703  C  CG  . PHE A 1 97  ? 0.802   7.010   16.224  1.00 41.46 ? 97  PHE A CG  1 
ATOM   704  C  CD1 . PHE A 1 97  ? 0.398   7.746   17.327  1.00 41.69 ? 97  PHE A CD1 1 
ATOM   705  C  CD2 . PHE A 1 97  ? 1.427   7.645   15.174  1.00 41.28 ? 97  PHE A CD2 1 
ATOM   706  C  CE1 . PHE A 1 97  ? 0.616   9.112   17.357  1.00 41.68 ? 97  PHE A CE1 1 
ATOM   707  C  CE2 . PHE A 1 97  ? 1.630   9.008   15.185  1.00 41.49 ? 97  PHE A CE2 1 
ATOM   708  C  CZ  . PHE A 1 97  ? 1.232   9.727   16.290  1.00 41.24 ? 97  PHE A CZ  1 
ATOM   709  N  N   . ALA A 1 98  ? 2.672   2.751   17.097  1.00 40.84 ? 98  ALA A N   1 
ATOM   710  C  CA  . ALA A 1 98  ? 2.697   1.294   17.058  1.00 41.46 ? 98  ALA A CA  1 
ATOM   711  C  C   . ALA A 1 98  ? 2.601   0.735   18.481  1.00 43.12 ? 98  ALA A C   1 
ATOM   712  O  O   . ALA A 1 98  ? 3.282   1.189   19.392  1.00 42.47 ? 98  ALA A O   1 
ATOM   713  C  CB  . ALA A 1 98  ? 3.973   0.767   16.421  1.00 40.69 ? 98  ALA A CB  1 
ATOM   714  N  N   . GLY A 1 99  ? 1.704   -0.226  18.605  1.00 44.72 ? 99  GLY A N   1 
ATOM   715  C  CA  . GLY A 1 99  ? 1.589   -0.890  19.918  1.00 46.74 ? 99  GLY A CA  1 
ATOM   716  C  C   . GLY A 1 99  ? 2.468   -2.140  19.737  1.00 48.39 ? 99  GLY A C   1 
ATOM   717  O  O   . GLY A 1 99  ? 3.458   -2.164  19.004  1.00 48.14 ? 99  GLY A O   1 
ATOM   718  N  N   . ASP A 1 100 ? 1.972   -3.206  20.350  1.00 50.36 ? 100 ASP A N   1 
ATOM   719  C  CA  . ASP A 1 100 ? 2.736   -4.444  20.251  1.00 51.83 ? 100 ASP A CA  1 
ATOM   720  C  C   . ASP A 1 100 ? 1.912   -5.613  19.769  1.00 50.22 ? 100 ASP A C   1 
ATOM   721  O  O   . ASP A 1 100 ? 2.399   -6.742  19.776  1.00 51.15 ? 100 ASP A O   1 
ATOM   722  C  CB  . ASP A 1 100 ? 3.279   -4.745  21.650  1.00 54.89 ? 100 ASP A CB  1 
ATOM   723  C  CG  . ASP A 1 100 ? 4.787   -4.856  21.560  1.00 57.06 ? 100 ASP A CG  1 
ATOM   724  O  OD1 . ASP A 1 100 ? 5.336   -5.115  20.470  1.00 58.73 ? 100 ASP A OD1 1 
ATOM   725  O  OD2 . ASP A 1 100 ? 5.428   -4.661  22.612  1.00 58.86 ? 100 ASP A OD2 1 
ATOM   726  N  N   . ALA A 1 101 ? 0.682   -5.320  19.381  1.00 47.92 ? 101 ALA A N   1 
ATOM   727  C  CA  . ALA A 1 101 ? -0.191  -6.381  18.916  1.00 45.51 ? 101 ALA A CA  1 
ATOM   728  C  C   . ALA A 1 101 ? -0.061  -6.602  17.419  1.00 44.29 ? 101 ALA A C   1 
ATOM   729  O  O   . ALA A 1 101 ? 0.138   -5.673  16.646  1.00 44.41 ? 101 ALA A O   1 
ATOM   730  C  CB  . ALA A 1 101 ? -1.633  -6.030  19.272  1.00 45.19 ? 101 ALA A CB  1 
ATOM   731  N  N   . GLN A 1 102 ? -0.141  -7.860  17.023  1.00 43.05 ? 102 GLN A N   1 
ATOM   732  C  CA  . GLN A 1 102 ? -0.199  -8.252  15.625  1.00 41.48 ? 102 GLN A CA  1 
ATOM   733  C  C   . GLN A 1 102 ? -1.493  -9.063  15.479  1.00 40.68 ? 102 GLN A C   1 
ATOM   734  O  O   . GLN A 1 102 ? -1.742  -9.737  14.490  1.00 39.87 ? 102 GLN A O   1 
ATOM   735  C  CB  . GLN A 1 102 ? 0.997   -9.020  15.090  1.00 41.49 ? 102 GLN A CB  1 
ATOM   736  C  CG  . GLN A 1 102 ? 2.293   -8.239  15.071  1.00 41.25 ? 102 GLN A CG  1 
ATOM   737  C  CD  . GLN A 1 102 ? 3.483   -9.063  14.638  1.00 41.64 ? 102 GLN A CD  1 
ATOM   738  O  OE1 . GLN A 1 102 ? 3.740   -10.143 15.171  1.00 41.29 ? 102 GLN A OE1 1 
ATOM   739  N  NE2 . GLN A 1 102 ? 4.232   -8.544  13.673  1.00 41.45 ? 102 GLN A NE2 1 
ATOM   740  N  N   . ASP A 1 103 ? -2.345  -8.936  16.504  1.00 40.44 ? 103 ASP A N   1 
ATOM   741  C  CA  . ASP A 1 103 ? -3.643  -9.576  16.530  1.00 39.98 ? 103 ASP A CA  1 
ATOM   742  C  C   . ASP A 1 103 ? -4.656  -8.615  17.161  1.00 39.02 ? 103 ASP A C   1 
ATOM   743  O  O   . ASP A 1 103 ? -4.306  -7.770  17.988  1.00 38.87 ? 103 ASP A O   1 
ATOM   744  N  N   . ILE A 1 104 ? -5.896  -8.764  16.714  1.00 39.27 ? 104 ILE A N   1 
ATOM   745  C  CA  . ILE A 1 104 ? -6.973  -7.921  17.230  1.00 39.65 ? 104 ILE A CA  1 
ATOM   746  C  C   . ILE A 1 104 ? -8.155  -8.813  17.582  1.00 41.02 ? 104 ILE A C   1 
ATOM   747  O  O   . ILE A 1 104 ? -8.591  -9.610  16.765  1.00 40.41 ? 104 ILE A O   1 
ATOM   748  C  CB  . ILE A 1 104 ? -7.395  -6.845  16.216  1.00 38.15 ? 104 ILE A CB  1 
ATOM   749  C  CG1 . ILE A 1 104 ? -8.548  -6.027  16.819  1.00 37.45 ? 104 ILE A CG1 1 
ATOM   750  C  CG2 . ILE A 1 104 ? -7.804  -7.377  14.857  1.00 36.73 ? 104 ILE A CG2 1 
ATOM   751  C  CD1 . ILE A 1 104 ? -8.771  -4.710  16.122  1.00 38.25 ? 104 ILE A CD1 1 
ATOM   752  N  N   . PRO A 1 105 ? -8.610  -8.719  18.814  1.00 42.71 ? 105 PRO A N   1 
ATOM   753  C  CA  . PRO A 1 105 ? -9.747  -9.494  19.294  1.00 43.20 ? 105 PRO A CA  1 
ATOM   754  C  C   . PRO A 1 105 ? -10.935 -9.247  18.390  1.00 42.58 ? 105 PRO A C   1 
ATOM   755  O  O   . PRO A 1 105 ? -11.286 -8.094  18.094  1.00 43.10 ? 105 PRO A O   1 
ATOM   756  C  CB  . PRO A 1 105 ? -10.010 -9.036  20.736  1.00 43.80 ? 105 PRO A CB  1 
ATOM   757  C  CG  . PRO A 1 105 ? -8.721  -8.355  21.106  1.00 44.21 ? 105 PRO A CG  1 
ATOM   758  C  CD  . PRO A 1 105 ? -8.070  -7.833  19.843  1.00 43.48 ? 105 PRO A CD  1 
ATOM   759  N  N   . MET A 1 106 ? -11.643 -10.267 17.933  1.00 42.71 ? 106 MET A N   1 
ATOM   760  C  CA  . MET A 1 106 ? -12.804 -10.158 17.071  1.00 42.64 ? 106 MET A CA  1 
ATOM   761  C  C   . MET A 1 106 ? -13.915 -9.289  17.661  1.00 42.54 ? 106 MET A C   1 
ATOM   762  O  O   . MET A 1 106 ? -14.697 -8.610  17.004  1.00 41.62 ? 106 MET A O   1 
ATOM   763  C  CB  . MET A 1 106 ? -13.369 -11.557 16.776  1.00 43.63 ? 106 MET A CB  1 
ATOM   764  C  CG  . MET A 1 106 ? -14.411 -11.532 15.675  1.00 45.34 ? 106 MET A CG  1 
ATOM   765  S  SD  . MET A 1 106 ? -13.824 -10.847 14.117  1.00 47.54 ? 106 MET A SD  1 
ATOM   766  C  CE  . MET A 1 106 ? -15.395 -10.454 13.337  1.00 47.49 ? 106 MET A CE  1 
ATOM   767  N  N   . GLU A 1 107 ? -14.011 -9.293  18.967  1.00 44.12 ? 107 GLU A N   1 
ATOM   768  C  CA  . GLU A 1 107 ? -14.917 -8.514  19.786  1.00 45.34 ? 107 GLU A CA  1 
ATOM   769  C  C   . GLU A 1 107 ? -14.799 -7.028  19.487  1.00 45.21 ? 107 GLU A C   1 
ATOM   770  O  O   . GLU A 1 107 ? -15.776 -6.293  19.328  1.00 44.76 ? 107 GLU A O   1 
ATOM   771  C  CB  . GLU A 1 107 ? -14.538 -8.827  21.235  1.00 48.07 ? 107 GLU A CB  1 
ATOM   772  C  CG  . GLU A 1 107 ? -15.639 -8.617  22.255  1.00 51.34 ? 107 GLU A CG  1 
ATOM   773  C  CD  . GLU A 1 107 ? -15.105 -8.115  23.582  1.00 53.68 ? 107 GLU A CD  1 
ATOM   774  O  OE1 . GLU A 1 107 ? -14.220 -7.228  23.551  1.00 54.92 ? 107 GLU A OE1 1 
ATOM   775  O  OE2 . GLU A 1 107 ? -15.561 -8.573  24.650  1.00 55.22 ? 107 GLU A OE2 1 
ATOM   776  N  N   . THR A 1 108 ? -13.567 -6.559  19.316  1.00 44.95 ? 108 THR A N   1 
ATOM   777  C  CA  . THR A 1 108 ? -13.268 -5.176  18.982  1.00 44.06 ? 108 THR A CA  1 
ATOM   778  C  C   . THR A 1 108 ? -13.826 -4.796  17.629  1.00 43.23 ? 108 THR A C   1 
ATOM   779  O  O   . THR A 1 108 ? -14.417 -3.717  17.531  1.00 43.71 ? 108 THR A O   1 
ATOM   780  C  CB  . THR A 1 108 ? -11.749 -4.931  19.013  1.00 44.37 ? 108 THR A CB  1 
ATOM   781  O  OG1 . THR A 1 108 ? -11.264 -5.465  20.252  1.00 43.72 ? 108 THR A OG1 1 
ATOM   782  C  CG2 . THR A 1 108 ? -11.433 -3.456  18.905  1.00 44.54 ? 108 THR A CG2 1 
ATOM   783  N  N   . LEU A 1 109 ? -13.729 -5.632  16.599  1.00 42.28 ? 109 LEU A N   1 
ATOM   784  C  CA  . LEU A 1 109 ? -14.326 -5.314  15.317  1.00 42.27 ? 109 LEU A CA  1 
ATOM   785  C  C   . LEU A 1 109 ? -15.853 -5.346  15.424  1.00 41.34 ? 109 LEU A C   1 
ATOM   786  O  O   . LEU A 1 109 ? -16.525 -4.570  14.741  1.00 40.22 ? 109 LEU A O   1 
ATOM   787  C  CB  . LEU A 1 109 ? -13.909 -6.256  14.194  1.00 43.24 ? 109 LEU A CB  1 
ATOM   788  C  CG  . LEU A 1 109 ? -12.457 -6.726  14.126  1.00 44.37 ? 109 LEU A CG  1 
ATOM   789  C  CD1 . LEU A 1 109 ? -12.254 -7.598  12.898  1.00 44.15 ? 109 LEU A CD1 1 
ATOM   790  C  CD2 . LEU A 1 109 ? -11.491 -5.562  14.123  1.00 44.31 ? 109 LEU A CD2 1 
ATOM   791  N  N   . GLU A 1 110 ? -16.400 -6.240  16.245  1.00 40.85 ? 110 GLU A N   1 
ATOM   792  C  CA  . GLU A 1 110 ? -17.846 -6.328  16.424  1.00 40.43 ? 110 GLU A CA  1 
ATOM   793  C  C   . GLU A 1 110 ? -18.420 -5.058  17.045  1.00 41.95 ? 110 GLU A C   1 
ATOM   794  O  O   . GLU A 1 110 ? -19.518 -4.639  16.673  1.00 42.25 ? 110 GLU A O   1 
ATOM   795  C  CB  . GLU A 1 110 ? -18.238 -7.569  17.225  1.00 38.79 ? 110 GLU A CB  1 
ATOM   796  C  CG  . GLU A 1 110 ? -17.859 -8.873  16.536  1.00 38.32 ? 110 GLU A CG  1 
ATOM   797  C  CD  . GLU A 1 110 ? -18.644 -9.233  15.309  1.00 38.38 ? 110 GLU A CD  1 
ATOM   798  O  OE1 . GLU A 1 110 ? -19.566 -8.501  14.895  1.00 39.67 ? 110 GLU A OE1 1 
ATOM   799  O  OE2 . GLU A 1 110 ? -18.397 -10.290 14.665  1.00 38.47 ? 110 GLU A OE2 1 
ATOM   800  N  N   . GLU A 1 111 ? -17.668 -4.389  17.890  1.00 45.09 ? 111 GLU A N   1 
ATOM   801  C  CA  . GLU A 1 111 ? -18.054 -3.109  18.483  1.00 47.94 ? 111 GLU A CA  1 
ATOM   802  C  C   . GLU A 1 111 ? -18.168 -2.025  17.432  1.00 48.56 ? 111 GLU A C   1 
ATOM   803  O  O   . GLU A 1 111 ? -19.118 -1.230  17.460  1.00 48.00 ? 111 GLU A O   1 
ATOM   804  C  CB  . GLU A 1 111 ? -17.043 -2.803  19.601  1.00 50.25 ? 111 GLU A CB  1 
ATOM   805  C  CG  . GLU A 1 111 ? -17.184 -3.841  20.702  1.00 52.81 ? 111 GLU A CG  1 
ATOM   806  C  CD  . GLU A 1 111 ? -16.210 -3.824  21.846  1.00 54.37 ? 111 GLU A CD  1 
ATOM   807  O  OE1 . GLU A 1 111 ? -15.090 -3.292  21.710  1.00 55.74 ? 111 GLU A OE1 1 
ATOM   808  O  OE2 . GLU A 1 111 ? -16.558 -4.368  22.921  1.00 55.20 ? 111 GLU A OE2 1 
ATOM   809  N  N   . VAL A 1 112 ? -17.302 -2.036  16.414  1.00 49.23 ? 112 VAL A N   1 
ATOM   810  C  CA  . VAL A 1 112 ? -17.363 -1.060  15.336  1.00 50.55 ? 112 VAL A CA  1 
ATOM   811  C  C   . VAL A 1 112 ? -18.524 -1.341  14.398  1.00 50.68 ? 112 VAL A C   1 
ATOM   812  O  O   . VAL A 1 112 ? -19.042 -0.441  13.740  1.00 51.39 ? 112 VAL A O   1 
ATOM   813  C  CB  . VAL A 1 112 ? -16.045 -0.976  14.554  1.00 51.14 ? 112 VAL A CB  1 
ATOM   814  N  N   . LYS A 1 113 ? -18.957 -2.596  14.332  1.00 50.65 ? 113 LYS A N   1 
ATOM   815  C  CA  . LYS A 1 113 ? -20.129 -2.955  13.539  1.00 50.68 ? 113 LYS A CA  1 
ATOM   816  C  C   . LYS A 1 113 ? -21.372 -2.509  14.308  1.00 50.53 ? 113 LYS A C   1 
ATOM   817  O  O   . LYS A 1 113 ? -22.367 -2.094  13.718  1.00 50.33 ? 113 LYS A O   1 
ATOM   818  C  CB  . LYS A 1 113 ? -20.197 -4.443  13.240  1.00 51.29 ? 113 LYS A CB  1 
ATOM   819  C  CG  . LYS A 1 113 ? -19.344 -4.926  12.077  1.00 52.05 ? 113 LYS A CG  1 
ATOM   820  C  CD  . LYS A 1 113 ? -19.828 -4.310  10.776  1.00 52.68 ? 113 LYS A CD  1 
ATOM   821  C  CE  . LYS A 1 113 ? -18.894 -4.585  9.613   1.00 53.74 ? 113 LYS A CE  1 
ATOM   822  N  NZ  . LYS A 1 113 ? -19.007 -3.553  8.540   1.00 54.32 ? 113 LYS A NZ  1 
ATOM   823  N  N   . ALA A 1 114 ? -21.282 -2.549  15.638  1.00 50.50 ? 114 ALA A N   1 
ATOM   824  C  CA  . ALA A 1 114 ? -22.370 -2.101  16.504  1.00 51.57 ? 114 ALA A CA  1 
ATOM   825  C  C   . ALA A 1 114 ? -22.671 -0.628  16.244  1.00 53.15 ? 114 ALA A C   1 
ATOM   826  O  O   . ALA A 1 114 ? -23.838 -0.221  16.256  1.00 52.79 ? 114 ALA A O   1 
ATOM   827  C  CB  . ALA A 1 114 ? -22.043 -2.405  17.953  1.00 50.48 ? 114 ALA A CB  1 
ATOM   828  N  N   . SER A 1 115 ? -21.660 0.184   15.975  1.00 56.14 ? 115 SER A N   1 
ATOM   829  C  CA  . SER A 1 115 ? -21.868 1.575   15.589  1.00 58.64 ? 115 SER A CA  1 
ATOM   830  C  C   . SER A 1 115 ? -21.515 1.739   14.111  1.00 60.09 ? 115 SER A C   1 
ATOM   831  O  O   . SER A 1 115 ? -20.310 1.868   13.797  1.00 61.33 ? 115 SER A O   1 
ATOM   832  C  CB  . SER A 1 115 ? -21.073 2.516   16.478  1.00 59.46 ? 115 SER A CB  1 
ATOM   833  O  OG  . SER A 1 115 ? -19.739 2.077   16.643  1.00 59.78 ? 115 SER A OG  1 
ATOM   834  N  N   . MET B 2 1   ? 7.636   13.962  -19.011 1.00 38.04 ? 1   MET B N   1 
ATOM   835  C  CA  . MET B 2 1   ? 8.127   12.574  -18.758 1.00 38.51 ? 1   MET B CA  1 
ATOM   836  C  C   . MET B 2 1   ? 7.579   11.669  -19.848 1.00 38.71 ? 1   MET B C   1 
ATOM   837  O  O   . MET B 2 1   ? 6.487   11.928  -20.373 1.00 38.38 ? 1   MET B O   1 
ATOM   838  C  CB  . MET B 2 1   ? 7.673   12.035  -17.407 1.00 40.12 ? 1   MET B CB  1 
ATOM   839  C  CG  . MET B 2 1   ? 7.885   12.943  -16.216 1.00 41.40 ? 1   MET B CG  1 
ATOM   840  S  SD  . MET B 2 1   ? 7.224   12.262  -14.689 1.00 43.20 ? 1   MET B SD  1 
ATOM   841  C  CE  . MET B 2 1   ? 5.542   12.895  -14.759 1.00 43.47 ? 1   MET B CE  1 
ATOM   842  N  N   . ASN B 2 2   ? 8.280   10.593  -20.197 1.00 38.80 ? 2   ASN B N   1 
ATOM   843  C  CA  . ASN B 2 2   ? 7.771   9.723   -21.244 1.00 38.55 ? 2   ASN B CA  1 
ATOM   844  C  C   . ASN B 2 2   ? 8.069   8.258   -20.927 1.00 37.39 ? 2   ASN B C   1 
ATOM   845  O  O   . ASN B 2 2   ? 9.158   8.005   -20.422 1.00 35.97 ? 2   ASN B O   1 
ATOM   846  C  CB  . ASN B 2 2   ? 8.497   9.926   -22.571 1.00 41.36 ? 2   ASN B CB  1 
ATOM   847  C  CG  . ASN B 2 2   ? 8.095   11.101  -23.418 1.00 42.61 ? 2   ASN B CG  1 
ATOM   848  O  OD1 . ASN B 2 2   ? 8.541   12.209  -23.135 1.00 43.26 ? 2   ASN B OD1 1 
ATOM   849  N  ND2 . ASN B 2 2   ? 7.293   10.802  -24.437 1.00 43.89 ? 2   ASN B ND2 1 
ATOM   850  N  N   . VAL B 2 3   ? 7.181   7.399   -21.406 1.00 36.52 ? 3   VAL B N   1 
ATOM   851  C  CA  . VAL B 2 3   ? 7.481   5.966   -21.280 1.00 35.69 ? 3   VAL B CA  1 
ATOM   852  C  C   . VAL B 2 3   ? 8.733   5.756   -22.135 1.00 35.45 ? 3   VAL B C   1 
ATOM   853  O  O   . VAL B 2 3   ? 8.812   6.302   -23.235 1.00 36.05 ? 3   VAL B O   1 
ATOM   854  C  CB  . VAL B 2 3   ? 6.301   5.126   -21.757 1.00 35.80 ? 3   VAL B CB  1 
ATOM   855  C  CG1 . VAL B 2 3   ? 6.661   3.666   -21.934 1.00 35.94 ? 3   VAL B CG1 1 
ATOM   856  C  CG2 . VAL B 2 3   ? 5.187   5.250   -20.712 1.00 36.01 ? 3   VAL B CG2 1 
ATOM   857  N  N   . GLY B 2 4   ? 9.694   5.031   -21.602 1.00 35.15 ? 4   GLY B N   1 
ATOM   858  C  CA  . GLY B 2 4   ? 10.929  4.793   -22.349 1.00 35.79 ? 4   GLY B CA  1 
ATOM   859  C  C   . GLY B 2 4   ? 12.077  5.637   -21.860 1.00 36.55 ? 4   GLY B C   1 
ATOM   860  O  O   . GLY B 2 4   ? 13.254  5.354   -22.164 1.00 37.21 ? 4   GLY B O   1 
ATOM   861  N  N   . ASP B 2 5   ? 11.794  6.696   -21.096 1.00 36.81 ? 5   ASP B N   1 
ATOM   862  C  CA  . ASP B 2 5   ? 12.885  7.511   -20.588 1.00 35.82 ? 5   ASP B CA  1 
ATOM   863  C  C   . ASP B 2 5   ? 13.761  6.689   -19.634 1.00 35.19 ? 5   ASP B C   1 
ATOM   864  O  O   . ASP B 2 5   ? 13.292  5.918   -18.806 1.00 33.83 ? 5   ASP B O   1 
ATOM   865  C  CB  . ASP B 2 5   ? 12.426  8.708   -19.754 1.00 36.46 ? 5   ASP B CB  1 
ATOM   866  C  CG  . ASP B 2 5   ? 11.737  9.804   -20.535 1.00 37.37 ? 5   ASP B CG  1 
ATOM   867  O  OD1 . ASP B 2 5   ? 11.885  9.854   -21.771 1.00 38.24 ? 5   ASP B OD1 1 
ATOM   868  O  OD2 . ASP B 2 5   ? 11.070  10.638  -19.883 1.00 37.88 ? 5   ASP B OD2 1 
ATOM   869  N  N   . ARG B 2 6   ? 15.060  6.939   -19.765 1.00 35.39 ? 6   ARG B N   1 
ATOM   870  C  CA  . ARG B 2 6   ? 15.997  6.363   -18.801 1.00 35.65 ? 6   ARG B CA  1 
ATOM   871  C  C   . ARG B 2 6   ? 16.074  7.373   -17.658 1.00 33.85 ? 6   ARG B C   1 
ATOM   872  O  O   . ARG B 2 6   ? 16.105  8.587   -17.889 1.00 33.13 ? 6   ARG B O   1 
ATOM   873  C  CB  . ARG B 2 6   ? 17.366  6.127   -19.433 1.00 38.91 ? 6   ARG B CB  1 
ATOM   874  C  CG  . ARG B 2 6   ? 17.301  5.087   -20.545 1.00 42.76 ? 6   ARG B CG  1 
ATOM   875  C  CD  . ARG B 2 6   ? 18.665  4.921   -21.204 1.00 46.77 ? 6   ARG B CD  1 
ATOM   876  N  NE  . ARG B 2 6   ? 19.693  4.669   -20.191 1.00 50.13 ? 6   ARG B NE  1 
ATOM   877  C  CZ  . ARG B 2 6   ? 20.916  5.178   -20.286 1.00 52.30 ? 6   ARG B CZ  1 
ATOM   878  N  NH1 . ARG B 2 6   ? 21.228  5.953   -21.310 1.00 53.38 ? 6   ARG B NH1 1 
ATOM   879  N  NH2 . ARG B 2 6   ? 21.810  4.926   -19.344 1.00 53.34 ? 6   ARG B NH2 1 
ATOM   880  N  N   . VAL B 2 7   ? 16.036  6.880   -16.433 1.00 32.59 ? 7   VAL B N   1 
ATOM   881  C  CA  . VAL B 2 7   ? 16.080  7.691   -15.230 1.00 32.12 ? 7   VAL B CA  1 
ATOM   882  C  C   . VAL B 2 7   ? 17.016  7.105   -14.169 1.00 32.35 ? 7   VAL B C   1 
ATOM   883  O  O   . VAL B 2 7   ? 17.300  5.916   -14.126 1.00 33.57 ? 7   VAL B O   1 
ATOM   884  C  CB  . VAL B 2 7   ? 14.706  7.867   -14.542 1.00 32.00 ? 7   VAL B CB  1 
ATOM   885  C  CG1 . VAL B 2 7   ? 13.739  8.633   -15.445 1.00 32.82 ? 7   VAL B CG1 1 
ATOM   886  C  CG2 . VAL B 2 7   ? 14.099  6.539   -14.127 1.00 30.91 ? 7   VAL B CG2 1 
ATOM   887  N  N   . ARG B 2 8   ? 17.509  7.987   -13.319 1.00 32.18 ? 8   ARG B N   1 
ATOM   888  C  CA  . ARG B 2 8   ? 18.344  7.626   -12.180 1.00 32.45 ? 8   ARG B CA  1 
ATOM   889  C  C   . ARG B 2 8   ? 17.542  7.964   -10.920 1.00 32.21 ? 8   ARG B C   1 
ATOM   890  O  O   . ARG B 2 8   ? 16.918  9.039   -10.895 1.00 31.45 ? 8   ARG B O   1 
ATOM   891  C  CB  . ARG B 2 8   ? 19.655  8.396   -12.124 1.00 33.07 ? 8   ARG B CB  1 
ATOM   892  C  CG  . ARG B 2 8   ? 20.662  7.814   -11.141 1.00 34.44 ? 8   ARG B CG  1 
ATOM   893  C  CD  . ARG B 2 8   ? 21.961  8.611   -11.156 1.00 35.36 ? 8   ARG B CD  1 
ATOM   894  N  NE  . ARG B 2 8   ? 22.930  8.182   -10.168 1.00 37.02 ? 8   ARG B NE  1 
ATOM   895  C  CZ  . ARG B 2 8   ? 23.894  7.286   -10.290 1.00 37.52 ? 8   ARG B CZ  1 
ATOM   896  N  NH1 . ARG B 2 8   ? 24.084  6.611   -11.415 1.00 38.64 ? 8   ARG B NH1 1 
ATOM   897  N  NH2 . ARG B 2 8   ? 24.703  7.036   -9.255  1.00 38.07 ? 8   ARG B NH2 1 
ATOM   898  N  N   . VAL B 2 9   ? 17.482  7.034   -9.988  1.00 32.25 ? 9   VAL B N   1 
ATOM   899  C  CA  . VAL B 2 9   ? 16.784  7.307   -8.715  1.00 33.30 ? 9   VAL B CA  1 
ATOM   900  C  C   . VAL B 2 9   ? 17.707  8.249   -7.950  1.00 34.16 ? 9   VAL B C   1 
ATOM   901  O  O   . VAL B 2 9   ? 18.827  7.869   -7.602  1.00 34.13 ? 9   VAL B O   1 
ATOM   902  C  CB  . VAL B 2 9   ? 16.542  6.021   -7.919  1.00 32.95 ? 9   VAL B CB  1 
ATOM   903  C  CG1 . VAL B 2 9   ? 15.805  6.299   -6.617  1.00 33.07 ? 9   VAL B CG1 1 
ATOM   904  C  CG2 . VAL B 2 9   ? 15.790  4.999   -8.738  1.00 33.32 ? 9   VAL B CG2 1 
ATOM   905  N  N   . THR B 2 10  ? 17.316  9.505   -7.843  1.00 34.76 ? 10  THR B N   1 
ATOM   906  C  CA  . THR B 2 10  ? 18.179  10.507  -7.213  1.00 35.36 ? 10  THR B CA  1 
ATOM   907  C  C   . THR B 2 10  ? 17.816  10.725  -5.766  1.00 35.72 ? 10  THR B C   1 
ATOM   908  O  O   . THR B 2 10  ? 18.729  11.060  -5.003  1.00 37.66 ? 10  THR B O   1 
ATOM   909  C  CB  . THR B 2 10  ? 18.168  11.768  -8.087  1.00 35.65 ? 10  THR B CB  1 
ATOM   910  O  OG1 . THR B 2 10  ? 16.808  12.147  -8.343  1.00 36.30 ? 10  THR B OG1 1 
ATOM   911  C  CG2 . THR B 2 10  ? 18.824  11.463  -9.425  1.00 35.26 ? 10  THR B CG2 1 
ATOM   912  N  N   . SER B 2 11  ? 16.579  10.490  -5.341  1.00 35.57 ? 11  SER B N   1 
ATOM   913  C  CA  . SER B 2 11  ? 16.214  10.590  -3.935  1.00 36.54 ? 11  SER B CA  1 
ATOM   914  C  C   . SER B 2 11  ? 16.480  9.251   -3.248  1.00 36.02 ? 11  SER B C   1 
ATOM   915  O  O   . SER B 2 11  ? 16.601  8.225   -3.918  1.00 36.35 ? 11  SER B O   1 
ATOM   916  C  CB  . SER B 2 11  ? 14.722  10.926  -3.749  1.00 37.54 ? 11  SER B CB  1 
ATOM   917  O  OG  . SER B 2 11  ? 14.396  12.122  -4.428  1.00 38.30 ? 11  SER B OG  1 
ATOM   918  N  N   . SER B 2 12  ? 16.555  9.262   -1.924  1.00 36.68 ? 12  SER B N   1 
ATOM   919  C  CA  . SER B 2 12  ? 16.690  7.996   -1.188  1.00 36.13 ? 12  SER B CA  1 
ATOM   920  C  C   . SER B 2 12  ? 15.307  7.351   -1.142  1.00 35.66 ? 12  SER B C   1 
ATOM   921  O  O   . SER B 2 12  ? 14.320  7.981   -0.734  1.00 35.76 ? 12  SER B O   1 
ATOM   922  C  CB  . SER B 2 12  ? 17.178  8.264   0.235   1.00 36.71 ? 12  SER B CB  1 
ATOM   923  O  OG  . SER B 2 12  ? 17.063  7.106   1.045   1.00 36.87 ? 12  SER B OG  1 
ATOM   924  N  N   . VAL B 2 13  ? 15.194  6.130   -1.666  1.00 34.82 ? 13  VAL B N   1 
ATOM   925  C  CA  . VAL B 2 13  ? 13.924  5.406   -1.708  1.00 34.26 ? 13  VAL B CA  1 
ATOM   926  C  C   . VAL B 2 13  ? 14.186  4.003   -1.161  1.00 33.58 ? 13  VAL B C   1 
ATOM   927  O  O   . VAL B 2 13  ? 14.840  3.219   -1.867  1.00 33.25 ? 13  VAL B O   1 
ATOM   928  C  CB  . VAL B 2 13  ? 13.355  5.336   -3.132  1.00 34.50 ? 13  VAL B CB  1 
ATOM   929  C  CG1 . VAL B 2 13  ? 12.089  4.485   -3.200  1.00 34.64 ? 13  VAL B CG1 1 
ATOM   930  C  CG2 . VAL B 2 13  ? 13.031  6.706   -3.725  1.00 35.01 ? 13  VAL B CG2 1 
ATOM   931  N  N   . VAL B 2 14  ? 13.713  3.711   0.038   1.00 33.19 ? 14  VAL B N   1 
ATOM   932  C  CA  . VAL B 2 14  ? 13.949  2.409   0.670   1.00 33.29 ? 14  VAL B CA  1 
ATOM   933  C  C   . VAL B 2 14  ? 12.797  1.460   0.392   1.00 33.39 ? 14  VAL B C   1 
ATOM   934  O  O   . VAL B 2 14  ? 11.641  1.749   0.716   1.00 33.41 ? 14  VAL B O   1 
ATOM   935  C  CB  . VAL B 2 14  ? 14.191  2.595   2.173   1.00 34.23 ? 14  VAL B CB  1 
ATOM   936  C  CG1 . VAL B 2 14  ? 14.327  1.261   2.897   1.00 34.39 ? 14  VAL B CG1 1 
ATOM   937  C  CG2 . VAL B 2 14  ? 15.432  3.446   2.432   1.00 35.33 ? 14  VAL B CG2 1 
ATOM   938  N  N   . VAL B 2 15  ? 13.071  0.321   -0.251  1.00 32.85 ? 15  VAL B N   1 
ATOM   939  C  CA  . VAL B 2 15  ? 12.046  -0.631  -0.626  1.00 32.12 ? 15  VAL B CA  1 
ATOM   940  C  C   . VAL B 2 15  ? 12.319  -2.029  -0.050  1.00 32.65 ? 15  VAL B C   1 
ATOM   941  O  O   . VAL B 2 15  ? 13.433  -2.310  0.389   1.00 33.04 ? 15  VAL B O   1 
ATOM   942  C  CB  . VAL B 2 15  ? 11.849  -0.807  -2.141  1.00 32.06 ? 15  VAL B CB  1 
ATOM   943  C  CG1 . VAL B 2 15  ? 11.505  0.510   -2.811  1.00 31.55 ? 15  VAL B CG1 1 
ATOM   944  C  CG2 . VAL B 2 15  ? 13.074  -1.445  -2.777  1.00 32.22 ? 15  VAL B CG2 1 
ATOM   945  N  N   . TYR B 2 16  ? 11.260  -2.831  -0.039  1.00 32.54 ? 16  TYR B N   1 
ATOM   946  C  CA  . TYR B 2 16  ? 11.283  -4.167  0.545   1.00 32.86 ? 16  TYR B CA  1 
ATOM   947  C  C   . TYR B 2 16  ? 10.959  -5.288  -0.416  1.00 32.80 ? 16  TYR B C   1 
ATOM   948  O  O   . TYR B 2 16  ? 10.941  -6.465  -0.005  1.00 34.13 ? 16  TYR B O   1 
ATOM   949  C  CB  . TYR B 2 16  ? 10.293  -4.233  1.754   1.00 33.39 ? 16  TYR B CB  1 
ATOM   950  C  CG  . TYR B 2 16  ? 10.732  -3.288  2.851   1.00 33.90 ? 16  TYR B CG  1 
ATOM   951  C  CD1 . TYR B 2 16  ? 10.356  -1.944  2.854   1.00 34.41 ? 16  TYR B CD1 1 
ATOM   952  C  CD2 . TYR B 2 16  ? 11.578  -3.716  3.853   1.00 34.94 ? 16  TYR B CD2 1 
ATOM   953  C  CE1 . TYR B 2 16  ? 10.795  -1.067  3.820   1.00 34.65 ? 16  TYR B CE1 1 
ATOM   954  C  CE2 . TYR B 2 16  ? 12.018  -2.857  4.834   1.00 35.16 ? 16  TYR B CE2 1 
ATOM   955  C  CZ  . TYR B 2 16  ? 11.631  -1.540  4.817   1.00 35.95 ? 16  TYR B CZ  1 
ATOM   956  O  OH  . TYR B 2 16  ? 12.065  -0.695  5.802   1.00 37.61 ? 16  TYR B OH  1 
ATOM   957  N  N   . HIS B 2 17  ? 10.773  -5.024  -1.698  1.00 32.90 ? 17  HIS B N   1 
ATOM   958  C  CA  . HIS B 2 17  ? 10.436  -6.044  -2.672  1.00 34.00 ? 17  HIS B CA  1 
ATOM   959  C  C   . HIS B 2 17  ? 11.500  -6.316  -3.722  1.00 34.88 ? 17  HIS B C   1 
ATOM   960  O  O   . HIS B 2 17  ? 11.192  -6.966  -4.736  1.00 35.71 ? 17  HIS B O   1 
ATOM   961  C  CB  . HIS B 2 17  ? 9.129   -5.659  -3.387  1.00 33.56 ? 17  HIS B CB  1 
ATOM   962  C  CG  . HIS B 2 17  ? 9.276   -4.451  -4.252  1.00 32.96 ? 17  HIS B CG  1 
ATOM   963  N  ND1 . HIS B 2 17  ? 9.800   -3.271  -3.781  1.00 33.02 ? 17  HIS B ND1 1 
ATOM   964  C  CD2 . HIS B 2 17  ? 8.948   -4.233  -5.559  1.00 33.21 ? 17  HIS B CD2 1 
ATOM   965  C  CE1 . HIS B 2 17  ? 9.790   -2.378  -4.750  1.00 32.87 ? 17  HIS B CE1 1 
ATOM   966  N  NE2 . HIS B 2 17  ? 9.270   -2.933  -5.834  1.00 32.59 ? 17  HIS B NE2 1 
ATOM   967  N  N   . HIS B 2 18  ? 12.720  -5.845  -3.536  1.00 35.46 ? 18  HIS B N   1 
ATOM   968  C  CA  . HIS B 2 18  ? 13.767  -6.128  -4.537  1.00 36.57 ? 18  HIS B CA  1 
ATOM   969  C  C   . HIS B 2 18  ? 14.076  -7.612  -4.496  1.00 37.64 ? 18  HIS B C   1 
ATOM   970  O  O   . HIS B 2 18  ? 14.230  -8.189  -3.423  1.00 37.43 ? 18  HIS B O   1 
ATOM   971  C  CB  . HIS B 2 18  ? 15.004  -5.287  -4.189  1.00 36.74 ? 18  HIS B CB  1 
ATOM   972  C  CG  . HIS B 2 18  ? 15.930  -5.334  -5.368  1.00 36.99 ? 18  HIS B CG  1 
ATOM   973  N  ND1 . HIS B 2 18  ? 16.757  -6.423  -5.592  1.00 37.40 ? 18  HIS B ND1 1 
ATOM   974  C  CD2 . HIS B 2 18  ? 16.117  -4.485  -6.394  1.00 37.31 ? 18  HIS B CD2 1 
ATOM   975  C  CE1 . HIS B 2 18  ? 17.421  -6.210  -6.714  1.00 37.74 ? 18  HIS B CE1 1 
ATOM   976  N  NE2 . HIS B 2 18  ? 17.069  -5.042  -7.221  1.00 37.96 ? 18  HIS B NE2 1 
ATOM   977  N  N   . PRO B 2 19  ? 14.181  -8.285  -5.627  1.00 39.05 ? 19  PRO B N   1 
ATOM   978  C  CA  . PRO B 2 19  ? 14.431  -9.716  -5.701  1.00 39.78 ? 19  PRO B CA  1 
ATOM   979  C  C   . PRO B 2 19  ? 15.723  -10.169 -5.051  1.00 40.67 ? 19  PRO B C   1 
ATOM   980  O  O   . PRO B 2 19  ? 15.797  -11.342 -4.645  1.00 41.78 ? 19  PRO B O   1 
ATOM   981  C  CB  . PRO B 2 19  ? 14.394  -10.112 -7.190  1.00 39.99 ? 19  PRO B CB  1 
ATOM   982  C  CG  . PRO B 2 19  ? 14.562  -8.784  -7.865  1.00 40.06 ? 19  PRO B CG  1 
ATOM   983  C  CD  . PRO B 2 19  ? 14.005  -7.698  -6.952  1.00 39.36 ? 19  PRO B CD  1 
ATOM   984  N  N   . GLU B 2 20  ? 16.718  -9.321  -4.884  1.00 41.08 ? 20  GLU B N   1 
ATOM   985  C  CA  . GLU B 2 20  ? 17.958  -9.677  -4.220  1.00 41.60 ? 20  GLU B CA  1 
ATOM   986  C  C   . GLU B 2 20  ? 17.914  -9.354  -2.731  1.00 40.34 ? 20  GLU B C   1 
ATOM   987  O  O   . GLU B 2 20  ? 18.923  -9.488  -2.044  1.00 39.80 ? 20  GLU B O   1 
ATOM   988  C  CB  . GLU B 2 20  ? 19.145  -8.896  -4.759  1.00 44.40 ? 20  GLU B CB  1 
ATOM   989  C  CG  . GLU B 2 20  ? 19.686  -9.233  -6.130  1.00 47.19 ? 20  GLU B CG  1 
ATOM   990  C  CD  . GLU B 2 20  ? 20.851  -8.313  -6.450  1.00 49.70 ? 20  GLU B CD  1 
ATOM   991  O  OE1 . GLU B 2 20  ? 21.975  -8.649  -6.008  1.00 51.48 ? 20  GLU B OE1 1 
ATOM   992  O  OE2 . GLU B 2 20  ? 20.659  -7.272  -7.105  1.00 50.42 ? 20  GLU B OE2 1 
ATOM   993  N  N   . HIS B 2 21  ? 16.900  -8.647  -2.255  1.00 38.73 ? 21  HIS B N   1 
ATOM   994  C  CA  . HIS B 2 21  ? 16.787  -8.184  -0.874  1.00 38.86 ? 21  HIS B CA  1 
ATOM   995  C  C   . HIS B 2 21  ? 15.348  -8.376  -0.408  1.00 38.53 ? 21  HIS B C   1 
ATOM   996  O  O   . HIS B 2 21  ? 14.687  -7.494  0.150   1.00 38.51 ? 21  HIS B O   1 
ATOM   997  C  CB  . HIS B 2 21  ? 17.178  -6.694  -0.796  1.00 38.93 ? 21  HIS B CB  1 
ATOM   998  C  CG  . HIS B 2 21  ? 18.502  -6.392  -1.429  1.00 39.56 ? 21  HIS B CG  1 
ATOM   999  N  ND1 . HIS B 2 21  ? 19.702  -6.669  -0.806  1.00 40.20 ? 21  HIS B ND1 1 
ATOM   1000 C  CD2 . HIS B 2 21  ? 18.822  -5.940  -2.663  1.00 39.55 ? 21  HIS B CD2 1 
ATOM   1001 C  CE1 . HIS B 2 21  ? 20.700  -6.361  -1.615  1.00 40.03 ? 21  HIS B CE1 1 
ATOM   1002 N  NE2 . HIS B 2 21  ? 20.197  -5.918  -2.752  1.00 39.92 ? 21  HIS B NE2 1 
ATOM   1003 N  N   . LYS B 2 22  ? 14.791  -9.546  -0.756  1.00 39.01 ? 22  LYS B N   1 
ATOM   1004 C  CA  . LYS B 2 22  ? 13.387  -9.800  -0.456  1.00 39.26 ? 22  LYS B CA  1 
ATOM   1005 C  C   . LYS B 2 22  ? 13.100  -9.578  1.020   1.00 39.73 ? 22  LYS B C   1 
ATOM   1006 O  O   . LYS B 2 22  ? 13.813  -10.087 1.879   1.00 40.09 ? 22  LYS B O   1 
ATOM   1007 C  CB  . LYS B 2 22  ? 12.970  -11.212 -0.840  1.00 40.65 ? 22  LYS B CB  1 
ATOM   1008 N  N   . LYS B 2 23  ? 12.072  -8.794  1.336   1.00 40.03 ? 23  LYS B N   1 
ATOM   1009 C  CA  . LYS B 2 23  ? 11.661  -8.517  2.694   1.00 40.58 ? 23  LYS B CA  1 
ATOM   1010 C  C   . LYS B 2 23  ? 12.606  -7.669  3.515   1.00 40.03 ? 23  LYS B C   1 
ATOM   1011 O  O   . LYS B 2 23  ? 12.320  -7.477  4.707   1.00 41.14 ? 23  LYS B O   1 
ATOM   1012 C  CB  . LYS B 2 23  ? 11.402  -9.848  3.445   1.00 42.68 ? 23  LYS B CB  1 
ATOM   1013 C  CG  . LYS B 2 23  ? 10.299  -10.680 2.823   1.00 44.97 ? 23  LYS B CG  1 
ATOM   1014 C  CD  . LYS B 2 23  ? 9.928   -11.918 3.625   1.00 47.33 ? 23  LYS B CD  1 
ATOM   1015 C  CE  . LYS B 2 23  ? 9.144   -12.863 2.731   1.00 48.75 ? 23  LYS B CE  1 
ATOM   1016 N  NZ  . LYS B 2 23  ? 8.017   -13.570 3.396   1.00 50.96 ? 23  LYS B NZ  1 
ATOM   1017 N  N   . THR B 2 24  ? 13.720  -7.187  2.986   1.00 38.98 ? 24  THR B N   1 
ATOM   1018 C  CA  . THR B 2 24  ? 14.651  -6.364  3.745   1.00 38.18 ? 24  THR B CA  1 
ATOM   1019 C  C   . THR B 2 24  ? 14.840  -5.012  3.064   1.00 36.47 ? 24  THR B C   1 
ATOM   1020 O  O   . THR B 2 24  ? 14.685  -4.878  1.851   1.00 35.90 ? 24  THR B O   1 
ATOM   1021 C  CB  . THR B 2 24  ? 16.014  -7.030  3.981   1.00 40.14 ? 24  THR B CB  1 
ATOM   1022 O  OG1 . THR B 2 24  ? 16.648  -7.293  2.732   1.00 41.87 ? 24  THR B OG1 1 
ATOM   1023 C  CG2 . THR B 2 24  ? 15.838  -8.347  4.725   1.00 40.61 ? 24  THR B CG2 1 
ATOM   1024 N  N   . ALA B 2 25  ? 15.124  -4.005  3.880   1.00 35.01 ? 25  ALA B N   1 
ATOM   1025 C  CA  . ALA B 2 25  ? 15.281  -2.636  3.405   1.00 34.11 ? 25  ALA B CA  1 
ATOM   1026 C  C   . ALA B 2 25  ? 16.471  -2.440  2.486   1.00 34.30 ? 25  ALA B C   1 
ATOM   1027 O  O   . ALA B 2 25  ? 17.610  -2.795  2.783   1.00 34.55 ? 25  ALA B O   1 
ATOM   1028 C  CB  . ALA B 2 25  ? 15.350  -1.723  4.626   1.00 34.27 ? 25  ALA B CB  1 
ATOM   1029 N  N   . PHE B 2 26  ? 16.216  -1.876  1.312   1.00 34.36 ? 26  PHE B N   1 
ATOM   1030 C  CA  . PHE B 2 26  ? 17.210  -1.646  0.284   1.00 34.50 ? 26  PHE B CA  1 
ATOM   1031 C  C   . PHE B 2 26  ? 16.953  -0.297  -0.392  1.00 33.98 ? 26  PHE B C   1 
ATOM   1032 O  O   . PHE B 2 26  ? 15.843  -0.095  -0.912  1.00 33.59 ? 26  PHE B O   1 
ATOM   1033 C  CB  . PHE B 2 26  ? 17.187  -2.771  -0.750  1.00 36.21 ? 26  PHE B CB  1 
ATOM   1034 C  CG  . PHE B 2 26  ? 18.186  -2.588  -1.856  1.00 37.42 ? 26  PHE B CG  1 
ATOM   1035 C  CD1 . PHE B 2 26  ? 19.544  -2.614  -1.571  1.00 38.42 ? 26  PHE B CD1 1 
ATOM   1036 C  CD2 . PHE B 2 26  ? 17.776  -2.388  -3.156  1.00 37.70 ? 26  PHE B CD2 1 
ATOM   1037 C  CE1 . PHE B 2 26  ? 20.477  -2.426  -2.571  1.00 38.57 ? 26  PHE B CE1 1 
ATOM   1038 C  CE2 . PHE B 2 26  ? 18.706  -2.219  -4.165  1.00 38.12 ? 26  PHE B CE2 1 
ATOM   1039 C  CZ  . PHE B 2 26  ? 20.058  -2.229  -3.870  1.00 38.80 ? 26  PHE B CZ  1 
ATOM   1040 N  N   . ASP B 2 27  ? 17.962  0.547   -0.366  1.00 32.93 ? 27  ASP B N   1 
ATOM   1041 C  CA  . ASP B 2 27  ? 17.838  1.886   -0.955  1.00 33.30 ? 27  ASP B CA  1 
ATOM   1042 C  C   . ASP B 2 27  ? 18.148  1.777   -2.446  1.00 34.23 ? 27  ASP B C   1 
ATOM   1043 O  O   . ASP B 2 27  ? 19.197  1.265   -2.834  1.00 35.64 ? 27  ASP B O   1 
ATOM   1044 C  CB  . ASP B 2 27  ? 18.751  2.894   -0.285  1.00 33.76 ? 27  ASP B CB  1 
ATOM   1045 C  CG  . ASP B 2 27  ? 18.329  4.338   -0.384  1.00 34.51 ? 27  ASP B CG  1 
ATOM   1046 O  OD1 . ASP B 2 27  ? 17.770  4.704   -1.441  1.00 34.16 ? 27  ASP B OD1 1 
ATOM   1047 O  OD2 . ASP B 2 27  ? 18.545  5.089   0.598   1.00 35.70 ? 27  ASP B OD2 1 
ATOM   1048 N  N   . LEU B 2 28  ? 17.220  2.316   -3.240  1.00 32.36 ? 28  LEU B N   1 
ATOM   1049 C  CA  . LEU B 2 28  ? 17.342  2.316   -4.684  1.00 32.56 ? 28  LEU B CA  1 
ATOM   1050 C  C   . LEU B 2 28  ? 18.116  3.521   -5.201  1.00 33.68 ? 28  LEU B C   1 
ATOM   1051 O  O   . LEU B 2 28  ? 18.385  3.569   -6.399  1.00 34.57 ? 28  LEU B O   1 
ATOM   1052 C  CB  . LEU B 2 28  ? 15.947  2.349   -5.319  1.00 32.56 ? 28  LEU B CB  1 
ATOM   1053 C  CG  . LEU B 2 28  ? 15.053  1.167   -4.957  1.00 32.68 ? 28  LEU B CG  1 
ATOM   1054 C  CD1 . LEU B 2 28  ? 13.692  1.361   -5.616  1.00 32.68 ? 28  LEU B CD1 1 
ATOM   1055 C  CD2 . LEU B 2 28  ? 15.654  -0.161  -5.413  1.00 32.42 ? 28  LEU B CD2 1 
ATOM   1056 N  N   . GLN B 2 29  ? 18.397  4.497   -4.345  1.00 34.57 ? 29  GLN B N   1 
ATOM   1057 C  CA  . GLN B 2 29  ? 19.150  5.658   -4.787  1.00 35.14 ? 29  GLN B CA  1 
ATOM   1058 C  C   . GLN B 2 29  ? 20.389  5.268   -5.580  1.00 35.76 ? 29  GLN B C   1 
ATOM   1059 O  O   . GLN B 2 29  ? 21.215  4.441   -5.169  1.00 36.26 ? 29  GLN B O   1 
ATOM   1060 C  CB  . GLN B 2 29  ? 19.543  6.510   -3.578  1.00 35.54 ? 29  GLN B CB  1 
ATOM   1061 C  CG  . GLN B 2 29  ? 20.261  7.803   -3.961  1.00 36.36 ? 29  GLN B CG  1 
ATOM   1062 C  CD  . GLN B 2 29  ? 20.444  8.661   -2.725  1.00 38.01 ? 29  GLN B CD  1 
ATOM   1063 O  OE1 . GLN B 2 29  ? 21.063  8.177   -1.776  1.00 39.06 ? 29  GLN B OE1 1 
ATOM   1064 N  NE2 . GLN B 2 29  ? 19.940  9.884   -2.742  1.00 38.35 ? 29  GLN B NE2 1 
ATOM   1065 N  N   . GLY B 2 30  ? 20.530  5.866   -6.758  1.00 36.48 ? 30  GLY B N   1 
ATOM   1066 C  CA  . GLY B 2 30  ? 21.669  5.617   -7.631  1.00 36.17 ? 30  GLY B CA  1 
ATOM   1067 C  C   . GLY B 2 30  ? 21.374  4.625   -8.741  1.00 36.37 ? 30  GLY B C   1 
ATOM   1068 O  O   . GLY B 2 30  ? 22.021  4.625   -9.798  1.00 36.58 ? 30  GLY B O   1 
ATOM   1069 N  N   . MET B 2 31  ? 20.365  3.780   -8.538  1.00 35.12 ? 31  MET B N   1 
ATOM   1070 C  CA  . MET B 2 31  ? 19.995  2.814   -9.563  1.00 35.43 ? 31  MET B CA  1 
ATOM   1071 C  C   . MET B 2 31  ? 19.420  3.524   -10.772 1.00 35.24 ? 31  MET B C   1 
ATOM   1072 O  O   . MET B 2 31  ? 18.820  4.592   -10.656 1.00 35.34 ? 31  MET B O   1 
ATOM   1073 C  CB  . MET B 2 31  ? 18.998  1.795   -9.016  1.00 36.46 ? 31  MET B CB  1 
ATOM   1074 C  CG  . MET B 2 31  ? 19.723  0.784   -8.134  1.00 37.62 ? 31  MET B CG  1 
ATOM   1075 S  SD  . MET B 2 31  ? 18.593  -0.320  -7.297  1.00 39.23 ? 31  MET B SD  1 
ATOM   1076 C  CE  . MET B 2 31  ? 17.708  -1.049  -8.669  1.00 39.71 ? 31  MET B CE  1 
ATOM   1077 N  N   . GLU B 2 32  ? 19.609  2.927   -11.947 1.00 35.79 ? 32  GLU B N   1 
ATOM   1078 C  CA  . GLU B 2 32  ? 19.090  3.472   -13.193 1.00 36.24 ? 32  GLU B CA  1 
ATOM   1079 C  C   . GLU B 2 32  ? 18.169  2.474   -13.879 1.00 35.63 ? 32  GLU B C   1 
ATOM   1080 O  O   . GLU B 2 32  ? 18.419  1.268   -13.898 1.00 36.05 ? 32  GLU B O   1 
ATOM   1081 C  CB  . GLU B 2 32  ? 20.233  3.855   -14.145 1.00 38.52 ? 32  GLU B CB  1 
ATOM   1082 C  CG  . GLU B 2 32  ? 21.148  4.877   -13.492 1.00 41.48 ? 32  GLU B CG  1 
ATOM   1083 C  CD  . GLU B 2 32  ? 22.298  5.337   -14.348 1.00 43.27 ? 32  GLU B CD  1 
ATOM   1084 O  OE1 . GLU B 2 32  ? 22.604  4.650   -15.342 1.00 44.70 ? 32  GLU B OE1 1 
ATOM   1085 O  OE2 . GLU B 2 32  ? 22.853  6.399   -14.002 1.00 45.04 ? 32  GLU B OE2 1 
ATOM   1086 N  N   . GLY B 2 33  ? 17.034  2.967   -14.380 1.00 34.73 ? 33  GLY B N   1 
ATOM   1087 C  CA  . GLY B 2 33  ? 16.074  2.093   -15.035 1.00 33.40 ? 33  GLY B CA  1 
ATOM   1088 C  C   . GLY B 2 33  ? 15.363  2.851   -16.146 1.00 32.82 ? 33  GLY B C   1 
ATOM   1089 O  O   . GLY B 2 33  ? 15.855  3.888   -16.604 1.00 34.25 ? 33  GLY B O   1 
ATOM   1090 N  N   . GLU B 2 34  ? 14.217  2.348   -16.566 1.00 32.45 ? 34  GLU B N   1 
ATOM   1091 C  CA  . GLU B 2 34  ? 13.449  2.972   -17.637 1.00 32.68 ? 34  GLU B CA  1 
ATOM   1092 C  C   . GLU B 2 34  ? 11.989  3.149   -17.205 1.00 32.58 ? 34  GLU B C   1 
ATOM   1093 O  O   . GLU B 2 34  ? 11.488  2.258   -16.548 1.00 33.14 ? 34  GLU B O   1 
ATOM   1094 C  CB  . GLU B 2 34  ? 13.490  2.073   -18.861 1.00 34.50 ? 34  GLU B CB  1 
ATOM   1095 N  N   . VAL B 2 35  ? 11.422  4.303   -17.554 1.00 31.76 ? 35  VAL B N   1 
ATOM   1096 C  CA  . VAL B 2 35  ? 10.026  4.552   -17.199 1.00 31.91 ? 35  VAL B CA  1 
ATOM   1097 C  C   . VAL B 2 35  ? 9.171   3.605   -18.037 1.00 32.45 ? 35  VAL B C   1 
ATOM   1098 O  O   . VAL B 2 35  ? 9.273   3.574   -19.267 1.00 32.99 ? 35  VAL B O   1 
ATOM   1099 C  CB  . VAL B 2 35  ? 9.633   6.008   -17.459 1.00 32.36 ? 35  VAL B CB  1 
ATOM   1100 C  CG1 . VAL B 2 35  ? 8.148   6.222   -17.180 1.00 32.33 ? 35  VAL B CG1 1 
ATOM   1101 C  CG2 . VAL B 2 35  ? 10.481  6.956   -16.626 1.00 33.05 ? 35  VAL B CG2 1 
ATOM   1102 N  N   . ALA B 2 36  ? 8.315   2.879   -17.342 1.00 33.24 ? 36  ALA B N   1 
ATOM   1103 C  CA  . ALA B 2 36  ? 7.426   1.918   -17.979 1.00 33.70 ? 36  ALA B CA  1 
ATOM   1104 C  C   . ALA B 2 36  ? 6.007   2.467   -18.084 1.00 35.05 ? 36  ALA B C   1 
ATOM   1105 O  O   . ALA B 2 36  ? 5.263   2.067   -18.988 1.00 36.04 ? 36  ALA B O   1 
ATOM   1106 C  CB  . ALA B 2 36  ? 7.411   0.607   -17.198 1.00 34.08 ? 36  ALA B CB  1 
ATOM   1107 N  N   . ALA B 2 37  ? 5.675   3.376   -17.178 1.00 34.44 ? 37  ALA B N   1 
ATOM   1108 C  CA  . ALA B 2 37  ? 4.332   3.954   -17.191 1.00 34.95 ? 37  ALA B CA  1 
ATOM   1109 C  C   . ALA B 2 37  ? 4.258   5.210   -16.343 1.00 35.16 ? 37  ALA B C   1 
ATOM   1110 O  O   . ALA B 2 37  ? 5.083   5.403   -15.455 1.00 34.85 ? 37  ALA B O   1 
ATOM   1111 C  CB  . ALA B 2 37  ? 3.376   2.922   -16.606 1.00 35.93 ? 37  ALA B CB  1 
ATOM   1112 N  N   . VAL B 2 38  ? 3.289   6.069   -16.644 1.00 35.36 ? 38  VAL B N   1 
ATOM   1113 C  CA  . VAL B 2 38  ? 3.039   7.244   -15.801 1.00 35.85 ? 38  VAL B CA  1 
ATOM   1114 C  C   . VAL B 2 38  ? 1.519   7.145   -15.535 1.00 36.83 ? 38  VAL B C   1 
ATOM   1115 O  O   . VAL B 2 38  ? 0.750   7.333   -16.463 1.00 37.29 ? 38  VAL B O   1 
ATOM   1116 C  CB  . VAL B 2 38  ? 3.398   8.602   -16.356 1.00 35.54 ? 38  VAL B CB  1 
ATOM   1117 C  CG1 . VAL B 2 38  ? 3.058   9.738   -15.392 1.00 35.93 ? 38  VAL B CG1 1 
ATOM   1118 C  CG2 . VAL B 2 38  ? 4.879   8.724   -16.708 1.00 35.74 ? 38  VAL B CG2 1 
ATOM   1119 N  N   . LEU B 2 39  ? 1.169   6.732   -14.329 1.00 37.82 ? 39  LEU B N   1 
ATOM   1120 C  CA  . LEU B 2 39  ? -0.220  6.552   -13.950 1.00 39.67 ? 39  LEU B CA  1 
ATOM   1121 C  C   . LEU B 2 39  ? -0.985  7.835   -13.664 1.00 40.92 ? 39  LEU B C   1 
ATOM   1122 O  O   . LEU B 2 39  ? -0.786  8.416   -12.591 1.00 41.70 ? 39  LEU B O   1 
ATOM   1123 C  CB  . LEU B 2 39  ? -0.266  5.713   -12.654 1.00 40.41 ? 39  LEU B CB  1 
ATOM   1124 C  CG  . LEU B 2 39  ? 0.422   4.346   -12.767 1.00 40.92 ? 39  LEU B CG  1 
ATOM   1125 C  CD1 . LEU B 2 39  ? 0.291   3.584   -11.459 1.00 41.74 ? 39  LEU B CD1 1 
ATOM   1126 C  CD2 . LEU B 2 39  ? -0.138  3.561   -13.940 1.00 41.19 ? 39  LEU B CD2 1 
ATOM   1127 N  N   . THR B 2 40  ? -1.885  8.256   -14.543 1.00 41.65 ? 40  THR B N   1 
ATOM   1128 C  CA  . THR B 2 40  ? -2.686  9.454   -14.285 1.00 41.31 ? 40  THR B CA  1 
ATOM   1129 C  C   . THR B 2 40  ? -4.164  9.087   -14.463 1.00 42.96 ? 40  THR B C   1 
ATOM   1130 O  O   . THR B 2 40  ? -5.046  9.828   -14.017 1.00 42.92 ? 40  THR B O   1 
ATOM   1131 C  CB  . THR B 2 40  ? -2.377  10.688  -15.128 1.00 40.88 ? 40  THR B CB  1 
ATOM   1132 O  OG1 . THR B 2 40  ? -2.708  10.434  -16.506 1.00 40.71 ? 40  THR B OG1 1 
ATOM   1133 C  CG2 . THR B 2 40  ? -0.938  11.169  -15.033 1.00 39.72 ? 40  THR B CG2 1 
ATOM   1134 N  N   . GLU B 2 41  ? -4.421  7.942   -15.086 1.00 44.25 ? 41  GLU B N   1 
ATOM   1135 C  CA  . GLU B 2 41  ? -5.790  7.500   -15.296 1.00 46.06 ? 41  GLU B CA  1 
ATOM   1136 C  C   . GLU B 2 41  ? -5.913  6.038   -15.684 1.00 48.18 ? 41  GLU B C   1 
ATOM   1137 O  O   . GLU B 2 41  ? -4.970  5.365   -16.101 1.00 47.21 ? 41  GLU B O   1 
ATOM   1138 N  N   . TRP B 2 42  ? -7.123  5.527   -15.484 1.00 50.63 ? 42  TRP B N   1 
ATOM   1139 C  CA  . TRP B 2 42  ? -7.451  4.154   -15.845 1.00 53.52 ? 42  TRP B CA  1 
ATOM   1140 C  C   . TRP B 2 42  ? -8.617  4.257   -16.834 1.00 54.19 ? 42  TRP B C   1 
ATOM   1141 O  O   . TRP B 2 42  ? -9.695  4.722   -16.477 1.00 54.08 ? 42  TRP B O   1 
ATOM   1142 C  CB  . TRP B 2 42  ? -7.807  3.256   -14.673 1.00 56.09 ? 42  TRP B CB  1 
ATOM   1143 C  CG  . TRP B 2 42  ? -7.869  1.820   -15.103 1.00 58.32 ? 42  TRP B CG  1 
ATOM   1144 C  CD1 . TRP B 2 42  ? -6.809  0.973   -15.264 1.00 58.84 ? 42  TRP B CD1 1 
ATOM   1145 C  CD2 . TRP B 2 42  ? -9.039  1.077   -15.447 1.00 59.24 ? 42  TRP B CD2 1 
ATOM   1146 N  NE1 . TRP B 2 42  ? -7.252  -0.258  -15.677 1.00 59.65 ? 42  TRP B NE1 1 
ATOM   1147 C  CE2 . TRP B 2 42  ? -8.617  -0.218  -15.800 1.00 59.78 ? 42  TRP B CE2 1 
ATOM   1148 C  CE3 . TRP B 2 42  ? -10.402 1.379   -15.481 1.00 59.89 ? 42  TRP B CE3 1 
ATOM   1149 C  CZ2 . TRP B 2 42  ? -9.509  -1.217  -16.183 1.00 60.34 ? 42  TRP B CZ2 1 
ATOM   1150 C  CZ3 . TRP B 2 42  ? -11.290 0.391   -15.865 1.00 60.52 ? 42  TRP B CZ3 1 
ATOM   1151 C  CH2 . TRP B 2 42  ? -10.840 -0.888  -16.207 1.00 60.30 ? 42  TRP B CH2 1 
ATOM   1152 N  N   . GLN B 2 43  ? -8.330  3.951   -18.088 1.00 54.84 ? 43  GLN B N   1 
ATOM   1153 C  CA  . GLN B 2 43  ? -9.303  4.068   -19.163 1.00 55.54 ? 43  GLN B CA  1 
ATOM   1154 C  C   . GLN B 2 43  ? -10.040 5.399   -19.125 1.00 55.15 ? 43  GLN B C   1 
ATOM   1155 O  O   . GLN B 2 43  ? -11.276 5.423   -19.130 1.00 54.77 ? 43  GLN B O   1 
ATOM   1156 C  CB  . GLN B 2 43  ? -10.301 2.913   -19.148 1.00 57.29 ? 43  GLN B CB  1 
ATOM   1157 C  CG  . GLN B 2 43  ? -9.674  1.536   -19.216 1.00 59.54 ? 43  GLN B CG  1 
ATOM   1158 C  CD  . GLN B 2 43  ? -10.656 0.417   -19.467 1.00 60.88 ? 43  GLN B CD  1 
ATOM   1159 O  OE1 . GLN B 2 43  ? -11.845 0.633   -19.708 1.00 61.56 ? 43  GLN B OE1 1 
ATOM   1160 N  NE2 . GLN B 2 43  ? -10.168 -0.821  -19.422 1.00 61.23 ? 43  GLN B NE2 1 
ATOM   1161 N  N   . GLY B 2 44  ? -9.326  6.510   -19.159 1.00 54.33 ? 44  GLY B N   1 
ATOM   1162 C  CA  . GLY B 2 44  ? -9.888  7.839   -19.192 1.00 54.54 ? 44  GLY B CA  1 
ATOM   1163 C  C   . GLY B 2 44  ? -10.407 8.412   -17.892 1.00 54.34 ? 44  GLY B C   1 
ATOM   1164 O  O   . GLY B 2 44  ? -10.777 9.592   -17.864 1.00 55.12 ? 44  GLY B O   1 
ATOM   1165 N  N   . ARG B 2 45  ? -10.446 7.628   -16.834 1.00 53.98 ? 45  ARG B N   1 
ATOM   1166 C  CA  . ARG B 2 45  ? -10.940 8.061   -15.538 1.00 53.35 ? 45  ARG B CA  1 
ATOM   1167 C  C   . ARG B 2 45  ? -9.734  8.280   -14.626 1.00 51.39 ? 45  ARG B C   1 
ATOM   1168 O  O   . ARG B 2 45  ? -9.070  7.321   -14.245 1.00 50.69 ? 45  ARG B O   1 
ATOM   1169 C  CB  . ARG B 2 45  ? -11.847 6.987   -14.954 1.00 54.88 ? 45  ARG B CB  1 
ATOM   1170 C  CG  . ARG B 2 45  ? -12.746 6.225   -15.921 1.00 56.17 ? 45  ARG B CG  1 
ATOM   1171 C  CD  . ARG B 2 45  ? -13.694 5.348   -15.138 1.00 57.26 ? 45  ARG B CD  1 
ATOM   1172 N  NE  . ARG B 2 45  ? -14.020 4.051   -15.697 1.00 58.38 ? 45  ARG B NE  1 
ATOM   1173 C  CZ  . ARG B 2 45  ? -14.709 3.137   -15.012 1.00 59.27 ? 45  ARG B CZ  1 
ATOM   1174 N  NH1 . ARG B 2 45  ? -15.123 3.400   -13.780 1.00 58.60 ? 45  ARG B NH1 1 
ATOM   1175 N  NH2 . ARG B 2 45  ? -14.975 1.967   -15.577 1.00 59.49 ? 45  ARG B NH2 1 
ATOM   1176 N  N   . PRO B 2 46  ? -9.463  9.520   -14.304 1.00 49.73 ? 46  PRO B N   1 
ATOM   1177 C  CA  . PRO B 2 46  ? -8.350  9.878   -13.439 1.00 48.23 ? 46  PRO B CA  1 
ATOM   1178 C  C   . PRO B 2 46  ? -8.326  9.018   -12.188 1.00 46.31 ? 46  PRO B C   1 
ATOM   1179 O  O   . PRO B 2 46  ? -9.344  8.713   -11.570 1.00 45.65 ? 46  PRO B O   1 
ATOM   1180 C  CB  . PRO B 2 46  ? -8.490  11.376  -13.137 1.00 48.94 ? 46  PRO B CB  1 
ATOM   1181 C  CG  . PRO B 2 46  ? -9.304  11.839  -14.328 1.00 49.55 ? 46  PRO B CG  1 
ATOM   1182 C  CD  . PRO B 2 46  ? -10.201 10.699  -14.759 1.00 50.03 ? 46  PRO B CD  1 
ATOM   1183 N  N   . ILE B 2 47  ? -7.119  8.577   -11.824 1.00 43.52 ? 47  ILE B N   1 
ATOM   1184 C  CA  . ILE B 2 47  ? -6.892  7.776   -10.630 1.00 41.84 ? 47  ILE B CA  1 
ATOM   1185 C  C   . ILE B 2 47  ? -5.884  8.531   -9.757  1.00 39.86 ? 47  ILE B C   1 
ATOM   1186 O  O   . ILE B 2 47  ? -5.225  9.444   -10.245 1.00 39.89 ? 47  ILE B O   1 
ATOM   1187 C  CB  . ILE B 2 47  ? -6.427  6.340   -10.889 1.00 42.52 ? 47  ILE B CB  1 
ATOM   1188 C  CG1 . ILE B 2 47  ? -5.438  6.338   -12.060 1.00 43.38 ? 47  ILE B CG1 1 
ATOM   1189 C  CG2 . ILE B 2 47  ? -7.622  5.456   -11.193 1.00 43.70 ? 47  ILE B CG2 1 
ATOM   1190 C  CD1 . ILE B 2 47  ? -4.287  5.380   -11.890 1.00 44.48 ? 47  ILE B CD1 1 
ATOM   1191 N  N   . SER B 2 48  ? -5.817  8.154   -8.491  1.00 38.35 ? 48  SER B N   1 
ATOM   1192 C  CA  . SER B 2 48  ? -5.020  8.866   -7.516  1.00 37.04 ? 48  SER B CA  1 
ATOM   1193 C  C   . SER B 2 48  ? -3.747  8.203   -7.025  1.00 36.26 ? 48  SER B C   1 
ATOM   1194 O  O   . SER B 2 48  ? -3.301  8.590   -5.950  1.00 36.42 ? 48  SER B O   1 
ATOM   1195 C  CB  . SER B 2 48  ? -5.929  9.214   -6.316  1.00 36.40 ? 48  SER B CB  1 
ATOM   1196 O  OG  . SER B 2 48  ? -6.369  8.075   -5.613  1.00 35.60 ? 48  SER B OG  1 
ATOM   1197 N  N   . ALA B 2 49  ? -3.143  7.321   -7.811  1.00 35.42 ? 49  ALA B N   1 
ATOM   1198 C  CA  . ALA B 2 49  ? -1.854  6.729   -7.378  1.00 34.41 ? 49  ALA B CA  1 
ATOM   1199 C  C   . ALA B 2 49  ? -0.904  7.842   -6.976  1.00 32.83 ? 49  ALA B C   1 
ATOM   1200 O  O   . ALA B 2 49  ? -0.716  8.781   -7.758  1.00 32.50 ? 49  ALA B O   1 
ATOM   1201 C  CB  . ALA B 2 49  ? -1.335  5.900   -8.534  1.00 35.23 ? 49  ALA B CB  1 
ATOM   1202 N  N   . ASN B 2 50  ? -0.279  7.725   -5.782  1.00 31.57 ? 50  ASN B N   1 
ATOM   1203 C  CA  . ASN B 2 50  ? 0.623   8.798   -5.362  1.00 31.95 ? 50  ASN B CA  1 
ATOM   1204 C  C   . ASN B 2 50  ? 2.103   8.490   -5.578  1.00 31.54 ? 50  ASN B C   1 
ATOM   1205 O  O   . ASN B 2 50  ? 2.946   9.297   -5.247  1.00 32.32 ? 50  ASN B O   1 
ATOM   1206 C  CB  . ASN B 2 50  ? 0.318   9.250   -3.940  1.00 33.36 ? 50  ASN B CB  1 
ATOM   1207 C  CG  . ASN B 2 50  ? 0.684   8.224   -2.890  1.00 34.52 ? 50  ASN B CG  1 
ATOM   1208 O  OD1 . ASN B 2 50  ? 1.129   7.137   -3.232  1.00 35.07 ? 50  ASN B OD1 1 
ATOM   1209 N  ND2 . ASN B 2 50  ? 0.489   8.546   -1.614  1.00 36.02 ? 50  ASN B ND2 1 
ATOM   1210 N  N   . LEU B 2 51  ? 2.373   7.390   -6.275  1.00 30.39 ? 51  LEU B N   1 
ATOM   1211 C  CA  . LEU B 2 51  ? 3.715   7.014   -6.752  1.00 30.55 ? 51  LEU B CA  1 
ATOM   1212 C  C   . LEU B 2 51  ? 3.470   6.586   -8.193  1.00 31.29 ? 51  LEU B C   1 
ATOM   1213 O  O   . LEU B 2 51  ? 3.478   5.401   -8.530  1.00 31.22 ? 51  LEU B O   1 
ATOM   1214 C  CB  . LEU B 2 51  ? 4.355   5.905   -5.924  1.00 30.42 ? 51  LEU B CB  1 
ATOM   1215 C  CG  . LEU B 2 51  ? 4.498   6.125   -4.416  1.00 30.88 ? 51  LEU B CG  1 
ATOM   1216 C  CD1 . LEU B 2 51  ? 5.021   4.863   -3.714  1.00 31.06 ? 51  LEU B CD1 1 
ATOM   1217 C  CD2 . LEU B 2 51  ? 5.382   7.312   -4.080  1.00 30.69 ? 51  LEU B CD2 1 
ATOM   1218 N  N   . PRO B 2 52  ? 3.250   7.556   -9.078  1.00 31.46 ? 52  PRO B N   1 
ATOM   1219 C  CA  . PRO B 2 52  ? 2.754   7.318   -10.410 1.00 32.64 ? 52  PRO B CA  1 
ATOM   1220 C  C   . PRO B 2 52  ? 3.741   6.908   -11.466 1.00 33.35 ? 52  PRO B C   1 
ATOM   1221 O  O   . PRO B 2 52  ? 3.345   6.344   -12.502 1.00 35.06 ? 52  PRO B O   1 
ATOM   1222 C  CB  . PRO B 2 52  ? 2.049   8.652   -10.824 1.00 32.54 ? 52  PRO B CB  1 
ATOM   1223 C  CG  . PRO B 2 52  ? 2.905   9.644   -10.087 1.00 32.42 ? 52  PRO B CG  1 
ATOM   1224 C  CD  . PRO B 2 52  ? 3.229   8.982   -8.762  1.00 31.84 ? 52  PRO B CD  1 
ATOM   1225 N  N   . VAL B 2 53  ? 5.021   7.100   -11.162 1.00 32.75 ? 53  VAL B N   1 
ATOM   1226 C  CA  . VAL B 2 53  ? 6.048   6.784   -12.153 1.00 32.00 ? 53  VAL B CA  1 
ATOM   1227 C  C   . VAL B 2 53  ? 6.586   5.378   -11.908 1.00 31.51 ? 53  VAL B C   1 
ATOM   1228 O  O   . VAL B 2 53  ? 7.278   5.145   -10.921 1.00 32.07 ? 53  VAL B O   1 
ATOM   1229 C  CB  . VAL B 2 53  ? 7.187   7.805   -12.085 1.00 32.48 ? 53  VAL B CB  1 
ATOM   1230 C  CG1 . VAL B 2 53  ? 8.211   7.469   -13.167 1.00 32.67 ? 53  VAL B CG1 1 
ATOM   1231 C  CG2 . VAL B 2 53  ? 6.663   9.227   -12.259 1.00 33.03 ? 53  VAL B CG2 1 
ATOM   1232 N  N   . LEU B 2 54  ? 6.238   4.445   -12.792 1.00 30.68 ? 54  LEU B N   1 
ATOM   1233 C  CA  . LEU B 2 54  ? 6.659   3.059   -12.642 1.00 30.84 ? 54  LEU B CA  1 
ATOM   1234 C  C   . LEU B 2 54  ? 7.950   2.870   -13.440 1.00 31.16 ? 54  LEU B C   1 
ATOM   1235 O  O   . LEU B 2 54  ? 7.999   3.221   -14.606 1.00 31.38 ? 54  LEU B O   1 
ATOM   1236 C  CB  . LEU B 2 54  ? 5.588   2.091   -13.159 1.00 32.48 ? 54  LEU B CB  1 
ATOM   1237 C  CG  . LEU B 2 54  ? 5.987   0.627   -13.216 1.00 33.57 ? 54  LEU B CG  1 
ATOM   1238 C  CD1 . LEU B 2 54  ? 6.285   0.053   -11.836 1.00 34.22 ? 54  LEU B CD1 1 
ATOM   1239 C  CD2 . LEU B 2 54  ? 4.908   -0.182  -13.931 1.00 34.48 ? 54  LEU B CD2 1 
ATOM   1240 N  N   . VAL B 2 55  ? 8.996   2.447   -12.737 1.00 31.27 ? 55  VAL B N   1 
ATOM   1241 C  CA  . VAL B 2 55  ? 10.317  2.315   -13.354 1.00 31.91 ? 55  VAL B CA  1 
ATOM   1242 C  C   . VAL B 2 55  ? 10.752  0.855   -13.308 1.00 32.69 ? 55  VAL B C   1 
ATOM   1243 O  O   . VAL B 2 55  ? 10.699  0.188   -12.279 1.00 32.43 ? 55  VAL B O   1 
ATOM   1244 C  CB  . VAL B 2 55  ? 11.352  3.215   -12.680 1.00 32.34 ? 55  VAL B CB  1 
ATOM   1245 C  CG1 . VAL B 2 55  ? 12.752  3.009   -13.289 1.00 32.95 ? 55  VAL B CG1 1 
ATOM   1246 C  CG2 . VAL B 2 55  ? 10.983  4.688   -12.825 1.00 32.27 ? 55  VAL B CG2 1 
ATOM   1247 N  N   . LYS B 2 56  ? 11.181  0.370   -14.470 1.00 33.45 ? 56  LYS B N   1 
ATOM   1248 C  CA  . LYS B 2 56  ? 11.681  -0.995  -14.581 1.00 34.78 ? 56  LYS B CA  1 
ATOM   1249 C  C   . LYS B 2 56  ? 13.212  -0.992  -14.563 1.00 34.51 ? 56  LYS B C   1 
ATOM   1250 O  O   . LYS B 2 56  ? 13.826  -0.235  -15.307 1.00 34.75 ? 56  LYS B O   1 
ATOM   1251 C  CB  . LYS B 2 56  ? 11.181  -1.642  -15.866 1.00 36.96 ? 56  LYS B CB  1 
ATOM   1252 C  CG  . LYS B 2 56  ? 9.678   -1.893  -15.780 1.00 39.05 ? 56  LYS B CG  1 
ATOM   1253 C  CD  . LYS B 2 56  ? 9.271   -2.975  -16.769 1.00 41.24 ? 56  LYS B CD  1 
ATOM   1254 C  CE  . LYS B 2 56  ? 7.754   -2.939  -16.943 1.00 42.55 ? 56  LYS B CE  1 
ATOM   1255 N  NZ  . LYS B 2 56  ? 7.079   -3.134  -15.634 1.00 44.48 ? 56  LYS B NZ  1 
ATOM   1256 N  N   . PHE B 2 57  ? 13.742  -1.874  -13.738 1.00 34.05 ? 57  PHE B N   1 
ATOM   1257 C  CA  . PHE B 2 57  ? 15.166  -2.066  -13.545 1.00 35.03 ? 57  PHE B CA  1 
ATOM   1258 C  C   . PHE B 2 57  ? 15.595  -3.477  -13.942 1.00 36.60 ? 57  PHE B C   1 
ATOM   1259 O  O   . PHE B 2 57  ? 14.768  -4.298  -14.323 1.00 37.14 ? 57  PHE B O   1 
ATOM   1260 C  CB  . PHE B 2 57  ? 15.501  -1.867  -12.062 1.00 34.33 ? 57  PHE B CB  1 
ATOM   1261 C  CG  . PHE B 2 57  ? 15.158  -0.512  -11.493 1.00 34.53 ? 57  PHE B CG  1 
ATOM   1262 C  CD1 . PHE B 2 57  ? 13.900  -0.319  -10.942 1.00 34.27 ? 57  PHE B CD1 1 
ATOM   1263 C  CD2 . PHE B 2 57  ? 16.041  0.541   -11.508 1.00 35.22 ? 57  PHE B CD2 1 
ATOM   1264 C  CE1 . PHE B 2 57  ? 13.572  0.912   -10.401 1.00 34.14 ? 57  PHE B CE1 1 
ATOM   1265 C  CE2 . PHE B 2 57  ? 15.719  1.775   -10.985 1.00 35.21 ? 57  PHE B CE2 1 
ATOM   1266 C  CZ  . PHE B 2 57  ? 14.459  1.955   -10.422 1.00 34.42 ? 57  PHE B CZ  1 
ATOM   1267 N  N   . GLU B 2 58  ? 16.906  -3.702  -13.887 1.00 38.86 ? 58  GLU B N   1 
ATOM   1268 C  CA  . GLU B 2 58  ? 17.432  -5.031  -14.196 1.00 40.34 ? 58  GLU B CA  1 
ATOM   1269 C  C   . GLU B 2 58  ? 16.969  -6.029  -13.150 1.00 42.55 ? 58  GLU B C   1 
ATOM   1270 O  O   . GLU B 2 58  ? 16.566  -5.707  -12.030 1.00 42.12 ? 58  GLU B O   1 
ATOM   1271 C  CB  . GLU B 2 58  ? 18.954  -4.985  -14.244 1.00 41.11 ? 58  GLU B CB  1 
ATOM   1272 N  N   . GLN B 2 59  ? 17.095  -7.309  -13.501 1.00 44.20 ? 59  GLN B N   1 
ATOM   1273 C  CA  . GLN B 2 59  ? 16.746  -8.422  -12.631 1.00 45.51 ? 59  GLN B CA  1 
ATOM   1274 C  C   . GLN B 2 59  ? 15.249  -8.537  -12.399 1.00 44.41 ? 59  GLN B C   1 
ATOM   1275 O  O   . GLN B 2 59  ? 14.796  -8.910  -11.308 1.00 44.22 ? 59  GLN B O   1 
ATOM   1276 C  CB  . GLN B 2 59  ? 17.463  -8.307  -11.289 1.00 48.11 ? 59  GLN B CB  1 
ATOM   1277 C  CG  . GLN B 2 59  ? 18.982  -8.284  -11.369 1.00 51.79 ? 59  GLN B CG  1 
ATOM   1278 C  CD  . GLN B 2 59  ? 19.592  -8.067  -10.001 1.00 53.42 ? 59  GLN B CD  1 
ATOM   1279 O  OE1 . GLN B 2 59  ? 18.922  -8.256  -8.988  1.00 54.66 ? 59  GLN B OE1 1 
ATOM   1280 N  NE2 . GLN B 2 59  ? 20.859  -7.683  -9.949  1.00 55.15 ? 59  GLN B NE2 1 
ATOM   1281 N  N   . ARG B 2 60  ? 14.460  -8.243  -13.429 1.00 43.25 ? 60  ARG B N   1 
ATOM   1282 C  CA  . ARG B 2 60  ? 13.011  -8.328  -13.354 1.00 42.03 ? 60  ARG B CA  1 
ATOM   1283 C  C   . ARG B 2 60  ? 12.464  -7.647  -12.096 1.00 40.99 ? 60  ARG B C   1 
ATOM   1284 O  O   . ARG B 2 60  ? 11.658  -8.222  -11.362 1.00 41.11 ? 60  ARG B O   1 
ATOM   1285 C  CB  . ARG B 2 60  ? 12.606  -9.792  -13.429 1.00 43.38 ? 60  ARG B CB  1 
ATOM   1286 N  N   . PHE B 2 61  ? 12.872  -6.400  -11.901 1.00 38.32 ? 61  PHE B N   1 
ATOM   1287 C  CA  . PHE B 2 61  ? 12.484  -5.613  -10.744 1.00 36.44 ? 61  PHE B CA  1 
ATOM   1288 C  C   . PHE B 2 61  ? 11.850  -4.295  -11.190 1.00 35.36 ? 61  PHE B C   1 
ATOM   1289 O  O   . PHE B 2 61  ? 12.374  -3.708  -12.125 1.00 34.41 ? 61  PHE B O   1 
ATOM   1290 C  CB  . PHE B 2 61  ? 13.731  -5.310  -9.889  1.00 35.74 ? 61  PHE B CB  1 
ATOM   1291 C  CG  . PHE B 2 61  ? 13.445  -4.325  -8.788  1.00 34.91 ? 61  PHE B CG  1 
ATOM   1292 C  CD1 . PHE B 2 61  ? 12.589  -4.673  -7.756  1.00 34.71 ? 61  PHE B CD1 1 
ATOM   1293 C  CD2 . PHE B 2 61  ? 13.994  -3.060  -8.796  1.00 34.89 ? 61  PHE B CD2 1 
ATOM   1294 C  CE1 . PHE B 2 61  ? 12.311  -3.773  -6.742  1.00 33.92 ? 61  PHE B CE1 1 
ATOM   1295 C  CE2 . PHE B 2 61  ? 13.710  -2.158  -7.779  1.00 34.66 ? 61  PHE B CE2 1 
ATOM   1296 C  CZ  . PHE B 2 61  ? 12.858  -2.523  -6.758  1.00 34.15 ? 61  PHE B CZ  1 
ATOM   1297 N  N   . LYS B 2 62  ? 10.772  -3.887  -10.545 1.00 34.88 ? 62  LYS B N   1 
ATOM   1298 C  CA  . LYS B 2 62  ? 10.166  -2.592  -10.856 1.00 33.43 ? 62  LYS B CA  1 
ATOM   1299 C  C   . LYS B 2 62  ? 9.750   -1.943  -9.538  1.00 32.48 ? 62  LYS B C   1 
ATOM   1300 O  O   . LYS B 2 62  ? 9.476   -2.612  -8.543  1.00 32.11 ? 62  LYS B O   1 
ATOM   1301 C  CB  . LYS B 2 62  ? 8.977   -2.718  -11.799 1.00 33.98 ? 62  LYS B CB  1 
ATOM   1302 C  CG  . LYS B 2 62  ? 7.779   -3.481  -11.263 1.00 35.45 ? 62  LYS B CG  1 
ATOM   1303 C  CD  . LYS B 2 62  ? 6.659   -3.436  -12.293 1.00 37.09 ? 62  LYS B CD  1 
ATOM   1304 C  CE  . LYS B 2 62  ? 5.306   -3.719  -11.676 1.00 37.89 ? 62  LYS B CE  1 
ATOM   1305 N  NZ  . LYS B 2 62  ? 5.271   -5.061  -11.025 1.00 38.73 ? 62  LYS B NZ  1 
ATOM   1306 N  N   . ALA B 2 63  ? 9.638   -0.624  -9.529  1.00 32.02 ? 63  ALA B N   1 
ATOM   1307 C  CA  . ALA B 2 63  ? 9.197   0.078   -8.321  1.00 31.80 ? 63  ALA B CA  1 
ATOM   1308 C  C   . ALA B 2 63  ? 8.531   1.384   -8.760  1.00 30.93 ? 63  ALA B C   1 
ATOM   1309 O  O   . ALA B 2 63  ? 8.729   1.872   -9.862  1.00 30.61 ? 63  ALA B O   1 
ATOM   1310 C  CB  . ALA B 2 63  ? 10.298  0.314   -7.315  1.00 31.93 ? 63  ALA B CB  1 
ATOM   1311 N  N   . HIS B 2 64  ? 7.677   1.914   -7.887  1.00 30.48 ? 64  HIS B N   1 
ATOM   1312 C  CA  . HIS B 2 64  ? 6.928   3.129   -8.186  1.00 30.15 ? 64  HIS B CA  1 
ATOM   1313 C  C   . HIS B 2 64  ? 7.496   4.346   -7.469  1.00 29.77 ? 64  HIS B C   1 
ATOM   1314 O  O   . HIS B 2 64  ? 7.994   4.265   -6.356  1.00 28.92 ? 64  HIS B O   1 
ATOM   1315 C  CB  . HIS B 2 64  ? 5.497   2.978   -7.674  1.00 31.63 ? 64  HIS B CB  1 
ATOM   1316 C  CG  . HIS B 2 64  ? 4.677   1.914   -8.319  1.00 32.61 ? 64  HIS B CG  1 
ATOM   1317 N  ND1 . HIS B 2 64  ? 4.827   0.568   -8.142  1.00 32.78 ? 64  HIS B ND1 1 
ATOM   1318 C  CD2 . HIS B 2 64  ? 3.634   2.085   -9.176  1.00 33.63 ? 64  HIS B CD2 1 
ATOM   1319 C  CE1 . HIS B 2 64  ? 3.920   -0.053  -8.861  1.00 33.38 ? 64  HIS B CE1 1 
ATOM   1320 N  NE2 . HIS B 2 64  ? 3.198   0.840   -9.524  1.00 33.76 ? 64  HIS B NE2 1 
ATOM   1321 N  N   . PHE B 2 65  ? 7.487   5.508   -8.129  1.00 29.84 ? 65  PHE B N   1 
ATOM   1322 C  CA  . PHE B 2 65  ? 8.062   6.726   -7.610  1.00 30.74 ? 65  PHE B CA  1 
ATOM   1323 C  C   . PHE B 2 65  ? 7.206   7.972   -7.863  1.00 31.56 ? 65  PHE B C   1 
ATOM   1324 O  O   . PHE B 2 65  ? 6.410   8.001   -8.799  1.00 31.70 ? 65  PHE B O   1 
ATOM   1325 C  CB  . PHE B 2 65  ? 9.362   7.043   -8.407  1.00 30.95 ? 65  PHE B CB  1 
ATOM   1326 C  CG  . PHE B 2 65  ? 10.391  5.948   -8.242  1.00 30.77 ? 65  PHE B CG  1 
ATOM   1327 C  CD1 . PHE B 2 65  ? 10.418  4.845   -9.069  1.00 30.70 ? 65  PHE B CD1 1 
ATOM   1328 C  CD2 . PHE B 2 65  ? 11.292  6.037   -7.190  1.00 31.37 ? 65  PHE B CD2 1 
ATOM   1329 C  CE1 . PHE B 2 65  ? 11.338  3.833   -8.841  1.00 30.37 ? 65  PHE B CE1 1 
ATOM   1330 C  CE2 . PHE B 2 65  ? 12.223  5.028   -6.972  1.00 31.30 ? 65  PHE B CE2 1 
ATOM   1331 C  CZ  . PHE B 2 65  ? 12.250  3.935   -7.817  1.00 31.08 ? 65  PHE B CZ  1 
ATOM   1332 N  N   . ARG B 2 66  ? 7.471   9.001   -7.074  1.00 32.17 ? 66  ARG B N   1 
ATOM   1333 C  CA  . ARG B 2 66  ? 6.922   10.316  -7.361  1.00 33.74 ? 66  ARG B CA  1 
ATOM   1334 C  C   . ARG B 2 66  ? 7.829   10.853  -8.462  1.00 34.16 ? 66  ARG B C   1 
ATOM   1335 O  O   . ARG B 2 66  ? 9.038   10.547  -8.534  1.00 34.27 ? 66  ARG B O   1 
ATOM   1336 C  CB  . ARG B 2 66  ? 7.051   11.234  -6.157  1.00 35.72 ? 66  ARG B CB  1 
ATOM   1337 C  CG  . ARG B 2 66  ? 6.357   10.776  -4.898  1.00 39.05 ? 66  ARG B CG  1 
ATOM   1338 C  CD  . ARG B 2 66  ? 6.684   11.745  -3.759  1.00 41.17 ? 66  ARG B CD  1 
ATOM   1339 N  NE  . ARG B 2 66  ? 6.437   13.120  -4.181  1.00 43.46 ? 66  ARG B NE  1 
ATOM   1340 C  CZ  . ARG B 2 66  ? 5.316   13.808  -4.008  1.00 44.29 ? 66  ARG B CZ  1 
ATOM   1341 N  NH1 . ARG B 2 66  ? 4.276   13.292  -3.390  1.00 45.64 ? 66  ARG B NH1 1 
ATOM   1342 N  NH2 . ARG B 2 66  ? 5.260   15.055  -4.450  1.00 44.98 ? 66  ARG B NH2 1 
ATOM   1343 N  N   . PRO B 2 67  ? 7.338   11.806  -9.225  1.00 34.69 ? 67  PRO B N   1 
ATOM   1344 C  CA  . PRO B 2 67  ? 8.134   12.428  -10.270 1.00 35.25 ? 67  PRO B CA  1 
ATOM   1345 C  C   . PRO B 2 67  ? 9.364   13.111  -9.717  1.00 35.70 ? 67  PRO B C   1 
ATOM   1346 O  O   . PRO B 2 67  ? 10.442  13.101  -10.318 1.00 35.82 ? 67  PRO B O   1 
ATOM   1347 C  CB  . PRO B 2 67  ? 7.189   13.417  -10.976 1.00 35.12 ? 67  PRO B CB  1 
ATOM   1348 C  CG  . PRO B 2 67  ? 5.827   12.957  -10.563 1.00 35.49 ? 67  PRO B CG  1 
ATOM   1349 C  CD  . PRO B 2 67  ? 5.945   12.260  -9.221  1.00 35.17 ? 67  PRO B CD  1 
ATOM   1350 N  N   . ASP B 2 68  ? 9.311   13.655  -8.505  1.00 36.40 ? 68  ASP B N   1 
ATOM   1351 C  CA  . ASP B 2 68  ? 10.446  14.343  -7.909  1.00 37.36 ? 68  ASP B CA  1 
ATOM   1352 C  C   . ASP B 2 68  ? 11.534  13.432  -7.378  1.00 36.33 ? 68  ASP B C   1 
ATOM   1353 O  O   . ASP B 2 68  ? 12.602  13.951  -7.009  1.00 37.67 ? 68  ASP B O   1 
ATOM   1354 C  CB  . ASP B 2 68  ? 9.888   15.300  -6.836  1.00 40.31 ? 68  ASP B CB  1 
ATOM   1355 C  CG  . ASP B 2 68  ? 8.756   14.707  -6.032  1.00 43.00 ? 68  ASP B CG  1 
ATOM   1356 O  OD1 . ASP B 2 68  ? 9.063   13.793  -5.240  1.00 44.36 ? 68  ASP B OD1 1 
ATOM   1357 O  OD2 . ASP B 2 68  ? 7.577   15.106  -6.183  1.00 44.70 ? 68  ASP B OD2 1 
ATOM   1358 N  N   . GLU B 2 69  ? 11.377  12.107  -7.397  1.00 33.37 ? 69  GLU B N   1 
ATOM   1359 C  CA  . GLU B 2 69  ? 12.412  11.228  -6.827  1.00 31.67 ? 69  GLU B CA  1 
ATOM   1360 C  C   . GLU B 2 69  ? 13.371  10.679  -7.868  1.00 31.62 ? 69  GLU B C   1 
ATOM   1361 O  O   . GLU B 2 69  ? 14.347  9.970   -7.546  1.00 32.15 ? 69  GLU B O   1 
ATOM   1362 C  CB  . GLU B 2 69  ? 11.738  10.072  -6.092  1.00 30.12 ? 69  GLU B CB  1 
ATOM   1363 C  CG  . GLU B 2 69  ? 10.882  10.454  -4.899  1.00 31.29 ? 69  GLU B CG  1 
ATOM   1364 C  CD  . GLU B 2 69  ? 10.082  9.301   -4.349  1.00 31.73 ? 69  GLU B CD  1 
ATOM   1365 O  OE1 . GLU B 2 69  ? 9.483   8.546   -5.154  1.00 30.70 ? 69  GLU B OE1 1 
ATOM   1366 O  OE2 . GLU B 2 69  ? 10.059  9.152   -3.107  1.00 33.59 ? 69  GLU B OE2 1 
ATOM   1367 N  N   . VAL B 2 70  ? 13.063  10.871  -9.137  1.00 31.53 ? 70  VAL B N   1 
ATOM   1368 C  CA  . VAL B 2 70  ? 13.843  10.406  -10.267 1.00 32.20 ? 70  VAL B CA  1 
ATOM   1369 C  C   . VAL B 2 70  ? 14.231  11.590  -11.149 1.00 33.52 ? 70  VAL B C   1 
ATOM   1370 O  O   . VAL B 2 70  ? 13.630  12.668  -11.117 1.00 34.91 ? 70  VAL B O   1 
ATOM   1371 C  CB  . VAL B 2 70  ? 13.139  9.344   -11.137 1.00 32.14 ? 70  VAL B CB  1 
ATOM   1372 C  CG1 . VAL B 2 70  ? 12.796  8.109   -10.327 1.00 31.86 ? 70  VAL B CG1 1 
ATOM   1373 C  CG2 . VAL B 2 70  ? 11.896  9.983   -11.752 1.00 34.01 ? 70  VAL B CG2 1 
ATOM   1374 N  N   . THR B 2 71  ? 15.319  11.386  -11.879 1.00 34.15 ? 71  THR B N   1 
ATOM   1375 C  CA  . THR B 2 71  ? 15.873  12.379  -12.769 1.00 33.95 ? 71  THR B CA  1 
ATOM   1376 C  C   . THR B 2 71  ? 16.167  11.774  -14.135 1.00 34.75 ? 71  THR B C   1 
ATOM   1377 O  O   . THR B 2 71  ? 16.761  10.705  -14.251 1.00 34.43 ? 71  THR B O   1 
ATOM   1378 C  CB  . THR B 2 71  ? 17.176  12.915  -12.153 1.00 35.22 ? 71  THR B CB  1 
ATOM   1379 O  OG1 . THR B 2 71  ? 16.846  13.595  -10.935 1.00 35.42 ? 71  THR B OG1 1 
ATOM   1380 C  CG2 . THR B 2 71  ? 17.867  13.881  -13.091 1.00 35.18 ? 71  THR B CG2 1 
ATOM   1381 N  N   . LEU B 2 72  ? 15.719  12.483  -15.158 1.00 35.83 ? 72  LEU B N   1 
ATOM   1382 C  CA  . LEU B 2 72  ? 15.903  12.041  -16.542 1.00 37.77 ? 72  LEU B CA  1 
ATOM   1383 C  C   . LEU B 2 72  ? 17.401  11.895  -16.792 1.00 38.15 ? 72  LEU B C   1 
ATOM   1384 O  O   . LEU B 2 72  ? 18.179  12.831  -16.550 1.00 38.75 ? 72  LEU B O   1 
ATOM   1385 C  CB  . LEU B 2 72  ? 15.228  13.023  -17.490 1.00 38.71 ? 72  LEU B CB  1 
ATOM   1386 C  CG  . LEU B 2 72  ? 15.285  12.733  -18.988 1.00 40.10 ? 72  LEU B CG  1 
ATOM   1387 C  CD1 . LEU B 2 72  ? 14.797  11.328  -19.310 1.00 40.24 ? 72  LEU B CD1 1 
ATOM   1388 C  CD2 . LEU B 2 72  ? 14.462  13.765  -19.749 1.00 40.72 ? 72  LEU B CD2 1 
ATOM   1389 N  N   . ILE B 2 73  ? 17.788  10.696  -17.212 1.00 38.55 ? 73  ILE B N   1 
ATOM   1390 C  CA  . ILE B 2 73  ? 19.220  10.444  -17.396 1.00 40.16 ? 73  ILE B CA  1 
ATOM   1391 C  C   . ILE B 2 73  ? 19.755  11.319  -18.498 1.00 41.80 ? 73  ILE B C   1 
ATOM   1392 O  O   . ILE B 2 73  ? 19.170  11.491  -19.581 1.00 44.71 ? 73  ILE B O   1 
ATOM   1393 C  CB  . ILE B 2 73  ? 19.561  8.958   -17.528 1.00 39.70 ? 73  ILE B CB  1 
ATOM   1394 C  CG1 . ILE B 2 73  ? 19.926  8.410   -16.138 1.00 39.89 ? 73  ILE B CG1 1 
ATOM   1395 C  CG2 . ILE B 2 73  ? 20.702  8.696   -18.494 1.00 40.16 ? 73  ILE B CG2 1 
ATOM   1396 C  CD1 . ILE B 2 73  ? 19.975  6.909   -16.089 1.00 40.54 ? 73  ILE B CD1 1 
HETATM 1397 FE FE1 . SF4 C 3 .   ? -4.614  1.589   3.097   1.00 32.83 ? 120 SF4 A FE1 1 
HETATM 1398 FE FE2 . SF4 C 3 .   ? -2.281  0.687   2.064   1.00 32.01 ? 120 SF4 A FE2 1 
HETATM 1399 FE FE3 . SF4 C 3 .   ? -2.613  0.712   4.768   1.00 32.02 ? 120 SF4 A FE3 1 
HETATM 1400 FE FE4 . SF4 C 3 .   ? -3.949  -1.111  3.291   1.00 33.12 ? 120 SF4 A FE4 1 
HETATM 1401 S  S1  . SF4 C 3 .   ? -1.666  -0.992  3.511   1.00 31.70 ? 120 SF4 A S1  1 
HETATM 1402 S  S2  . SF4 C 3 .   ? -4.839  0.198   4.950   1.00 32.31 ? 120 SF4 A S2  1 
HETATM 1403 S  S3  . SF4 C 3 .   ? -4.374  0.095   1.356   1.00 32.39 ? 120 SF4 A S3  1 
HETATM 1404 S  S4  . SF4 C 3 .   ? -2.543  2.555   3.430   1.00 31.05 ? 120 SF4 A S4  1 
HETATM 1405 S  S   . SO4 D 4 .   ? 2.316   -3.811  -8.933  1.00 45.00 ? 201 SO4 B S   1 
HETATM 1406 O  O1  . SO4 D 4 .   ? 3.138   -4.129  -7.714  1.00 46.23 ? 201 SO4 B O1  1 
HETATM 1407 O  O2  . SO4 D 4 .   ? 2.320   -5.034  -9.814  1.00 46.67 ? 201 SO4 B O2  1 
HETATM 1408 O  O3  . SO4 D 4 .   ? 0.920   -3.539  -8.477  1.00 46.13 ? 201 SO4 B O3  1 
HETATM 1409 O  O4  . SO4 D 4 .   ? 2.888   -2.683  -9.692  1.00 46.35 ? 201 SO4 B O4  1 
HETATM 1410 O  O   . HOH E 5 .   ? 8.783   2.517   -4.290  1.00 32.15 ? 121 HOH A O   1 
HETATM 1411 O  O   . HOH E 5 .   ? 4.783   2.901   10.046  1.00 39.49 ? 122 HOH A O   1 
HETATM 1412 O  O   . HOH E 5 .   ? 10.516  2.766   3.207   1.00 36.31 ? 123 HOH A O   1 
HETATM 1413 O  O   . HOH E 5 .   ? -14.332 -15.408 6.613   1.00 50.91 ? 124 HOH A O   1 
HETATM 1414 O  O   . HOH E 5 .   ? -12.642 2.766   7.435   1.00 40.70 ? 125 HOH A O   1 
HETATM 1415 O  O   . HOH E 5 .   ? -5.980  11.300  4.843   1.00 41.17 ? 126 HOH A O   1 
HETATM 1416 O  O   . HOH E 5 .   ? 2.335   7.048   10.643  1.00 49.52 ? 127 HOH A O   1 
HETATM 1417 O  O   . HOH E 5 .   ? -14.076 9.786   -13.238 1.00 49.76 ? 128 HOH A O   1 
HETATM 1418 O  O   . HOH E 5 .   ? -0.771  8.555   1.447   1.00 39.28 ? 129 HOH A O   1 
HETATM 1419 O  O   . HOH E 5 .   ? 3.624   1.917   7.880   1.00 37.57 ? 130 HOH A O   1 
HETATM 1420 O  O   . HOH E 5 .   ? -6.943  9.314   6.422   1.00 38.19 ? 131 HOH A O   1 
HETATM 1421 O  O   . HOH E 5 .   ? -5.178  7.768   8.154   1.00 34.86 ? 132 HOH A O   1 
HETATM 1422 O  O   . HOH E 5 .   ? 8.080   2.634   6.286   1.00 51.83 ? 133 HOH A O   1 
HETATM 1423 O  O   . HOH E 5 .   ? 9.589   -7.214  5.632   1.00 49.75 ? 134 HOH A O   1 
HETATM 1424 O  O   . HOH E 5 .   ? -4.393  -18.343 12.925  1.00 76.69 ? 135 HOH A O   1 
HETATM 1425 O  O   . HOH E 5 .   ? 7.724   11.673  16.723  1.00 40.17 ? 136 HOH A O   1 
HETATM 1426 O  O   . HOH E 5 .   ? -3.842  5.468   2.100   1.00 34.46 ? 137 HOH A O   1 
HETATM 1427 O  O   . HOH E 5 .   ? -12.979 5.577   0.389   1.00 48.89 ? 138 HOH A O   1 
HETATM 1428 O  O   . HOH E 5 .   ? 9.279   1.013   21.217  1.00 66.26 ? 139 HOH A O   1 
HETATM 1429 O  O   . HOH E 5 .   ? 6.714   5.055   10.782  1.00 61.20 ? 140 HOH A O   1 
HETATM 1430 O  O   . HOH E 5 .   ? -5.525  -14.855 12.371  1.00 64.29 ? 141 HOH A O   1 
HETATM 1431 O  O   . HOH E 5 .   ? 5.740   -12.665 13.854  1.00 66.19 ? 142 HOH A O   1 
HETATM 1432 O  O   . HOH E 5 .   ? -3.416  -16.764 14.896  1.00 63.25 ? 143 HOH A O   1 
HETATM 1433 O  O   . HOH E 5 .   ? -3.333  -0.649  13.227  1.00 35.76 ? 144 HOH A O   1 
HETATM 1434 O  O   . HOH E 5 .   ? -9.376  6.572   18.919  1.00 54.54 ? 145 HOH A O   1 
HETATM 1435 O  O   . HOH E 5 .   ? -6.834  -0.781  22.538  1.00 65.20 ? 146 HOH A O   1 
HETATM 1436 O  O   . HOH E 5 .   ? -17.070 2.397   5.546   1.00 52.84 ? 147 HOH A O   1 
HETATM 1437 O  O   . HOH E 5 .   ? 3.219   7.487   2.555   1.00 45.58 ? 148 HOH A O   1 
HETATM 1438 O  O   . HOH E 5 .   ? -14.432 -1.526  -11.119 1.00 58.51 ? 149 HOH A O   1 
HETATM 1439 O  O   . HOH E 5 .   ? 6.718   4.810   7.484   1.00 63.01 ? 150 HOH A O   1 
HETATM 1440 O  O   . HOH E 5 .   ? -5.978  2.320   -7.025  1.00 43.24 ? 151 HOH A O   1 
HETATM 1441 O  O   . HOH E 5 .   ? -14.023 4.436   3.216   1.00 47.62 ? 152 HOH A O   1 
HETATM 1442 O  O   . HOH E 5 .   ? 4.014   -7.598  0.478   1.00 41.48 ? 153 HOH A O   1 
HETATM 1443 O  O   . HOH E 5 .   ? -4.504  4.691   -8.565  1.00 45.55 ? 154 HOH A O   1 
HETATM 1444 O  O   . HOH E 5 .   ? -1.802  5.102   19.447  1.00 52.30 ? 155 HOH A O   1 
HETATM 1445 O  O   . HOH E 5 .   ? -10.080 8.075   -8.467  1.00 41.94 ? 156 HOH A O   1 
HETATM 1446 O  O   . HOH E 5 .   ? -21.669 -13.489 6.199   1.00 47.94 ? 157 HOH A O   1 
HETATM 1447 O  O   . HOH E 5 .   ? 5.042   -4.627  3.229   1.00 40.61 ? 158 HOH A O   1 
HETATM 1448 O  O   . HOH E 5 .   ? -16.282 5.035   0.446   1.00 57.64 ? 159 HOH A O   1 
HETATM 1449 O  O   . HOH E 5 .   ? -2.371  -5.898  -3.089  1.00 39.54 ? 160 HOH A O   1 
HETATM 1450 O  O   . HOH E 5 .   ? -2.422  -3.064  -4.475  1.00 40.64 ? 161 HOH A O   1 
HETATM 1451 O  O   . HOH E 5 .   ? -2.928  -12.548 16.114  1.00 46.07 ? 162 HOH A O   1 
HETATM 1452 O  O   . HOH E 5 .   ? 6.379   -6.534  -0.454  1.00 41.93 ? 163 HOH A O   1 
HETATM 1453 O  O   . HOH E 5 .   ? 2.237   4.974   8.823   1.00 48.47 ? 164 HOH A O   1 
HETATM 1454 O  O   . HOH E 5 .   ? -12.852 -5.781  -7.813  1.00 53.45 ? 165 HOH A O   1 
HETATM 1455 O  O   . HOH E 5 .   ? 9.136   -3.500  10.262  1.00 47.71 ? 166 HOH A O   1 
HETATM 1456 O  O   . HOH E 5 .   ? -19.633 -10.528 12.479  1.00 47.89 ? 167 HOH A O   1 
HETATM 1457 O  O   . HOH E 5 .   ? -11.055 5.120   16.527  1.00 48.29 ? 168 HOH A O   1 
HETATM 1458 O  O   . HOH E 5 .   ? 7.557   -6.039  3.280   1.00 45.02 ? 169 HOH A O   1 
HETATM 1459 O  O   . HOH E 5 .   ? -5.016  -6.747  -2.615  1.00 46.44 ? 170 HOH A O   1 
HETATM 1460 O  O   . HOH E 5 .   ? -5.865  -5.744  -7.002  1.00 49.42 ? 171 HOH A O   1 
HETATM 1461 O  O   . HOH E 5 .   ? -6.889  -7.574  -9.353  1.00 71.97 ? 172 HOH A O   1 
HETATM 1462 O  O   . HOH E 5 .   ? -16.880 4.314   -9.185  1.00 52.59 ? 173 HOH A O   1 
HETATM 1463 O  O   . HOH E 5 .   ? 7.007   7.944   14.838  1.00 52.09 ? 174 HOH A O   1 
HETATM 1464 O  O   . HOH E 5 .   ? 6.451   -10.210 12.811  1.00 47.71 ? 175 HOH A O   1 
HETATM 1465 O  O   . HOH E 5 .   ? 11.356  0.406   19.640  1.00 58.35 ? 176 HOH A O   1 
HETATM 1466 O  O   . HOH E 5 .   ? 0.161   4.119   2.317   1.00 33.23 ? 177 HOH A O   1 
HETATM 1467 O  O   . HOH E 5 .   ? -5.944  9.998   2.051   1.00 58.69 ? 178 HOH A O   1 
HETATM 1468 O  O   . HOH E 5 .   ? -5.501  -13.775 15.978  1.00 50.03 ? 179 HOH A O   1 
HETATM 1469 O  O   . HOH E 5 .   ? -24.213 -12.916 6.487   1.00 49.94 ? 180 HOH A O   1 
HETATM 1470 O  O   . HOH E 5 .   ? -3.069  -5.172  -5.923  1.00 47.94 ? 181 HOH A O   1 
HETATM 1471 O  O   . HOH E 5 .   ? -8.374  12.692  1.758   1.00 49.31 ? 182 HOH A O   1 
HETATM 1472 O  O   . HOH E 5 .   ? -8.228  -14.303 12.049  1.00 60.39 ? 183 HOH A O   1 
HETATM 1473 O  O   . HOH E 5 .   ? -4.480  -8.320  20.463  1.00 52.81 ? 184 HOH A O   1 
HETATM 1474 O  O   . HOH E 5 .   ? 9.691   5.014   4.717   1.00 74.16 ? 185 HOH A O   1 
HETATM 1475 O  O   . HOH E 5 .   ? -16.234 10.280  -11.829 1.00 56.14 ? 186 HOH A O   1 
HETATM 1476 O  O   . HOH E 5 .   ? -22.982 -10.987 11.646  1.00 76.55 ? 187 HOH A O   1 
HETATM 1477 O  O   . HOH E 5 .   ? -1.493  -11.674 18.033  1.00 52.83 ? 188 HOH A O   1 
HETATM 1478 O  O   . HOH E 5 .   ? -1.218  -8.430  -2.295  1.00 56.82 ? 189 HOH A O   1 
HETATM 1479 O  O   . HOH E 5 .   ? -19.939 0.208   19.889  1.00 48.89 ? 190 HOH A O   1 
HETATM 1480 O  O   . HOH E 5 .   ? -15.007 8.358   -1.233  1.00 49.68 ? 191 HOH A O   1 
HETATM 1481 O  O   . HOH E 5 .   ? -8.988  -4.778  -10.373 1.00 55.66 ? 192 HOH A O   1 
HETATM 1482 O  O   . HOH E 5 .   ? -9.047  10.292  -7.076  1.00 48.33 ? 193 HOH A O   1 
HETATM 1483 O  O   . HOH E 5 .   ? -9.988  -13.529 19.517  1.00 49.77 ? 194 HOH A O   1 
HETATM 1484 O  O   . HOH E 5 .   ? -2.239  -11.414 4.047   1.00 55.73 ? 195 HOH A O   1 
HETATM 1485 O  O   . HOH F 5 .   ? 1.928   5.450   -19.226 1.00 37.10 ? 202 HOH B O   1 
HETATM 1486 O  O   . HOH F 5 .   ? 14.086  -4.894  -1.070  1.00 35.11 ? 203 HOH B O   1 
HETATM 1487 O  O   . HOH F 5 .   ? -0.870  -1.840  -8.331  1.00 41.21 ? 204 HOH B O   1 
HETATM 1488 O  O   . HOH F 5 .   ? 9.262   -5.959  -9.125  1.00 35.85 ? 205 HOH B O   1 
HETATM 1489 O  O   . HOH F 5 .   ? 12.396  5.879   1.542   1.00 41.96 ? 206 HOH B O   1 
HETATM 1490 O  O   . HOH F 5 .   ? 15.438  13.405  -6.787  1.00 43.85 ? 207 HOH B O   1 
HETATM 1491 O  O   . HOH F 5 .   ? 1.018   6.531   1.130   1.00 35.60 ? 208 HOH B O   1 
HETATM 1492 O  O   . HOH F 5 .   ? 15.003  -4.627  6.794   1.00 39.47 ? 209 HOH B O   1 
HETATM 1493 O  O   . HOH F 5 .   ? 26.939  4.704   -11.248 1.00 58.76 ? 210 HOH B O   1 
HETATM 1494 O  O   . HOH F 5 .   ? 5.165   14.052  -18.188 1.00 36.53 ? 211 HOH B O   1 
HETATM 1495 O  O   . HOH F 5 .   ? -14.158 10.575  -15.921 1.00 48.07 ? 212 HOH B O   1 
HETATM 1496 O  O   . HOH F 5 .   ? -6.280  2.349   -19.023 1.00 68.37 ? 213 HOH B O   1 
HETATM 1497 O  O   . HOH F 5 .   ? 8.616   15.852  -17.290 1.00 38.77 ? 214 HOH B O   1 
HETATM 1498 O  O   . HOH F 5 .   ? 7.596   14.680  -21.814 1.00 44.62 ? 215 HOH B O   1 
HETATM 1499 O  O   . HOH F 5 .   ? 5.461   -3.507  -6.912  1.00 36.40 ? 216 HOH B O   1 
HETATM 1500 O  O   . HOH F 5 .   ? 10.820  -10.097 -8.068  1.00 54.28 ? 217 HOH B O   1 
HETATM 1501 O  O   . HOH F 5 .   ? 20.801  1.494   -5.118  1.00 40.97 ? 218 HOH B O   1 
HETATM 1502 O  O   . HOH F 5 .   ? 10.004  1.265   -20.829 1.00 47.25 ? 219 HOH B O   1 
HETATM 1503 O  O   . HOH F 5 .   ? -6.913  8.897   -3.136  1.00 36.63 ? 220 HOH B O   1 
HETATM 1504 O  O   . HOH F 5 .   ? 9.727   -5.780  -13.815 1.00 45.17 ? 221 HOH B O   1 
HETATM 1505 O  O   . HOH F 5 .   ? 14.653  14.985  -14.845 1.00 41.05 ? 222 HOH B O   1 
HETATM 1506 O  O   . HOH F 5 .   ? 5.510   8.672   -23.265 1.00 47.53 ? 223 HOH B O   1 
HETATM 1507 O  O   . HOH F 5 .   ? 16.262  8.607   -21.701 1.00 47.92 ? 224 HOH B O   1 
HETATM 1508 O  O   . HOH F 5 .   ? -12.381 11.703  -17.589 1.00 41.39 ? 225 HOH B O   1 
HETATM 1509 O  O   . HOH F 5 .   ? -4.599  12.220  -16.943 1.00 46.59 ? 226 HOH B O   1 
HETATM 1510 O  O   . HOH F 5 .   ? -2.337  6.775   -17.019 1.00 49.36 ? 227 HOH B O   1 
HETATM 1511 O  O   . HOH F 5 .   ? -5.321  14.053  -14.877 1.00 50.86 ? 228 HOH B O   1 
HETATM 1512 O  O   . HOH F 5 .   ? 20.220  -8.090  1.274   1.00 52.36 ? 229 HOH B O   1 
HETATM 1513 O  O   . HOH F 5 .   ? 11.158  7.845   -24.530 1.00 49.56 ? 230 HOH B O   1 
HETATM 1514 O  O   . HOH F 5 .   ? 6.825   -5.204  -8.553  1.00 38.65 ? 231 HOH B O   1 
HETATM 1515 O  O   . HOH F 5 .   ? 21.519  0.828   -12.134 1.00 45.02 ? 232 HOH B O   1 
HETATM 1516 O  O   . HOH F 5 .   ? 12.152  -5.229  -14.841 1.00 46.36 ? 233 HOH B O   1 
HETATM 1517 O  O   . HOH F 5 .   ? 5.563   0.232   -20.723 1.00 44.88 ? 234 HOH B O   1 
HETATM 1518 O  O   . HOH F 5 .   ? -0.582  0.279   -9.750  1.00 58.21 ? 235 HOH B O   1 
HETATM 1519 O  O   . HOH F 5 .   ? 1.900   -2.238  -11.962 1.00 50.78 ? 236 HOH B O   1 
HETATM 1520 O  O   . HOH F 5 .   ? 9.653   13.300  -2.792  1.00 63.37 ? 237 HOH B O   1 
HETATM 1521 O  O   . HOH F 5 .   ? 18.342  -0.582  -16.521 1.00 49.73 ? 238 HOH B O   1 
HETATM 1522 O  O   . HOH F 5 .   ? 19.153  4.113   3.046   1.00 48.53 ? 239 HOH B O   1 
HETATM 1523 O  O   . HOH F 5 .   ? 11.348  12.822  -17.459 1.00 48.70 ? 240 HOH B O   1 
HETATM 1524 O  O   . HOH F 5 .   ? 11.245  10.461  -17.128 1.00 46.25 ? 241 HOH B O   1 
HETATM 1525 O  O   . HOH F 5 .   ? 21.552  -5.568  -12.072 1.00 62.97 ? 242 HOH B O   1 
HETATM 1526 O  O   . HOH F 5 .   ? 20.431  -0.093  0.705   1.00 40.98 ? 243 HOH B O   1 
HETATM 1527 O  O   . HOH F 5 .   ? 3.573   10.627  -3.000  1.00 39.67 ? 244 HOH B O   1 
HETATM 1528 O  O   . HOH F 5 .   ? 9.869   -7.555  -6.875  1.00 43.22 ? 245 HOH B O   1 
HETATM 1529 O  O   . HOH F 5 .   ? 12.048  9.597   -1.253  1.00 42.75 ? 246 HOH B O   1 
HETATM 1530 O  O   . HOH F 5 .   ? 14.832  6.998   2.550   1.00 44.20 ? 247 HOH B O   1 
HETATM 1531 O  O   . HOH F 5 .   ? 2.843   6.655   -0.830  1.00 47.42 ? 248 HOH B O   1 
HETATM 1532 O  O   . HOH F 5 .   ? 8.862   -7.214  -11.563 1.00 45.42 ? 249 HOH B O   1 
HETATM 1533 O  O   . HOH F 5 .   ? 21.796  0.604   -1.694  1.00 43.93 ? 250 HOH B O   1 
HETATM 1534 O  O   . HOH F 5 .   ? 14.444  -2.603  8.342   1.00 46.57 ? 251 HOH B O   1 
HETATM 1535 O  O   . HOH F 5 .   ? 16.198  16.818  -17.039 1.00 60.88 ? 252 HOH B O   1 
HETATM 1536 O  O   . HOH F 5 .   ? 16.181  11.801  -0.559  1.00 47.50 ? 253 HOH B O   1 
HETATM 1537 O  O   . HOH F 5 .   ? 11.884  -2.351  8.227   1.00 50.60 ? 254 HOH B O   1 
HETATM 1538 O  O   . HOH F 5 .   ? 17.342  -7.920  -16.509 1.00 62.45 ? 255 HOH B O   1 
HETATM 1539 O  O   . HOH F 5 .   ? -5.232  8.560   -18.096 1.00 62.74 ? 256 HOH B O   1 
HETATM 1540 O  O   . HOH F 5 .   ? 1.320   0.141   -11.290 1.00 50.70 ? 257 HOH B O   1 
HETATM 1541 O  O   . HOH F 5 .   ? 11.844  1.913   5.493   1.00 43.49 ? 258 HOH B O   1 
HETATM 1542 O  O   . HOH F 5 .   ? -16.895 1.365   -13.679 1.00 58.93 ? 259 HOH B O   1 
HETATM 1543 O  O   . HOH F 5 .   ? 22.489  6.183   -0.894  1.00 59.26 ? 260 HOH B O   1 
HETATM 1544 O  O   . HOH F 5 .   ? 22.019  -5.635  -4.955  1.00 58.50 ? 261 HOH B O   1 
HETATM 1545 O  O   . HOH F 5 .   ? 15.550  -11.397 -10.461 1.00 61.88 ? 262 HOH B O   1 
HETATM 1546 O  O   . HOH F 5 .   ? 19.887  1.662   3.067   1.00 65.09 ? 263 HOH B O   1 
HETATM 1547 O  O   . HOH F 5 .   ? 17.627  -4.417  -10.074 1.00 42.08 ? 264 HOH B O   1 
HETATM 1548 O  O   . HOH F 5 .   ? 9.968   10.718  -15.009 1.00 63.83 ? 265 HOH B O   1 
HETATM 1549 O  O   . HOH F 5 .   ? 21.408  -10.106 -2.396  1.00 46.84 ? 266 HOH B O   1 
HETATM 1550 O  O   . HOH F 5 .   ? 13.979  3.611   6.104   1.00 56.70 ? 267 HOH B O   1 
HETATM 1551 O  O   . HOH F 5 .   ? 8.636   15.656  -2.777  1.00 67.40 ? 268 HOH B O   1 
HETATM 1552 O  O   . HOH F 5 .   ? 10.764  14.756  -15.697 1.00 54.72 ? 269 HOH B O   1 
HETATM 1553 O  O   . HOH F 5 .   ? 8.454   -8.075  -0.217  1.00 50.12 ? 270 HOH B O   1 
HETATM 1554 O  O   . HOH F 5 .   ? 14.925  -7.002  -16.223 1.00 52.89 ? 271 HOH B O   1 
HETATM 1555 O  O   . HOH F 5 .   ? 16.338  -10.190 2.388   1.00 51.40 ? 272 HOH B O   1 
HETATM 1556 O  O   . HOH F 5 .   ? -11.673 10.271  -12.008 1.00 50.84 ? 273 HOH B O   1 
# 
